data_1UMH
# 
_entry.id   1UMH 
# 
_audit_conform.dict_name       mmcif_pdbx.dic 
_audit_conform.dict_version    5.383 
_audit_conform.dict_location   http://mmcif.pdb.org/dictionaries/ascii/mmcif_pdbx.dic 
# 
loop_
_database_2.database_id 
_database_2.database_code 
_database_2.pdbx_database_accession 
_database_2.pdbx_DOI 
PDB   1UMH         pdb_00001umh 10.2210/pdb1umh/pdb 
RCSB  RCSB005990   ?            ?                   
WWPDB D_1000005990 ?            ?                   
# 
loop_
_pdbx_audit_revision_history.ordinal 
_pdbx_audit_revision_history.data_content_type 
_pdbx_audit_revision_history.major_revision 
_pdbx_audit_revision_history.minor_revision 
_pdbx_audit_revision_history.revision_date 
1 'Structure model' 1 0 2004-04-06 
2 'Structure model' 1 1 2008-04-27 
3 'Structure model' 1 2 2011-07-13 
4 'Structure model' 1 3 2023-12-27 
# 
_pdbx_audit_revision_details.ordinal             1 
_pdbx_audit_revision_details.revision_ordinal    1 
_pdbx_audit_revision_details.data_content_type   'Structure model' 
_pdbx_audit_revision_details.provider            repository 
_pdbx_audit_revision_details.type                'Initial release' 
_pdbx_audit_revision_details.description         ? 
_pdbx_audit_revision_details.details             ? 
# 
loop_
_pdbx_audit_revision_group.ordinal 
_pdbx_audit_revision_group.revision_ordinal 
_pdbx_audit_revision_group.data_content_type 
_pdbx_audit_revision_group.group 
1 2 'Structure model' 'Version format compliance' 
2 3 'Structure model' 'Version format compliance' 
3 4 'Structure model' 'Data collection'           
4 4 'Structure model' 'Database references'       
5 4 'Structure model' 'Derived calculations'      
# 
loop_
_pdbx_audit_revision_category.ordinal 
_pdbx_audit_revision_category.revision_ordinal 
_pdbx_audit_revision_category.data_content_type 
_pdbx_audit_revision_category.category 
1 4 'Structure model' chem_comp_atom     
2 4 'Structure model' chem_comp_bond     
3 4 'Structure model' database_2         
4 4 'Structure model' struct_conn        
5 4 'Structure model' struct_ref_seq_dif 
6 4 'Structure model' struct_site        
# 
loop_
_pdbx_audit_revision_item.ordinal 
_pdbx_audit_revision_item.revision_ordinal 
_pdbx_audit_revision_item.data_content_type 
_pdbx_audit_revision_item.item 
1  4 'Structure model' '_database_2.pdbx_DOI'                
2  4 'Structure model' '_database_2.pdbx_database_accession' 
3  4 'Structure model' '_struct_conn.ptnr1_auth_comp_id'     
4  4 'Structure model' '_struct_conn.ptnr1_auth_seq_id'      
5  4 'Structure model' '_struct_conn.ptnr1_label_asym_id'    
6  4 'Structure model' '_struct_conn.ptnr1_label_atom_id'    
7  4 'Structure model' '_struct_conn.ptnr1_label_comp_id'    
8  4 'Structure model' '_struct_conn.ptnr1_label_seq_id'     
9  4 'Structure model' '_struct_conn.ptnr2_auth_comp_id'     
10 4 'Structure model' '_struct_conn.ptnr2_auth_seq_id'      
11 4 'Structure model' '_struct_conn.ptnr2_label_asym_id'    
12 4 'Structure model' '_struct_conn.ptnr2_label_atom_id'    
13 4 'Structure model' '_struct_conn.ptnr2_label_comp_id'    
14 4 'Structure model' '_struct_conn.ptnr2_label_seq_id'     
15 4 'Structure model' '_struct_ref_seq_dif.details'         
16 4 'Structure model' '_struct_site.pdbx_auth_asym_id'      
17 4 'Structure model' '_struct_site.pdbx_auth_comp_id'      
18 4 'Structure model' '_struct_site.pdbx_auth_seq_id'       
# 
_pdbx_database_status.status_code                     REL 
_pdbx_database_status.entry_id                        1UMH 
_pdbx_database_status.recvd_initial_deposition_date   2003-10-01 
_pdbx_database_status.deposit_site                    PDBJ 
_pdbx_database_status.process_site                    PDBJ 
_pdbx_database_status.SG_entry                        Y 
_pdbx_database_status.pdb_format_compatible           Y 
_pdbx_database_status.status_code_mr                  ? 
_pdbx_database_status.status_code_sf                  ? 
_pdbx_database_status.status_code_cs                  ? 
_pdbx_database_status.status_code_nmr_data            ? 
_pdbx_database_status.methods_development_category    ? 
# 
loop_
_pdbx_database_related.db_name 
_pdbx_database_related.db_id 
_pdbx_database_related.details 
_pdbx_database_related.content_type 
PDB      1UMI           '1UMI contains the same protein complexed with sugar' unspecified 
TargetDB trt001000323.1 .                                                     unspecified 
# 
loop_
_audit_author.name 
_audit_author.pdbx_ordinal 
'Mizushima, T.'                                          1  
'Hirao, T.'                                              2  
'Yoshida, Y.'                                            3  
'Lee, S.J.'                                              4  
'Chiba, T.'                                              5  
'Iwai, K.'                                               6  
'Yamaguchi, Y.'                                          7  
'Kato, K.'                                               8  
'Tsukihara, T.'                                          9  
'Tanaka, K.'                                             10 
'RIKEN Structural Genomics/Proteomics Initiative (RSGI)' 11 
# 
_citation.id                        primary 
_citation.title                     'Structural basis of sugar-recognizing ubiquitin ligase' 
_citation.journal_abbrev            NAT.STRUCT.MOL.BIOL. 
_citation.journal_volume            11 
_citation.page_first                365 
_citation.page_last                 370 
_citation.year                      2004 
_citation.journal_id_ASTM           ? 
_citation.country                   US 
_citation.journal_id_ISSN           1545-9993 
_citation.journal_id_CSD            ? 
_citation.book_publisher            ? 
_citation.pdbx_database_id_PubMed   14990996 
_citation.pdbx_database_id_DOI      10.1038/nsmb732 
# 
loop_
_citation_author.citation_id 
_citation_author.name 
_citation_author.ordinal 
_citation_author.identifier_ORCID 
primary 'Mizushima, T.' 1  ? 
primary 'Hirao, T.'     2  ? 
primary 'Yoshida, Y.'   3  ? 
primary 'Lee, S.J.'     4  ? 
primary 'Chiba, T.'     5  ? 
primary 'Iwai, K.'      6  ? 
primary 'Yamaguchi, Y.' 7  ? 
primary 'Kato, K.'      8  ? 
primary 'Tsukihara, T.' 9  ? 
primary 'Tanaka, K.'    10 ? 
# 
loop_
_entity.id 
_entity.type 
_entity.src_method 
_entity.pdbx_description 
_entity.formula_weight 
_entity.pdbx_number_of_molecules 
_entity.pdbx_ec 
_entity.pdbx_mutation 
_entity.pdbx_fragment 
_entity.details 
1 polymer     man 'F-box only protein 2' 21021.010 1   6.3.2.19 ? 'SBD DOMAIN' ? 
2 non-polymer syn 'NICKEL (II) ION'      58.693    1   ?        ? ?            ? 
3 water       nat water                  18.015    112 ?        ? ?            ? 
# 
_entity_name_com.entity_id   1 
_entity_name_com.name        Fbs1 
# 
_entity_poly.entity_id                      1 
_entity_poly.type                           'polypeptide(L)' 
_entity_poly.nstd_linkage                   no 
_entity_poly.nstd_monomer                   no 
_entity_poly.pdbx_seq_one_letter_code       
;GSHFYFLSKRRRNLLRNPCGEEDLEGWSDVEHGGDGWKVEELPGDNGVEFTQDDSVKKYFASSFEWCRKAQVIDLQAEGY
WEELLDTTQPAIVVKDWYSGRTDAGSLYELTVRLLSENEDVLAEFATGQVAVPEDGSWMEISHTFIDYGPGVRFVRFEHG
GQDSVYWKGWFGARVTNSSVWVEP
;
_entity_poly.pdbx_seq_one_letter_code_can   
;GSHFYFLSKRRRNLLRNPCGEEDLEGWSDVEHGGDGWKVEELPGDNGVEFTQDDSVKKYFASSFEWCRKAQVIDLQAEGY
WEELLDTTQPAIVVKDWYSGRTDAGSLYELTVRLLSENEDVLAEFATGQVAVPEDGSWMEISHTFIDYGPGVRFVRFEHG
GQDSVYWKGWFGARVTNSSVWVEP
;
_entity_poly.pdbx_strand_id                 A 
_entity_poly.pdbx_target_identifier         trt001000323.1 
# 
loop_
_pdbx_entity_nonpoly.entity_id 
_pdbx_entity_nonpoly.name 
_pdbx_entity_nonpoly.comp_id 
2 'NICKEL (II) ION' NI  
3 water             HOH 
# 
loop_
_entity_poly_seq.entity_id 
_entity_poly_seq.num 
_entity_poly_seq.mon_id 
_entity_poly_seq.hetero 
1 1   GLY n 
1 2   SER n 
1 3   HIS n 
1 4   PHE n 
1 5   TYR n 
1 6   PHE n 
1 7   LEU n 
1 8   SER n 
1 9   LYS n 
1 10  ARG n 
1 11  ARG n 
1 12  ARG n 
1 13  ASN n 
1 14  LEU n 
1 15  LEU n 
1 16  ARG n 
1 17  ASN n 
1 18  PRO n 
1 19  CYS n 
1 20  GLY n 
1 21  GLU n 
1 22  GLU n 
1 23  ASP n 
1 24  LEU n 
1 25  GLU n 
1 26  GLY n 
1 27  TRP n 
1 28  SER n 
1 29  ASP n 
1 30  VAL n 
1 31  GLU n 
1 32  HIS n 
1 33  GLY n 
1 34  GLY n 
1 35  ASP n 
1 36  GLY n 
1 37  TRP n 
1 38  LYS n 
1 39  VAL n 
1 40  GLU n 
1 41  GLU n 
1 42  LEU n 
1 43  PRO n 
1 44  GLY n 
1 45  ASP n 
1 46  ASN n 
1 47  GLY n 
1 48  VAL n 
1 49  GLU n 
1 50  PHE n 
1 51  THR n 
1 52  GLN n 
1 53  ASP n 
1 54  ASP n 
1 55  SER n 
1 56  VAL n 
1 57  LYS n 
1 58  LYS n 
1 59  TYR n 
1 60  PHE n 
1 61  ALA n 
1 62  SER n 
1 63  SER n 
1 64  PHE n 
1 65  GLU n 
1 66  TRP n 
1 67  CYS n 
1 68  ARG n 
1 69  LYS n 
1 70  ALA n 
1 71  GLN n 
1 72  VAL n 
1 73  ILE n 
1 74  ASP n 
1 75  LEU n 
1 76  GLN n 
1 77  ALA n 
1 78  GLU n 
1 79  GLY n 
1 80  TYR n 
1 81  TRP n 
1 82  GLU n 
1 83  GLU n 
1 84  LEU n 
1 85  LEU n 
1 86  ASP n 
1 87  THR n 
1 88  THR n 
1 89  GLN n 
1 90  PRO n 
1 91  ALA n 
1 92  ILE n 
1 93  VAL n 
1 94  VAL n 
1 95  LYS n 
1 96  ASP n 
1 97  TRP n 
1 98  TYR n 
1 99  SER n 
1 100 GLY n 
1 101 ARG n 
1 102 THR n 
1 103 ASP n 
1 104 ALA n 
1 105 GLY n 
1 106 SER n 
1 107 LEU n 
1 108 TYR n 
1 109 GLU n 
1 110 LEU n 
1 111 THR n 
1 112 VAL n 
1 113 ARG n 
1 114 LEU n 
1 115 LEU n 
1 116 SER n 
1 117 GLU n 
1 118 ASN n 
1 119 GLU n 
1 120 ASP n 
1 121 VAL n 
1 122 LEU n 
1 123 ALA n 
1 124 GLU n 
1 125 PHE n 
1 126 ALA n 
1 127 THR n 
1 128 GLY n 
1 129 GLN n 
1 130 VAL n 
1 131 ALA n 
1 132 VAL n 
1 133 PRO n 
1 134 GLU n 
1 135 ASP n 
1 136 GLY n 
1 137 SER n 
1 138 TRP n 
1 139 MET n 
1 140 GLU n 
1 141 ILE n 
1 142 SER n 
1 143 HIS n 
1 144 THR n 
1 145 PHE n 
1 146 ILE n 
1 147 ASP n 
1 148 TYR n 
1 149 GLY n 
1 150 PRO n 
1 151 GLY n 
1 152 VAL n 
1 153 ARG n 
1 154 PHE n 
1 155 VAL n 
1 156 ARG n 
1 157 PHE n 
1 158 GLU n 
1 159 HIS n 
1 160 GLY n 
1 161 GLY n 
1 162 GLN n 
1 163 ASP n 
1 164 SER n 
1 165 VAL n 
1 166 TYR n 
1 167 TRP n 
1 168 LYS n 
1 169 GLY n 
1 170 TRP n 
1 171 PHE n 
1 172 GLY n 
1 173 ALA n 
1 174 ARG n 
1 175 VAL n 
1 176 THR n 
1 177 ASN n 
1 178 SER n 
1 179 SER n 
1 180 VAL n 
1 181 TRP n 
1 182 VAL n 
1 183 GLU n 
1 184 PRO n 
# 
_entity_src_gen.entity_id                          1 
_entity_src_gen.pdbx_src_id                        1 
_entity_src_gen.pdbx_alt_source_flag               sample 
_entity_src_gen.pdbx_seq_type                      ? 
_entity_src_gen.pdbx_beg_seq_num                   ? 
_entity_src_gen.pdbx_end_seq_num                   ? 
_entity_src_gen.gene_src_common_name               'house mouse' 
_entity_src_gen.gene_src_genus                     Mus 
_entity_src_gen.pdbx_gene_src_gene                 mouse 
_entity_src_gen.gene_src_species                   ? 
_entity_src_gen.gene_src_strain                    ? 
_entity_src_gen.gene_src_tissue                    ? 
_entity_src_gen.gene_src_tissue_fraction           ? 
_entity_src_gen.gene_src_details                   ? 
_entity_src_gen.pdbx_gene_src_fragment             ? 
_entity_src_gen.pdbx_gene_src_scientific_name      'Mus musculus' 
_entity_src_gen.pdbx_gene_src_ncbi_taxonomy_id     10090 
_entity_src_gen.pdbx_gene_src_variant              ? 
_entity_src_gen.pdbx_gene_src_cell_line            ? 
_entity_src_gen.pdbx_gene_src_atcc                 ? 
_entity_src_gen.pdbx_gene_src_organ                ? 
_entity_src_gen.pdbx_gene_src_organelle            ? 
_entity_src_gen.pdbx_gene_src_cell                 ? 
_entity_src_gen.pdbx_gene_src_cellular_location    ? 
_entity_src_gen.host_org_common_name               ? 
_entity_src_gen.pdbx_host_org_scientific_name      'Escherichia coli BL21(DE3)' 
_entity_src_gen.pdbx_host_org_ncbi_taxonomy_id     469008 
_entity_src_gen.host_org_genus                     Escherichia 
_entity_src_gen.pdbx_host_org_gene                 ? 
_entity_src_gen.pdbx_host_org_organ                ? 
_entity_src_gen.host_org_species                   'Escherichia coli' 
_entity_src_gen.pdbx_host_org_tissue               ? 
_entity_src_gen.pdbx_host_org_tissue_fraction      ? 
_entity_src_gen.pdbx_host_org_strain               'BL21(DE3)' 
_entity_src_gen.pdbx_host_org_variant              ? 
_entity_src_gen.pdbx_host_org_cell_line            ? 
_entity_src_gen.pdbx_host_org_atcc                 ? 
_entity_src_gen.pdbx_host_org_culture_collection   ? 
_entity_src_gen.pdbx_host_org_cell                 ? 
_entity_src_gen.pdbx_host_org_organelle            ? 
_entity_src_gen.pdbx_host_org_cellular_location    ? 
_entity_src_gen.pdbx_host_org_vector_type          PLASMID 
_entity_src_gen.pdbx_host_org_vector               ? 
_entity_src_gen.host_org_details                   ? 
_entity_src_gen.expression_system_id               ? 
_entity_src_gen.plasmid_name                       pET15b 
_entity_src_gen.plasmid_details                    ? 
_entity_src_gen.pdbx_description                   ? 
# 
loop_
_chem_comp.id 
_chem_comp.type 
_chem_comp.mon_nstd_flag 
_chem_comp.name 
_chem_comp.pdbx_synonyms 
_chem_comp.formula 
_chem_comp.formula_weight 
ALA 'L-peptide linking' y ALANINE           ? 'C3 H7 N O2'     89.093  
ARG 'L-peptide linking' y ARGININE          ? 'C6 H15 N4 O2 1' 175.209 
ASN 'L-peptide linking' y ASPARAGINE        ? 'C4 H8 N2 O3'    132.118 
ASP 'L-peptide linking' y 'ASPARTIC ACID'   ? 'C4 H7 N O4'     133.103 
CYS 'L-peptide linking' y CYSTEINE          ? 'C3 H7 N O2 S'   121.158 
GLN 'L-peptide linking' y GLUTAMINE         ? 'C5 H10 N2 O3'   146.144 
GLU 'L-peptide linking' y 'GLUTAMIC ACID'   ? 'C5 H9 N O4'     147.129 
GLY 'peptide linking'   y GLYCINE           ? 'C2 H5 N O2'     75.067  
HIS 'L-peptide linking' y HISTIDINE         ? 'C6 H10 N3 O2 1' 156.162 
HOH non-polymer         . WATER             ? 'H2 O'           18.015  
ILE 'L-peptide linking' y ISOLEUCINE        ? 'C6 H13 N O2'    131.173 
LEU 'L-peptide linking' y LEUCINE           ? 'C6 H13 N O2'    131.173 
LYS 'L-peptide linking' y LYSINE            ? 'C6 H15 N2 O2 1' 147.195 
MET 'L-peptide linking' y METHIONINE        ? 'C5 H11 N O2 S'  149.211 
NI  non-polymer         . 'NICKEL (II) ION' ? 'Ni 2'           58.693  
PHE 'L-peptide linking' y PHENYLALANINE     ? 'C9 H11 N O2'    165.189 
PRO 'L-peptide linking' y PROLINE           ? 'C5 H9 N O2'     115.130 
SER 'L-peptide linking' y SERINE            ? 'C3 H7 N O3'     105.093 
THR 'L-peptide linking' y THREONINE         ? 'C4 H9 N O3'     119.119 
TRP 'L-peptide linking' y TRYPTOPHAN        ? 'C11 H12 N2 O2'  204.225 
TYR 'L-peptide linking' y TYROSINE          ? 'C9 H11 N O3'    181.189 
VAL 'L-peptide linking' y VALINE            ? 'C5 H11 N O2'    117.146 
# 
loop_
_pdbx_poly_seq_scheme.asym_id 
_pdbx_poly_seq_scheme.entity_id 
_pdbx_poly_seq_scheme.seq_id 
_pdbx_poly_seq_scheme.mon_id 
_pdbx_poly_seq_scheme.ndb_seq_num 
_pdbx_poly_seq_scheme.pdb_seq_num 
_pdbx_poly_seq_scheme.auth_seq_num 
_pdbx_poly_seq_scheme.pdb_mon_id 
_pdbx_poly_seq_scheme.auth_mon_id 
_pdbx_poly_seq_scheme.pdb_strand_id 
_pdbx_poly_seq_scheme.pdb_ins_code 
_pdbx_poly_seq_scheme.hetero 
A 1 1   GLY 1   114 114 GLY GLY A . n 
A 1 2   SER 2   115 115 SER SER A . n 
A 1 3   HIS 3   116 116 HIS HIS A . n 
A 1 4   PHE 4   117 117 PHE PHE A . n 
A 1 5   TYR 5   118 118 TYR TYR A . n 
A 1 6   PHE 6   119 119 PHE PHE A . n 
A 1 7   LEU 7   120 120 LEU LEU A . n 
A 1 8   SER 8   121 121 SER SER A . n 
A 1 9   LYS 9   122 122 LYS LYS A . n 
A 1 10  ARG 10  123 123 ARG ARG A . n 
A 1 11  ARG 11  124 124 ARG ARG A . n 
A 1 12  ARG 12  125 125 ARG ARG A . n 
A 1 13  ASN 13  126 126 ASN ASN A . n 
A 1 14  LEU 14  127 127 LEU LEU A . n 
A 1 15  LEU 15  128 128 LEU LEU A . n 
A 1 16  ARG 16  129 129 ARG ARG A . n 
A 1 17  ASN 17  130 130 ASN ASN A . n 
A 1 18  PRO 18  131 131 PRO PRO A . n 
A 1 19  CYS 19  132 132 CYS CYS A . n 
A 1 20  GLY 20  133 133 GLY GLY A . n 
A 1 21  GLU 21  134 134 GLU GLU A . n 
A 1 22  GLU 22  135 135 GLU GLU A . n 
A 1 23  ASP 23  136 136 ASP ASP A . n 
A 1 24  LEU 24  137 137 LEU LEU A . n 
A 1 25  GLU 25  138 138 GLU GLU A . n 
A 1 26  GLY 26  139 139 GLY GLY A . n 
A 1 27  TRP 27  140 140 TRP TRP A . n 
A 1 28  SER 28  141 141 SER SER A . n 
A 1 29  ASP 29  142 142 ASP ASP A . n 
A 1 30  VAL 30  143 143 VAL VAL A . n 
A 1 31  GLU 31  144 144 GLU GLU A . n 
A 1 32  HIS 32  145 145 HIS HIS A . n 
A 1 33  GLY 33  146 146 GLY GLY A . n 
A 1 34  GLY 34  147 147 GLY GLY A . n 
A 1 35  ASP 35  148 148 ASP ASP A . n 
A 1 36  GLY 36  149 149 GLY GLY A . n 
A 1 37  TRP 37  150 150 TRP TRP A . n 
A 1 38  LYS 38  151 151 LYS LYS A . n 
A 1 39  VAL 39  152 152 VAL VAL A . n 
A 1 40  GLU 40  153 153 GLU GLU A . n 
A 1 41  GLU 41  154 154 GLU GLU A . n 
A 1 42  LEU 42  155 155 LEU LEU A . n 
A 1 43  PRO 43  156 156 PRO PRO A . n 
A 1 44  GLY 44  157 157 GLY GLY A . n 
A 1 45  ASP 45  158 158 ASP ASP A . n 
A 1 46  ASN 46  159 159 ASN ASN A . n 
A 1 47  GLY 47  160 160 GLY GLY A . n 
A 1 48  VAL 48  161 161 VAL VAL A . n 
A 1 49  GLU 49  162 162 GLU GLU A . n 
A 1 50  PHE 50  163 163 PHE PHE A . n 
A 1 51  THR 51  164 164 THR THR A . n 
A 1 52  GLN 52  165 165 GLN GLN A . n 
A 1 53  ASP 53  166 166 ASP ASP A . n 
A 1 54  ASP 54  167 167 ASP ASP A . n 
A 1 55  SER 55  168 168 SER SER A . n 
A 1 56  VAL 56  169 169 VAL VAL A . n 
A 1 57  LYS 57  170 170 LYS LYS A . n 
A 1 58  LYS 58  171 171 LYS LYS A . n 
A 1 59  TYR 59  172 172 TYR TYR A . n 
A 1 60  PHE 60  173 173 PHE PHE A . n 
A 1 61  ALA 61  174 174 ALA ALA A . n 
A 1 62  SER 62  175 175 SER SER A . n 
A 1 63  SER 63  176 176 SER SER A . n 
A 1 64  PHE 64  177 177 PHE PHE A . n 
A 1 65  GLU 65  178 178 GLU GLU A . n 
A 1 66  TRP 66  179 179 TRP TRP A . n 
A 1 67  CYS 67  180 180 CYS CYS A . n 
A 1 68  ARG 68  181 181 ARG ARG A . n 
A 1 69  LYS 69  182 182 LYS LYS A . n 
A 1 70  ALA 70  183 183 ALA ALA A . n 
A 1 71  GLN 71  184 184 GLN GLN A . n 
A 1 72  VAL 72  185 185 VAL VAL A . n 
A 1 73  ILE 73  186 186 ILE ILE A . n 
A 1 74  ASP 74  187 187 ASP ASP A . n 
A 1 75  LEU 75  188 188 LEU LEU A . n 
A 1 76  GLN 76  189 189 GLN GLN A . n 
A 1 77  ALA 77  190 190 ALA ALA A . n 
A 1 78  GLU 78  191 191 GLU GLU A . n 
A 1 79  GLY 79  192 192 GLY GLY A . n 
A 1 80  TYR 80  193 193 TYR TYR A . n 
A 1 81  TRP 81  194 194 TRP TRP A . n 
A 1 82  GLU 82  195 195 GLU GLU A . n 
A 1 83  GLU 83  196 196 GLU GLU A . n 
A 1 84  LEU 84  197 197 LEU LEU A . n 
A 1 85  LEU 85  198 198 LEU LEU A . n 
A 1 86  ASP 86  199 199 ASP ASP A . n 
A 1 87  THR 87  200 200 THR THR A . n 
A 1 88  THR 88  201 201 THR THR A . n 
A 1 89  GLN 89  202 202 GLN GLN A . n 
A 1 90  PRO 90  203 203 PRO PRO A . n 
A 1 91  ALA 91  204 204 ALA ALA A . n 
A 1 92  ILE 92  205 205 ILE ILE A . n 
A 1 93  VAL 93  206 206 VAL VAL A . n 
A 1 94  VAL 94  207 207 VAL VAL A . n 
A 1 95  LYS 95  208 208 LYS LYS A . n 
A 1 96  ASP 96  209 209 ASP ASP A . n 
A 1 97  TRP 97  210 210 TRP TRP A . n 
A 1 98  TYR 98  211 211 TYR TYR A . n 
A 1 99  SER 99  212 212 SER SER A . n 
A 1 100 GLY 100 213 213 GLY GLY A . n 
A 1 101 ARG 101 214 214 ARG ARG A . n 
A 1 102 THR 102 215 215 THR THR A . n 
A 1 103 ASP 103 216 216 ASP ASP A . n 
A 1 104 ALA 104 217 217 ALA ALA A . n 
A 1 105 GLY 105 218 218 GLY GLY A . n 
A 1 106 SER 106 219 219 SER SER A . n 
A 1 107 LEU 107 220 220 LEU LEU A . n 
A 1 108 TYR 108 221 221 TYR TYR A . n 
A 1 109 GLU 109 222 222 GLU GLU A . n 
A 1 110 LEU 110 223 223 LEU LEU A . n 
A 1 111 THR 111 224 224 THR THR A . n 
A 1 112 VAL 112 225 225 VAL VAL A . n 
A 1 113 ARG 113 226 226 ARG ARG A . n 
A 1 114 LEU 114 227 227 LEU LEU A . n 
A 1 115 LEU 115 228 228 LEU LEU A . n 
A 1 116 SER 116 229 229 SER SER A . n 
A 1 117 GLU 117 230 230 GLU GLU A . n 
A 1 118 ASN 118 231 231 ASN ASN A . n 
A 1 119 GLU 119 232 232 GLU GLU A . n 
A 1 120 ASP 120 233 233 ASP ASP A . n 
A 1 121 VAL 121 234 234 VAL VAL A . n 
A 1 122 LEU 122 235 235 LEU LEU A . n 
A 1 123 ALA 123 236 236 ALA ALA A . n 
A 1 124 GLU 124 237 237 GLU GLU A . n 
A 1 125 PHE 125 238 238 PHE PHE A . n 
A 1 126 ALA 126 239 239 ALA ALA A . n 
A 1 127 THR 127 240 240 THR THR A . n 
A 1 128 GLY 128 241 241 GLY GLY A . n 
A 1 129 GLN 129 242 242 GLN GLN A . n 
A 1 130 VAL 130 243 243 VAL VAL A . n 
A 1 131 ALA 131 244 244 ALA ALA A . n 
A 1 132 VAL 132 245 245 VAL VAL A . n 
A 1 133 PRO 133 246 246 PRO PRO A . n 
A 1 134 GLU 134 247 247 GLU GLU A . n 
A 1 135 ASP 135 248 248 ASP ASP A . n 
A 1 136 GLY 136 249 249 GLY GLY A . n 
A 1 137 SER 137 250 250 SER SER A . n 
A 1 138 TRP 138 251 251 TRP TRP A . n 
A 1 139 MET 139 252 252 MET MET A . n 
A 1 140 GLU 140 253 253 GLU GLU A . n 
A 1 141 ILE 141 254 254 ILE ILE A . n 
A 1 142 SER 142 255 255 SER SER A . n 
A 1 143 HIS 143 256 256 HIS HIS A . n 
A 1 144 THR 144 257 257 THR THR A . n 
A 1 145 PHE 145 258 258 PHE PHE A . n 
A 1 146 ILE 146 259 259 ILE ILE A . n 
A 1 147 ASP 147 260 260 ASP ASP A . n 
A 1 148 TYR 148 261 261 TYR TYR A . n 
A 1 149 GLY 149 262 262 GLY GLY A . n 
A 1 150 PRO 150 263 263 PRO PRO A . n 
A 1 151 GLY 151 264 264 GLY GLY A . n 
A 1 152 VAL 152 265 265 VAL VAL A . n 
A 1 153 ARG 153 266 266 ARG ARG A . n 
A 1 154 PHE 154 267 267 PHE PHE A . n 
A 1 155 VAL 155 268 268 VAL VAL A . n 
A 1 156 ARG 156 269 269 ARG ARG A . n 
A 1 157 PHE 157 270 270 PHE PHE A . n 
A 1 158 GLU 158 271 271 GLU GLU A . n 
A 1 159 HIS 159 272 272 HIS HIS A . n 
A 1 160 GLY 160 273 273 GLY GLY A . n 
A 1 161 GLY 161 274 274 GLY GLY A . n 
A 1 162 GLN 162 275 275 GLN GLN A . n 
A 1 163 ASP 163 276 276 ASP ASP A . n 
A 1 164 SER 164 277 277 SER SER A . n 
A 1 165 VAL 165 278 278 VAL VAL A . n 
A 1 166 TYR 166 279 279 TYR TYR A . n 
A 1 167 TRP 167 280 280 TRP TRP A . n 
A 1 168 LYS 168 281 281 LYS LYS A . n 
A 1 169 GLY 169 282 282 GLY GLY A . n 
A 1 170 TRP 170 283 283 TRP TRP A . n 
A 1 171 PHE 171 284 284 PHE PHE A . n 
A 1 172 GLY 172 285 285 GLY GLY A . n 
A 1 173 ALA 173 286 286 ALA ALA A . n 
A 1 174 ARG 174 287 287 ARG ARG A . n 
A 1 175 VAL 175 288 288 VAL VAL A . n 
A 1 176 THR 176 289 289 THR THR A . n 
A 1 177 ASN 177 290 290 ASN ASN A . n 
A 1 178 SER 178 291 291 SER SER A . n 
A 1 179 SER 179 292 292 SER SER A . n 
A 1 180 VAL 180 293 293 VAL VAL A . n 
A 1 181 TRP 181 294 294 TRP TRP A . n 
A 1 182 VAL 182 295 295 VAL VAL A . n 
A 1 183 GLU 183 296 296 GLU GLU A . n 
A 1 184 PRO 184 297 297 PRO PRO A . n 
# 
loop_
_pdbx_nonpoly_scheme.asym_id 
_pdbx_nonpoly_scheme.entity_id 
_pdbx_nonpoly_scheme.mon_id 
_pdbx_nonpoly_scheme.ndb_seq_num 
_pdbx_nonpoly_scheme.pdb_seq_num 
_pdbx_nonpoly_scheme.auth_seq_num 
_pdbx_nonpoly_scheme.pdb_mon_id 
_pdbx_nonpoly_scheme.auth_mon_id 
_pdbx_nonpoly_scheme.pdb_strand_id 
_pdbx_nonpoly_scheme.pdb_ins_code 
B 2 NI  1   501 1   NI  NI  A . 
C 3 HOH 1   1   1   HOH HOH A . 
C 3 HOH 2   2   2   HOH HOH A . 
C 3 HOH 3   3   3   HOH HOH A . 
C 3 HOH 4   4   4   HOH HOH A . 
C 3 HOH 5   5   5   HOH HOH A . 
C 3 HOH 6   6   6   HOH HOH A . 
C 3 HOH 7   7   7   HOH HOH A . 
C 3 HOH 8   8   8   HOH HOH A . 
C 3 HOH 9   9   9   HOH HOH A . 
C 3 HOH 10  10  10  HOH HOH A . 
C 3 HOH 11  11  11  HOH HOH A . 
C 3 HOH 12  12  12  HOH HOH A . 
C 3 HOH 13  13  13  HOH HOH A . 
C 3 HOH 14  14  14  HOH HOH A . 
C 3 HOH 15  15  15  HOH HOH A . 
C 3 HOH 16  16  16  HOH HOH A . 
C 3 HOH 17  17  17  HOH HOH A . 
C 3 HOH 18  18  18  HOH HOH A . 
C 3 HOH 19  19  19  HOH HOH A . 
C 3 HOH 20  20  20  HOH HOH A . 
C 3 HOH 21  21  21  HOH HOH A . 
C 3 HOH 22  22  22  HOH HOH A . 
C 3 HOH 23  23  23  HOH HOH A . 
C 3 HOH 24  24  24  HOH HOH A . 
C 3 HOH 25  25  25  HOH HOH A . 
C 3 HOH 26  26  26  HOH HOH A . 
C 3 HOH 27  27  27  HOH HOH A . 
C 3 HOH 28  28  28  HOH HOH A . 
C 3 HOH 29  29  29  HOH HOH A . 
C 3 HOH 30  30  30  HOH HOH A . 
C 3 HOH 31  31  31  HOH HOH A . 
C 3 HOH 32  32  32  HOH HOH A . 
C 3 HOH 33  33  33  HOH HOH A . 
C 3 HOH 34  34  34  HOH HOH A . 
C 3 HOH 35  35  35  HOH HOH A . 
C 3 HOH 36  36  36  HOH HOH A . 
C 3 HOH 37  37  37  HOH HOH A . 
C 3 HOH 38  38  38  HOH HOH A . 
C 3 HOH 39  39  39  HOH HOH A . 
C 3 HOH 40  40  40  HOH HOH A . 
C 3 HOH 41  41  41  HOH HOH A . 
C 3 HOH 42  42  42  HOH HOH A . 
C 3 HOH 43  43  43  HOH HOH A . 
C 3 HOH 44  44  44  HOH HOH A . 
C 3 HOH 45  45  45  HOH HOH A . 
C 3 HOH 46  46  46  HOH HOH A . 
C 3 HOH 47  47  47  HOH HOH A . 
C 3 HOH 48  48  48  HOH HOH A . 
C 3 HOH 49  49  49  HOH HOH A . 
C 3 HOH 50  50  50  HOH HOH A . 
C 3 HOH 51  51  51  HOH HOH A . 
C 3 HOH 52  52  52  HOH HOH A . 
C 3 HOH 53  53  53  HOH HOH A . 
C 3 HOH 54  54  54  HOH HOH A . 
C 3 HOH 55  55  55  HOH HOH A . 
C 3 HOH 56  56  56  HOH HOH A . 
C 3 HOH 57  57  57  HOH HOH A . 
C 3 HOH 58  58  58  HOH HOH A . 
C 3 HOH 59  59  59  HOH HOH A . 
C 3 HOH 60  60  60  HOH HOH A . 
C 3 HOH 61  61  61  HOH HOH A . 
C 3 HOH 62  62  62  HOH HOH A . 
C 3 HOH 63  63  63  HOH HOH A . 
C 3 HOH 64  64  64  HOH HOH A . 
C 3 HOH 65  65  65  HOH HOH A . 
C 3 HOH 66  66  66  HOH HOH A . 
C 3 HOH 67  67  67  HOH HOH A . 
C 3 HOH 68  68  68  HOH HOH A . 
C 3 HOH 69  69  69  HOH HOH A . 
C 3 HOH 70  70  70  HOH HOH A . 
C 3 HOH 71  71  71  HOH HOH A . 
C 3 HOH 72  72  72  HOH HOH A . 
C 3 HOH 73  73  73  HOH HOH A . 
C 3 HOH 74  74  74  HOH HOH A . 
C 3 HOH 75  75  75  HOH HOH A . 
C 3 HOH 76  76  76  HOH HOH A . 
C 3 HOH 77  77  77  HOH HOH A . 
C 3 HOH 78  78  78  HOH HOH A . 
C 3 HOH 79  79  79  HOH HOH A . 
C 3 HOH 80  80  80  HOH HOH A . 
C 3 HOH 81  81  81  HOH HOH A . 
C 3 HOH 82  82  82  HOH HOH A . 
C 3 HOH 83  83  83  HOH HOH A . 
C 3 HOH 84  84  84  HOH HOH A . 
C 3 HOH 85  85  85  HOH HOH A . 
C 3 HOH 86  86  86  HOH HOH A . 
C 3 HOH 87  87  87  HOH HOH A . 
C 3 HOH 88  88  88  HOH HOH A . 
C 3 HOH 89  89  89  HOH HOH A . 
C 3 HOH 90  90  90  HOH HOH A . 
C 3 HOH 91  91  91  HOH HOH A . 
C 3 HOH 92  92  92  HOH HOH A . 
C 3 HOH 93  93  93  HOH HOH A . 
C 3 HOH 94  94  94  HOH HOH A . 
C 3 HOH 95  95  95  HOH HOH A . 
C 3 HOH 96  96  96  HOH HOH A . 
C 3 HOH 97  97  97  HOH HOH A . 
C 3 HOH 98  98  98  HOH HOH A . 
C 3 HOH 99  99  99  HOH HOH A . 
C 3 HOH 100 100 100 HOH HOH A . 
C 3 HOH 101 101 101 HOH HOH A . 
C 3 HOH 102 102 102 HOH HOH A . 
C 3 HOH 103 103 103 HOH HOH A . 
C 3 HOH 104 104 104 HOH HOH A . 
C 3 HOH 105 105 105 HOH HOH A . 
C 3 HOH 106 106 106 HOH HOH A . 
C 3 HOH 107 107 107 HOH HOH A . 
C 3 HOH 108 108 108 HOH HOH A . 
C 3 HOH 109 109 109 HOH HOH A . 
C 3 HOH 110 110 110 HOH HOH A . 
C 3 HOH 111 111 111 HOH HOH A . 
C 3 HOH 112 112 112 HOH HOH A . 
# 
loop_
_software.name 
_software.classification 
_software.version 
_software.citation_id 
_software.pdbx_ordinal 
REFMAC  refinement       5.1.24    ? 1 
MOSFLM  'data reduction' .         ? 2 
CCP4    'data scaling'   '(SCALA)' ? 3 
MLPHARE phasing          .         ? 4 
# 
_cell.entry_id           1UMH 
_cell.length_a           62.440 
_cell.length_b           62.440 
_cell.length_c           117.300 
_cell.angle_alpha        90.00 
_cell.angle_beta         90.00 
_cell.angle_gamma        120.00 
_cell.Z_PDB              6 
_cell.pdbx_unique_axis   ? 
# 
_symmetry.entry_id                         1UMH 
_symmetry.space_group_name_H-M             'P 32 2 1' 
_symmetry.pdbx_full_space_group_name_H-M   ? 
_symmetry.cell_setting                     ? 
_symmetry.Int_Tables_number                154 
# 
_exptl.entry_id          1UMH 
_exptl.method            'X-RAY DIFFRACTION' 
_exptl.crystals_number   ? 
# 
_exptl_crystal.id                    1 
_exptl_crystal.density_meas          ? 
_exptl_crystal.density_Matthews      3.14 
_exptl_crystal.density_percent_sol   60.82 
_exptl_crystal.description           ? 
# 
_exptl_crystal_grow.crystal_id      1 
_exptl_crystal_grow.method          'VAPOR DIFFUSION, HANGING DROP' 
_exptl_crystal_grow.temp            298.0 
_exptl_crystal_grow.temp_details    ? 
_exptl_crystal_grow.pH              8.5 
_exptl_crystal_grow.pdbx_details    
'Tris, PEG400, Nickel Chloride, Ammonium Sulfate, pH 8.5, VAPOR DIFFUSION, HANGING DROP, temperature 298.0K' 
_exptl_crystal_grow.pdbx_pH_range   . 
# 
_diffrn.id                     1 
_diffrn.ambient_temp           293 
_diffrn.ambient_temp_details   ? 
_diffrn.crystal_id             1 
# 
_diffrn_detector.diffrn_id              1 
_diffrn_detector.detector               'IMAGE PLATE' 
_diffrn_detector.type                   'RIGAKU RAXIS IV' 
_diffrn_detector.pdbx_collection_date   2002-09-20 
_diffrn_detector.details                mirrors 
# 
_diffrn_radiation.diffrn_id                        1 
_diffrn_radiation.wavelength_id                    1 
_diffrn_radiation.pdbx_monochromatic_or_laue_m_l   M 
_diffrn_radiation.monochromator                    'YALE MIRRORS' 
_diffrn_radiation.pdbx_diffrn_protocol             'SINGLE WAVELENGTH' 
_diffrn_radiation.pdbx_scattering_type             x-ray 
# 
_diffrn_radiation_wavelength.id           1 
_diffrn_radiation_wavelength.wavelength   1.5418 
_diffrn_radiation_wavelength.wt           1.0 
# 
_diffrn_source.diffrn_id                   1 
_diffrn_source.source                      'ROTATING ANODE' 
_diffrn_source.type                        'RIGAKU RU200' 
_diffrn_source.pdbx_synchrotron_site       ? 
_diffrn_source.pdbx_synchrotron_beamline   ? 
_diffrn_source.pdbx_wavelength             ? 
_diffrn_source.pdbx_wavelength_list        1.5418 
# 
_reflns.entry_id                     1UMH 
_reflns.observed_criterion_sigma_F   ? 
_reflns.observed_criterion_sigma_I   ? 
_reflns.d_resolution_high            2.0 
_reflns.d_resolution_low             100 
_reflns.number_all                   18483 
_reflns.number_obs                   18483 
_reflns.percent_possible_obs         99.9 
_reflns.pdbx_Rmerge_I_obs            ? 
_reflns.pdbx_Rsym_value              ? 
_reflns.pdbx_netI_over_sigmaI        ? 
_reflns.B_iso_Wilson_estimate        ? 
_reflns.pdbx_redundancy              ? 
_reflns.R_free_details               ? 
_reflns.limit_h_max                  ? 
_reflns.limit_h_min                  ? 
_reflns.limit_k_max                  ? 
_reflns.limit_k_min                  ? 
_reflns.limit_l_max                  ? 
_reflns.limit_l_min                  ? 
_reflns.observed_criterion_F_max     ? 
_reflns.observed_criterion_F_min     ? 
_reflns.pdbx_diffrn_id               1 
_reflns.pdbx_ordinal                 1 
# 
_reflns_shell.d_res_high             2 
_reflns_shell.d_res_low              2.11 
_reflns_shell.percent_possible_all   99.9 
_reflns_shell.Rmerge_I_obs           ? 
_reflns_shell.pdbx_Rsym_value        0.278 
_reflns_shell.meanI_over_sigI_obs    ? 
_reflns_shell.pdbx_redundancy        10.1 
_reflns_shell.percent_possible_obs   ? 
_reflns_shell.number_unique_all      2647 
_reflns_shell.pdbx_diffrn_id         ? 
_reflns_shell.pdbx_ordinal           1 
# 
_refine.entry_id                                 1UMH 
_refine.ls_number_reflns_obs                     17470 
_refine.ls_number_reflns_all                     ? 
_refine.pdbx_ls_sigma_I                          ? 
_refine.pdbx_ls_sigma_F                          0 
_refine.pdbx_data_cutoff_high_absF               ? 
_refine.pdbx_data_cutoff_low_absF                ? 
_refine.pdbx_data_cutoff_high_rms_absF           ? 
_refine.ls_d_res_low                             54.23 
_refine.ls_d_res_high                            2.00 
_refine.ls_percent_reflns_obs                    99.64 
_refine.ls_R_factor_obs                          0.15523 
_refine.ls_R_factor_all                          0.15523 
_refine.ls_R_factor_R_work                       0.15327 
_refine.ls_R_factor_R_free                       0.19229 
_refine.ls_R_factor_R_free_error                 ? 
_refine.ls_R_factor_R_free_error_details         ? 
_refine.ls_percent_reflns_R_free                 5.1 
_refine.ls_number_reflns_R_free                  945 
_refine.ls_number_parameters                     ? 
_refine.ls_number_restraints                     ? 
_refine.occupancy_min                            ? 
_refine.occupancy_max                            ? 
_refine.correlation_coeff_Fo_to_Fc               0.971 
_refine.correlation_coeff_Fo_to_Fc_free          0.956 
_refine.B_iso_mean                               29.192 
_refine.aniso_B[1][1]                            -0.36 
_refine.aniso_B[2][2]                            -0.36 
_refine.aniso_B[3][3]                            0.54 
_refine.aniso_B[1][2]                            -0.18 
_refine.aniso_B[1][3]                            0.00 
_refine.aniso_B[2][3]                            0.00 
_refine.solvent_model_details                    'BABINET MODEL WITH MASK' 
_refine.solvent_model_param_ksol                 ? 
_refine.solvent_model_param_bsol                 ? 
_refine.pdbx_solvent_vdw_probe_radii             1.40 
_refine.pdbx_solvent_ion_probe_radii             0.80 
_refine.pdbx_solvent_shrinkage_radii             0.80 
_refine.pdbx_ls_cross_valid_method               THROUGHOUT 
_refine.details                                  'HYDROGENS HAVE BEEN ADDED IN THE RIDING POSITIONS' 
_refine.pdbx_starting_model                      ? 
_refine.pdbx_method_to_determine_struct          MIR 
_refine.pdbx_isotropic_thermal_model             ? 
_refine.pdbx_stereochemistry_target_values       'MAXIMUM LIKELIHOOD' 
_refine.pdbx_stereochem_target_val_spec_case     ? 
_refine.pdbx_R_Free_selection_details            RANDOM 
_refine.pdbx_overall_ESU_R                       0.119 
_refine.pdbx_overall_ESU_R_Free                  0.119 
_refine.overall_SU_ML                            0.077 
_refine.overall_SU_B                             2.720 
_refine.ls_redundancy_reflns_obs                 ? 
_refine.B_iso_min                                ? 
_refine.B_iso_max                                ? 
_refine.overall_SU_R_Cruickshank_DPI             ? 
_refine.overall_SU_R_free                        ? 
_refine.pdbx_refine_id                           'X-RAY DIFFRACTION' 
_refine.pdbx_diffrn_id                           1 
_refine.pdbx_TLS_residual_ADP_flag               ? 
_refine.pdbx_overall_phase_error                 ? 
_refine.pdbx_overall_SU_R_free_Cruickshank_DPI   ? 
_refine.pdbx_overall_SU_R_Blow_DPI               ? 
_refine.pdbx_overall_SU_R_free_Blow_DPI          ? 
# 
_refine_hist.pdbx_refine_id                   'X-RAY DIFFRACTION' 
_refine_hist.cycle_id                         LAST 
_refine_hist.pdbx_number_atoms_protein        1489 
_refine_hist.pdbx_number_atoms_nucleic_acid   0 
_refine_hist.pdbx_number_atoms_ligand         1 
_refine_hist.number_atoms_solvent             112 
_refine_hist.number_atoms_total               1602 
_refine_hist.d_res_high                       2.00 
_refine_hist.d_res_low                        54.23 
# 
loop_
_refine_ls_restr.type 
_refine_ls_restr.dev_ideal 
_refine_ls_restr.dev_ideal_target 
_refine_ls_restr.weight 
_refine_ls_restr.number 
_refine_ls_restr.pdbx_refine_id 
_refine_ls_restr.pdbx_restraint_function 
r_bond_refined_d         0.022 0.021 ? 1533 'X-RAY DIFFRACTION' ? 
r_bond_other_d           0.002 0.020 ? 1290 'X-RAY DIFFRACTION' ? 
r_angle_refined_deg      1.785 1.912 ? 2082 'X-RAY DIFFRACTION' ? 
r_angle_other_deg        0.964 3.000 ? 2996 'X-RAY DIFFRACTION' ? 
r_dihedral_angle_1_deg   5.955 5.000 ? 183  'X-RAY DIFFRACTION' ? 
r_dihedral_angle_2_deg   ?     ?     ? ?    'X-RAY DIFFRACTION' ? 
r_dihedral_angle_3_deg   ?     ?     ? ?    'X-RAY DIFFRACTION' ? 
r_dihedral_angle_4_deg   ?     ?     ? ?    'X-RAY DIFFRACTION' ? 
r_chiral_restr           0.127 0.200 ? 207  'X-RAY DIFFRACTION' ? 
r_gen_planes_refined     0.010 0.020 ? 1757 'X-RAY DIFFRACTION' ? 
r_gen_planes_other       0.002 0.020 ? 348  'X-RAY DIFFRACTION' ? 
r_nbd_refined            0.232 0.200 ? 222  'X-RAY DIFFRACTION' ? 
r_nbd_other              0.274 0.200 ? 1420 'X-RAY DIFFRACTION' ? 
r_nbtor_refined          ?     ?     ? ?    'X-RAY DIFFRACTION' ? 
r_nbtor_other            0.089 0.200 ? 904  'X-RAY DIFFRACTION' ? 
r_xyhbond_nbd_refined    0.178 0.200 ? 64   'X-RAY DIFFRACTION' ? 
r_xyhbond_nbd_other      ?     ?     ? ?    'X-RAY DIFFRACTION' ? 
r_metal_ion_refined      0.158 0.200 ? 1    'X-RAY DIFFRACTION' ? 
r_metal_ion_other        ?     ?     ? ?    'X-RAY DIFFRACTION' ? 
r_symmetry_vdw_refined   0.090 0.200 ? 3    'X-RAY DIFFRACTION' ? 
r_symmetry_vdw_other     0.297 0.200 ? 30   'X-RAY DIFFRACTION' ? 
r_symmetry_hbond_refined 0.334 0.200 ? 4    'X-RAY DIFFRACTION' ? 
r_symmetry_hbond_other   ?     ?     ? ?    'X-RAY DIFFRACTION' ? 
r_mcbond_it              1.354 1.500 ? 907  'X-RAY DIFFRACTION' ? 
r_mcangle_it             2.585 2.000 ? 1451 'X-RAY DIFFRACTION' ? 
r_scbond_it              4.061 3.000 ? 626  'X-RAY DIFFRACTION' ? 
r_scangle_it             6.651 4.500 ? 631  'X-RAY DIFFRACTION' ? 
r_rigid_bond_restr       ?     ?     ? ?    'X-RAY DIFFRACTION' ? 
r_sphericity_free        ?     ?     ? ?    'X-RAY DIFFRACTION' ? 
r_sphericity_bonded      ?     ?     ? ?    'X-RAY DIFFRACTION' ? 
# 
_refine_ls_shell.pdbx_total_number_of_bins_used   20 
_refine_ls_shell.d_res_high                       2.001 
_refine_ls_shell.d_res_low                        2.053 
_refine_ls_shell.number_reflns_R_work             1241 
_refine_ls_shell.R_factor_R_work                  0.183 
_refine_ls_shell.percent_reflns_obs               ? 
_refine_ls_shell.R_factor_R_free                  0.241 
_refine_ls_shell.R_factor_R_free_error            ? 
_refine_ls_shell.percent_reflns_R_free            ? 
_refine_ls_shell.number_reflns_R_free             74 
_refine_ls_shell.number_reflns_obs                ? 
_refine_ls_shell.redundancy_reflns_obs            ? 
_refine_ls_shell.number_reflns_all                ? 
_refine_ls_shell.pdbx_refine_id                   'X-RAY DIFFRACTION' 
_refine_ls_shell.R_factor_all                     ? 
# 
_struct.entry_id                  1UMH 
_struct.title                     'Structural basis of sugar-recognizing ubiquitin ligase' 
_struct.pdbx_model_details        ? 
_struct.pdbx_CASP_flag            ? 
_struct.pdbx_model_type_details   ? 
# 
_struct_keywords.entry_id        1UMH 
_struct_keywords.pdbx_keywords   LIGASE 
_struct_keywords.text            
'UBIQUITIN, SCF, UBIQUITIN LIGASE, LECTIN, RIKEN Structural Genomics/Proteomics Initiative, RSGI, Structural Genomics, LIGASE' 
# 
loop_
_struct_asym.id 
_struct_asym.pdbx_blank_PDB_chainid_flag 
_struct_asym.pdbx_modified 
_struct_asym.entity_id 
_struct_asym.details 
A N N 1 ? 
B N N 2 ? 
C N N 3 ? 
# 
_struct_ref.id                         1 
_struct_ref.db_name                    UNP 
_struct_ref.db_code                    FBX2_MOUSE 
_struct_ref.pdbx_db_accession          Q80UW2 
_struct_ref.entity_id                  1 
_struct_ref.pdbx_seq_one_letter_code   
;FYFLSKRRRNLLRNPCGEEDLEGWSDVEHGGDGWRVEELPGDNGVEFTQDDSVKKYFASSFEWCRKAQVIDLQAEGYWEE
LLDTTQPAIVVKDWYSGRTDAGSLYELTVRLLSENEDVLAEFATGQVAVPEDGSWMEISHTFIDYGPGVRFVRFEHGGQD
SVYWKGWFGARVTNSSVWVEP
;
_struct_ref.pdbx_align_begin           117 
_struct_ref.pdbx_db_isoform            ? 
# 
_struct_ref_seq.align_id                      1 
_struct_ref_seq.ref_id                        1 
_struct_ref_seq.pdbx_PDB_id_code              1UMH 
_struct_ref_seq.pdbx_strand_id                A 
_struct_ref_seq.seq_align_beg                 4 
_struct_ref_seq.pdbx_seq_align_beg_ins_code   ? 
_struct_ref_seq.seq_align_end                 184 
_struct_ref_seq.pdbx_seq_align_end_ins_code   ? 
_struct_ref_seq.pdbx_db_accession             Q80UW2 
_struct_ref_seq.db_align_beg                  117 
_struct_ref_seq.pdbx_db_align_beg_ins_code    ? 
_struct_ref_seq.db_align_end                  297 
_struct_ref_seq.pdbx_db_align_end_ins_code    ? 
_struct_ref_seq.pdbx_auth_seq_align_beg       117 
_struct_ref_seq.pdbx_auth_seq_align_end       297 
# 
loop_
_struct_ref_seq_dif.align_id 
_struct_ref_seq_dif.pdbx_pdb_id_code 
_struct_ref_seq_dif.mon_id 
_struct_ref_seq_dif.pdbx_pdb_strand_id 
_struct_ref_seq_dif.seq_num 
_struct_ref_seq_dif.pdbx_pdb_ins_code 
_struct_ref_seq_dif.pdbx_seq_db_name 
_struct_ref_seq_dif.pdbx_seq_db_accession_code 
_struct_ref_seq_dif.db_mon_id 
_struct_ref_seq_dif.pdbx_seq_db_seq_num 
_struct_ref_seq_dif.details 
_struct_ref_seq_dif.pdbx_auth_seq_num 
_struct_ref_seq_dif.pdbx_ordinal 
1 1UMH GLY A 1  ? UNP Q80UW2 ?   ?   'cloning artifact' 114 1 
1 1UMH SER A 2  ? UNP Q80UW2 ?   ?   'cloning artifact' 115 2 
1 1UMH HIS A 3  ? UNP Q80UW2 ?   ?   'cloning artifact' 116 3 
1 1UMH LYS A 38 ? UNP Q80UW2 ARG 151 'SEE REMARK 999'   151 4 
# 
_pdbx_struct_assembly.id                   1 
_pdbx_struct_assembly.details              author_defined_assembly 
_pdbx_struct_assembly.method_details       ? 
_pdbx_struct_assembly.oligomeric_details   monomeric 
_pdbx_struct_assembly.oligomeric_count     1 
# 
_pdbx_struct_assembly_gen.assembly_id       1 
_pdbx_struct_assembly_gen.oper_expression   1 
_pdbx_struct_assembly_gen.asym_id_list      A,B,C 
# 
_pdbx_struct_oper_list.id                   1 
_pdbx_struct_oper_list.type                 'identity operation' 
_pdbx_struct_oper_list.name                 1_555 
_pdbx_struct_oper_list.symmetry_operation   x,y,z 
_pdbx_struct_oper_list.matrix[1][1]         1.0000000000 
_pdbx_struct_oper_list.matrix[1][2]         0.0000000000 
_pdbx_struct_oper_list.matrix[1][3]         0.0000000000 
_pdbx_struct_oper_list.vector[1]            0.0000000000 
_pdbx_struct_oper_list.matrix[2][1]         0.0000000000 
_pdbx_struct_oper_list.matrix[2][2]         1.0000000000 
_pdbx_struct_oper_list.matrix[2][3]         0.0000000000 
_pdbx_struct_oper_list.vector[2]            0.0000000000 
_pdbx_struct_oper_list.matrix[3][1]         0.0000000000 
_pdbx_struct_oper_list.matrix[3][2]         0.0000000000 
_pdbx_struct_oper_list.matrix[3][3]         1.0000000000 
_pdbx_struct_oper_list.vector[3]            0.0000000000 
# 
loop_
_struct_conf.conf_type_id 
_struct_conf.id 
_struct_conf.pdbx_PDB_helix_id 
_struct_conf.beg_label_comp_id 
_struct_conf.beg_label_asym_id 
_struct_conf.beg_label_seq_id 
_struct_conf.pdbx_beg_PDB_ins_code 
_struct_conf.end_label_comp_id 
_struct_conf.end_label_asym_id 
_struct_conf.end_label_seq_id 
_struct_conf.pdbx_end_PDB_ins_code 
_struct_conf.beg_auth_comp_id 
_struct_conf.beg_auth_asym_id 
_struct_conf.beg_auth_seq_id 
_struct_conf.end_auth_comp_id 
_struct_conf.end_auth_asym_id 
_struct_conf.end_auth_seq_id 
_struct_conf.pdbx_PDB_helix_class 
_struct_conf.details 
_struct_conf.pdbx_PDB_helix_length 
HELX_P HELX_P1 1 SER A 2  ? ARG A 10 ? SER A 115 ARG A 123 1 ? 9 
HELX_P HELX_P2 2 TRP A 81 ? THR A 88 ? TRP A 194 THR A 201 1 ? 8 
# 
_struct_conf_type.id          HELX_P 
_struct_conf_type.criteria    ? 
_struct_conf_type.reference   ? 
# 
loop_
_struct_conn.id 
_struct_conn.conn_type_id 
_struct_conn.pdbx_leaving_atom_flag 
_struct_conn.pdbx_PDB_id 
_struct_conn.ptnr1_label_asym_id 
_struct_conn.ptnr1_label_comp_id 
_struct_conn.ptnr1_label_seq_id 
_struct_conn.ptnr1_label_atom_id 
_struct_conn.pdbx_ptnr1_label_alt_id 
_struct_conn.pdbx_ptnr1_PDB_ins_code 
_struct_conn.pdbx_ptnr1_standard_comp_id 
_struct_conn.ptnr1_symmetry 
_struct_conn.ptnr2_label_asym_id 
_struct_conn.ptnr2_label_comp_id 
_struct_conn.ptnr2_label_seq_id 
_struct_conn.ptnr2_label_atom_id 
_struct_conn.pdbx_ptnr2_label_alt_id 
_struct_conn.pdbx_ptnr2_PDB_ins_code 
_struct_conn.ptnr1_auth_asym_id 
_struct_conn.ptnr1_auth_comp_id 
_struct_conn.ptnr1_auth_seq_id 
_struct_conn.ptnr2_auth_asym_id 
_struct_conn.ptnr2_auth_comp_id 
_struct_conn.ptnr2_auth_seq_id 
_struct_conn.ptnr2_symmetry 
_struct_conn.pdbx_ptnr3_label_atom_id 
_struct_conn.pdbx_ptnr3_label_seq_id 
_struct_conn.pdbx_ptnr3_label_comp_id 
_struct_conn.pdbx_ptnr3_label_asym_id 
_struct_conn.pdbx_ptnr3_label_alt_id 
_struct_conn.pdbx_ptnr3_PDB_ins_code 
_struct_conn.details 
_struct_conn.pdbx_dist_value 
_struct_conn.pdbx_value_order 
_struct_conn.pdbx_role 
metalc1 metalc ? ? A GLY 1 N  ? ? ? 1_555 B NI . NI ? ? A GLY 114 A NI 501 1_555 ? ? ? ? ? ? ? 2.052 ? ? 
metalc2 metalc ? ? A SER 2 OG ? ? ? 1_555 B NI . NI ? ? A SER 115 A NI 501 1_555 ? ? ? ? ? ? ? 2.198 ? ? 
metalc3 metalc ? ? A SER 2 N  ? ? ? 1_555 B NI . NI ? ? A SER 115 A NI 501 1_555 ? ? ? ? ? ? ? 1.791 ? ? 
# 
_struct_conn_type.id          metalc 
_struct_conn_type.criteria    ? 
_struct_conn_type.reference   ? 
# 
loop_
_pdbx_struct_conn_angle.id 
_pdbx_struct_conn_angle.ptnr1_label_atom_id 
_pdbx_struct_conn_angle.ptnr1_label_alt_id 
_pdbx_struct_conn_angle.ptnr1_label_asym_id 
_pdbx_struct_conn_angle.ptnr1_label_comp_id 
_pdbx_struct_conn_angle.ptnr1_label_seq_id 
_pdbx_struct_conn_angle.ptnr1_auth_atom_id 
_pdbx_struct_conn_angle.ptnr1_auth_asym_id 
_pdbx_struct_conn_angle.ptnr1_auth_comp_id 
_pdbx_struct_conn_angle.ptnr1_auth_seq_id 
_pdbx_struct_conn_angle.ptnr1_PDB_ins_code 
_pdbx_struct_conn_angle.ptnr1_symmetry 
_pdbx_struct_conn_angle.ptnr2_label_atom_id 
_pdbx_struct_conn_angle.ptnr2_label_alt_id 
_pdbx_struct_conn_angle.ptnr2_label_asym_id 
_pdbx_struct_conn_angle.ptnr2_label_comp_id 
_pdbx_struct_conn_angle.ptnr2_label_seq_id 
_pdbx_struct_conn_angle.ptnr2_auth_atom_id 
_pdbx_struct_conn_angle.ptnr2_auth_asym_id 
_pdbx_struct_conn_angle.ptnr2_auth_comp_id 
_pdbx_struct_conn_angle.ptnr2_auth_seq_id 
_pdbx_struct_conn_angle.ptnr2_PDB_ins_code 
_pdbx_struct_conn_angle.ptnr2_symmetry 
_pdbx_struct_conn_angle.ptnr3_label_atom_id 
_pdbx_struct_conn_angle.ptnr3_label_alt_id 
_pdbx_struct_conn_angle.ptnr3_label_asym_id 
_pdbx_struct_conn_angle.ptnr3_label_comp_id 
_pdbx_struct_conn_angle.ptnr3_label_seq_id 
_pdbx_struct_conn_angle.ptnr3_auth_atom_id 
_pdbx_struct_conn_angle.ptnr3_auth_asym_id 
_pdbx_struct_conn_angle.ptnr3_auth_comp_id 
_pdbx_struct_conn_angle.ptnr3_auth_seq_id 
_pdbx_struct_conn_angle.ptnr3_PDB_ins_code 
_pdbx_struct_conn_angle.ptnr3_symmetry 
_pdbx_struct_conn_angle.value 
_pdbx_struct_conn_angle.value_esd 
1 N  ? A GLY 1 ? A GLY 114 ? 1_555 NI ? B NI . ? A NI 501 ? 1_555 OG ? A SER 2 ? A SER 115 ? 1_555 167.2 ? 
2 N  ? A GLY 1 ? A GLY 114 ? 1_555 NI ? B NI . ? A NI 501 ? 1_555 N  ? A SER 2 ? A SER 115 ? 1_555 108.2 ? 
3 OG ? A SER 2 ? A SER 115 ? 1_555 NI ? B NI . ? A NI 501 ? 1_555 N  ? A SER 2 ? A SER 115 ? 1_555 84.5  ? 
# 
_struct_mon_prot_cis.pdbx_id                1 
_struct_mon_prot_cis.label_comp_id          LEU 
_struct_mon_prot_cis.label_seq_id           42 
_struct_mon_prot_cis.label_asym_id          A 
_struct_mon_prot_cis.label_alt_id           . 
_struct_mon_prot_cis.pdbx_PDB_ins_code      ? 
_struct_mon_prot_cis.auth_comp_id           LEU 
_struct_mon_prot_cis.auth_seq_id            155 
_struct_mon_prot_cis.auth_asym_id           A 
_struct_mon_prot_cis.pdbx_label_comp_id_2   PRO 
_struct_mon_prot_cis.pdbx_label_seq_id_2    43 
_struct_mon_prot_cis.pdbx_label_asym_id_2   A 
_struct_mon_prot_cis.pdbx_PDB_ins_code_2    ? 
_struct_mon_prot_cis.pdbx_auth_comp_id_2    PRO 
_struct_mon_prot_cis.pdbx_auth_seq_id_2     156 
_struct_mon_prot_cis.pdbx_auth_asym_id_2    A 
_struct_mon_prot_cis.pdbx_PDB_model_num     1 
_struct_mon_prot_cis.pdbx_omega_angle       -10.23 
# 
loop_
_struct_sheet.id 
_struct_sheet.type 
_struct_sheet.number_strands 
_struct_sheet.details 
A ? 5 ? 
B ? 5 ? 
C ? 5 ? 
# 
loop_
_struct_sheet_order.sheet_id 
_struct_sheet_order.range_id_1 
_struct_sheet_order.range_id_2 
_struct_sheet_order.offset 
_struct_sheet_order.sense 
A 1 2 ? anti-parallel 
A 2 3 ? anti-parallel 
A 3 4 ? anti-parallel 
A 4 5 ? anti-parallel 
B 1 2 ? anti-parallel 
B 2 3 ? anti-parallel 
B 3 4 ? anti-parallel 
B 4 5 ? anti-parallel 
C 1 2 ? anti-parallel 
C 2 3 ? anti-parallel 
C 3 4 ? anti-parallel 
C 4 5 ? anti-parallel 
# 
loop_
_struct_sheet_range.sheet_id 
_struct_sheet_range.id 
_struct_sheet_range.beg_label_comp_id 
_struct_sheet_range.beg_label_asym_id 
_struct_sheet_range.beg_label_seq_id 
_struct_sheet_range.pdbx_beg_PDB_ins_code 
_struct_sheet_range.end_label_comp_id 
_struct_sheet_range.end_label_asym_id 
_struct_sheet_range.end_label_seq_id 
_struct_sheet_range.pdbx_end_PDB_ins_code 
_struct_sheet_range.beg_auth_comp_id 
_struct_sheet_range.beg_auth_asym_id 
_struct_sheet_range.beg_auth_seq_id 
_struct_sheet_range.end_auth_comp_id 
_struct_sheet_range.end_auth_asym_id 
_struct_sheet_range.end_auth_seq_id 
A 1 SER A 28  ? GLU A 31  ? SER A 141 GLU A 144 
A 2 CYS A 67  ? ASP A 74  ? CYS A 180 ASP A 187 
A 3 PHE A 154 ? ASP A 163 ? PHE A 267 ASP A 276 
A 4 SER A 106 ? LEU A 115 ? SER A 219 LEU A 228 
A 5 VAL A 121 ? ALA A 126 ? VAL A 234 ALA A 239 
B 1 SER A 28  ? GLU A 31  ? SER A 141 GLU A 144 
B 2 CYS A 67  ? ASP A 74  ? CYS A 180 ASP A 187 
B 3 PHE A 154 ? ASP A 163 ? PHE A 267 ASP A 276 
B 4 SER A 106 ? LEU A 115 ? SER A 219 LEU A 228 
B 5 VAL A 130 ? ALA A 131 ? VAL A 243 ALA A 244 
C 1 LYS A 38  ? GLU A 41  ? LYS A 151 GLU A 154 
C 2 LYS A 58  ? ALA A 61  ? LYS A 171 ALA A 174 
C 3 ARG A 174 ? GLU A 183 ? ARG A 287 GLU A 296 
C 4 ALA A 91  ? SER A 99  ? ALA A 204 SER A 212 
C 5 MET A 139 ? PHE A 145 ? MET A 252 PHE A 258 
# 
loop_
_pdbx_struct_sheet_hbond.sheet_id 
_pdbx_struct_sheet_hbond.range_id_1 
_pdbx_struct_sheet_hbond.range_id_2 
_pdbx_struct_sheet_hbond.range_1_label_atom_id 
_pdbx_struct_sheet_hbond.range_1_label_comp_id 
_pdbx_struct_sheet_hbond.range_1_label_asym_id 
_pdbx_struct_sheet_hbond.range_1_label_seq_id 
_pdbx_struct_sheet_hbond.range_1_PDB_ins_code 
_pdbx_struct_sheet_hbond.range_1_auth_atom_id 
_pdbx_struct_sheet_hbond.range_1_auth_comp_id 
_pdbx_struct_sheet_hbond.range_1_auth_asym_id 
_pdbx_struct_sheet_hbond.range_1_auth_seq_id 
_pdbx_struct_sheet_hbond.range_2_label_atom_id 
_pdbx_struct_sheet_hbond.range_2_label_comp_id 
_pdbx_struct_sheet_hbond.range_2_label_asym_id 
_pdbx_struct_sheet_hbond.range_2_label_seq_id 
_pdbx_struct_sheet_hbond.range_2_PDB_ins_code 
_pdbx_struct_sheet_hbond.range_2_auth_atom_id 
_pdbx_struct_sheet_hbond.range_2_auth_comp_id 
_pdbx_struct_sheet_hbond.range_2_auth_asym_id 
_pdbx_struct_sheet_hbond.range_2_auth_seq_id 
A 1 2 N SER A 28  ? N SER A 141 O ALA A 70  ? O ALA A 183 
A 2 3 N ILE A 73  ? N ILE A 186 O VAL A 155 ? O VAL A 268 
A 3 4 O GLN A 162 ? O GLN A 275 N LEU A 107 ? N LEU A 220 
A 4 5 N VAL A 112 ? N VAL A 225 O PHE A 125 ? O PHE A 238 
B 1 2 N SER A 28  ? N SER A 141 O ALA A 70  ? O ALA A 183 
B 2 3 N ILE A 73  ? N ILE A 186 O VAL A 155 ? O VAL A 268 
B 3 4 O GLN A 162 ? O GLN A 275 N LEU A 107 ? N LEU A 220 
B 4 5 N TYR A 108 ? N TYR A 221 O VAL A 130 ? O VAL A 243 
C 1 2 N LYS A 38  ? N LYS A 151 O ALA A 61  ? O ALA A 174 
C 2 3 N PHE A 60  ? N PHE A 173 O VAL A 175 ? O VAL A 288 
C 3 4 O ARG A 174 ? O ARG A 287 N SER A 99  ? N SER A 212 
C 4 5 N ILE A 92  ? N ILE A 205 O PHE A 145 ? O PHE A 258 
# 
_struct_site.id                   AC1 
_struct_site.pdbx_evidence_code   Software 
_struct_site.pdbx_auth_asym_id    A 
_struct_site.pdbx_auth_comp_id    NI 
_struct_site.pdbx_auth_seq_id     501 
_struct_site.pdbx_auth_ins_code   ? 
_struct_site.pdbx_num_residues    3 
_struct_site.details              'BINDING SITE FOR RESIDUE NI A 501' 
# 
loop_
_struct_site_gen.id 
_struct_site_gen.site_id 
_struct_site_gen.pdbx_num_res 
_struct_site_gen.label_comp_id 
_struct_site_gen.label_asym_id 
_struct_site_gen.label_seq_id 
_struct_site_gen.pdbx_auth_ins_code 
_struct_site_gen.auth_comp_id 
_struct_site_gen.auth_asym_id 
_struct_site_gen.auth_seq_id 
_struct_site_gen.label_atom_id 
_struct_site_gen.label_alt_id 
_struct_site_gen.symmetry 
_struct_site_gen.details 
1 AC1 3 GLY A 1 ? GLY A 114 . ? 1_555 ? 
2 AC1 3 SER A 2 ? SER A 115 . ? 1_555 ? 
3 AC1 3 TYR A 5 ? TYR A 118 . ? 1_555 ? 
# 
loop_
_pdbx_validate_close_contact.id 
_pdbx_validate_close_contact.PDB_model_num 
_pdbx_validate_close_contact.auth_atom_id_1 
_pdbx_validate_close_contact.auth_asym_id_1 
_pdbx_validate_close_contact.auth_comp_id_1 
_pdbx_validate_close_contact.auth_seq_id_1 
_pdbx_validate_close_contact.PDB_ins_code_1 
_pdbx_validate_close_contact.label_alt_id_1 
_pdbx_validate_close_contact.auth_atom_id_2 
_pdbx_validate_close_contact.auth_asym_id_2 
_pdbx_validate_close_contact.auth_comp_id_2 
_pdbx_validate_close_contact.auth_seq_id_2 
_pdbx_validate_close_contact.PDB_ins_code_2 
_pdbx_validate_close_contact.label_alt_id_2 
_pdbx_validate_close_contact.dist 
1 1 OE1 A GLU 222 ? ? O A HOH 85 ? ? 2.05 
2 1 OE1 A GLU 178 ? ? O A HOH 82 ? ? 2.13 
# 
loop_
_pdbx_validate_rmsd_bond.id 
_pdbx_validate_rmsd_bond.PDB_model_num 
_pdbx_validate_rmsd_bond.auth_atom_id_1 
_pdbx_validate_rmsd_bond.auth_asym_id_1 
_pdbx_validate_rmsd_bond.auth_comp_id_1 
_pdbx_validate_rmsd_bond.auth_seq_id_1 
_pdbx_validate_rmsd_bond.PDB_ins_code_1 
_pdbx_validate_rmsd_bond.label_alt_id_1 
_pdbx_validate_rmsd_bond.auth_atom_id_2 
_pdbx_validate_rmsd_bond.auth_asym_id_2 
_pdbx_validate_rmsd_bond.auth_comp_id_2 
_pdbx_validate_rmsd_bond.auth_seq_id_2 
_pdbx_validate_rmsd_bond.PDB_ins_code_2 
_pdbx_validate_rmsd_bond.label_alt_id_2 
_pdbx_validate_rmsd_bond.bond_value 
_pdbx_validate_rmsd_bond.bond_target_value 
_pdbx_validate_rmsd_bond.bond_deviation 
_pdbx_validate_rmsd_bond.bond_standard_deviation 
_pdbx_validate_rmsd_bond.linker_flag 
1 1 CA A SER 115 ? ? CB A SER 115 ? ? 1.626 1.525 0.101 0.015 N 
2 1 CB A SER 115 ? ? OG A SER 115 ? ? 1.525 1.418 0.107 0.013 N 
# 
loop_
_pdbx_validate_rmsd_angle.id 
_pdbx_validate_rmsd_angle.PDB_model_num 
_pdbx_validate_rmsd_angle.auth_atom_id_1 
_pdbx_validate_rmsd_angle.auth_asym_id_1 
_pdbx_validate_rmsd_angle.auth_comp_id_1 
_pdbx_validate_rmsd_angle.auth_seq_id_1 
_pdbx_validate_rmsd_angle.PDB_ins_code_1 
_pdbx_validate_rmsd_angle.label_alt_id_1 
_pdbx_validate_rmsd_angle.auth_atom_id_2 
_pdbx_validate_rmsd_angle.auth_asym_id_2 
_pdbx_validate_rmsd_angle.auth_comp_id_2 
_pdbx_validate_rmsd_angle.auth_seq_id_2 
_pdbx_validate_rmsd_angle.PDB_ins_code_2 
_pdbx_validate_rmsd_angle.label_alt_id_2 
_pdbx_validate_rmsd_angle.auth_atom_id_3 
_pdbx_validate_rmsd_angle.auth_asym_id_3 
_pdbx_validate_rmsd_angle.auth_comp_id_3 
_pdbx_validate_rmsd_angle.auth_seq_id_3 
_pdbx_validate_rmsd_angle.PDB_ins_code_3 
_pdbx_validate_rmsd_angle.label_alt_id_3 
_pdbx_validate_rmsd_angle.angle_value 
_pdbx_validate_rmsd_angle.angle_target_value 
_pdbx_validate_rmsd_angle.angle_deviation 
_pdbx_validate_rmsd_angle.angle_standard_deviation 
_pdbx_validate_rmsd_angle.linker_flag 
1 1 N  A GLY 114 ? ? CA A GLY 114 ? ? C   A GLY 114 ? ? 128.62 113.10 15.52 2.50 N 
2 1 NE A ARG 123 ? ? CZ A ARG 123 ? ? NH1 A ARG 123 ? ? 123.70 120.30 3.40  0.50 N 
3 1 NE A ARG 123 ? ? CZ A ARG 123 ? ? NH2 A ARG 123 ? ? 116.42 120.30 -3.88 0.50 N 
4 1 NE A ARG 124 ? ? CZ A ARG 124 ? ? NH1 A ARG 124 ? ? 124.49 120.30 4.19  0.50 N 
5 1 NE A ARG 124 ? ? CZ A ARG 124 ? ? NH2 A ARG 124 ? ? 117.01 120.30 -3.29 0.50 N 
6 1 CB A ASP 148 ? ? CG A ASP 148 ? ? OD2 A ASP 148 ? ? 124.83 118.30 6.53  0.90 N 
# 
loop_
_pdbx_validate_torsion.id 
_pdbx_validate_torsion.PDB_model_num 
_pdbx_validate_torsion.auth_comp_id 
_pdbx_validate_torsion.auth_asym_id 
_pdbx_validate_torsion.auth_seq_id 
_pdbx_validate_torsion.PDB_ins_code 
_pdbx_validate_torsion.label_alt_id 
_pdbx_validate_torsion.phi 
_pdbx_validate_torsion.psi 
1 1 ASP A 136 ? ? 57.67   -126.32 
2 1 GLN A 165 ? ? 169.47  -35.70  
3 1 ASP A 166 ? ? -133.17 -33.46  
4 1 ASP A 167 ? ? 68.73   -30.88  
5 1 SER A 176 ? ? -122.58 -149.96 
# 
_pdbx_SG_project.id                    1 
_pdbx_SG_project.project_name          ? 
_pdbx_SG_project.full_name_of_center   'RIKEN Structural Genomics/Proteomics Initiative' 
_pdbx_SG_project.initial_of_center     RSGI 
# 
loop_
_chem_comp_atom.comp_id 
_chem_comp_atom.atom_id 
_chem_comp_atom.type_symbol 
_chem_comp_atom.pdbx_aromatic_flag 
_chem_comp_atom.pdbx_stereo_config 
_chem_comp_atom.pdbx_ordinal 
ALA N    N  N N 1   
ALA CA   C  N S 2   
ALA C    C  N N 3   
ALA O    O  N N 4   
ALA CB   C  N N 5   
ALA OXT  O  N N 6   
ALA H    H  N N 7   
ALA H2   H  N N 8   
ALA HA   H  N N 9   
ALA HB1  H  N N 10  
ALA HB2  H  N N 11  
ALA HB3  H  N N 12  
ALA HXT  H  N N 13  
ARG N    N  N N 14  
ARG CA   C  N S 15  
ARG C    C  N N 16  
ARG O    O  N N 17  
ARG CB   C  N N 18  
ARG CG   C  N N 19  
ARG CD   C  N N 20  
ARG NE   N  N N 21  
ARG CZ   C  N N 22  
ARG NH1  N  N N 23  
ARG NH2  N  N N 24  
ARG OXT  O  N N 25  
ARG H    H  N N 26  
ARG H2   H  N N 27  
ARG HA   H  N N 28  
ARG HB2  H  N N 29  
ARG HB3  H  N N 30  
ARG HG2  H  N N 31  
ARG HG3  H  N N 32  
ARG HD2  H  N N 33  
ARG HD3  H  N N 34  
ARG HE   H  N N 35  
ARG HH11 H  N N 36  
ARG HH12 H  N N 37  
ARG HH21 H  N N 38  
ARG HH22 H  N N 39  
ARG HXT  H  N N 40  
ASN N    N  N N 41  
ASN CA   C  N S 42  
ASN C    C  N N 43  
ASN O    O  N N 44  
ASN CB   C  N N 45  
ASN CG   C  N N 46  
ASN OD1  O  N N 47  
ASN ND2  N  N N 48  
ASN OXT  O  N N 49  
ASN H    H  N N 50  
ASN H2   H  N N 51  
ASN HA   H  N N 52  
ASN HB2  H  N N 53  
ASN HB3  H  N N 54  
ASN HD21 H  N N 55  
ASN HD22 H  N N 56  
ASN HXT  H  N N 57  
ASP N    N  N N 58  
ASP CA   C  N S 59  
ASP C    C  N N 60  
ASP O    O  N N 61  
ASP CB   C  N N 62  
ASP CG   C  N N 63  
ASP OD1  O  N N 64  
ASP OD2  O  N N 65  
ASP OXT  O  N N 66  
ASP H    H  N N 67  
ASP H2   H  N N 68  
ASP HA   H  N N 69  
ASP HB2  H  N N 70  
ASP HB3  H  N N 71  
ASP HD2  H  N N 72  
ASP HXT  H  N N 73  
CYS N    N  N N 74  
CYS CA   C  N R 75  
CYS C    C  N N 76  
CYS O    O  N N 77  
CYS CB   C  N N 78  
CYS SG   S  N N 79  
CYS OXT  O  N N 80  
CYS H    H  N N 81  
CYS H2   H  N N 82  
CYS HA   H  N N 83  
CYS HB2  H  N N 84  
CYS HB3  H  N N 85  
CYS HG   H  N N 86  
CYS HXT  H  N N 87  
GLN N    N  N N 88  
GLN CA   C  N S 89  
GLN C    C  N N 90  
GLN O    O  N N 91  
GLN CB   C  N N 92  
GLN CG   C  N N 93  
GLN CD   C  N N 94  
GLN OE1  O  N N 95  
GLN NE2  N  N N 96  
GLN OXT  O  N N 97  
GLN H    H  N N 98  
GLN H2   H  N N 99  
GLN HA   H  N N 100 
GLN HB2  H  N N 101 
GLN HB3  H  N N 102 
GLN HG2  H  N N 103 
GLN HG3  H  N N 104 
GLN HE21 H  N N 105 
GLN HE22 H  N N 106 
GLN HXT  H  N N 107 
GLU N    N  N N 108 
GLU CA   C  N S 109 
GLU C    C  N N 110 
GLU O    O  N N 111 
GLU CB   C  N N 112 
GLU CG   C  N N 113 
GLU CD   C  N N 114 
GLU OE1  O  N N 115 
GLU OE2  O  N N 116 
GLU OXT  O  N N 117 
GLU H    H  N N 118 
GLU H2   H  N N 119 
GLU HA   H  N N 120 
GLU HB2  H  N N 121 
GLU HB3  H  N N 122 
GLU HG2  H  N N 123 
GLU HG3  H  N N 124 
GLU HE2  H  N N 125 
GLU HXT  H  N N 126 
GLY N    N  N N 127 
GLY CA   C  N N 128 
GLY C    C  N N 129 
GLY O    O  N N 130 
GLY OXT  O  N N 131 
GLY H    H  N N 132 
GLY H2   H  N N 133 
GLY HA2  H  N N 134 
GLY HA3  H  N N 135 
GLY HXT  H  N N 136 
HIS N    N  N N 137 
HIS CA   C  N S 138 
HIS C    C  N N 139 
HIS O    O  N N 140 
HIS CB   C  N N 141 
HIS CG   C  Y N 142 
HIS ND1  N  Y N 143 
HIS CD2  C  Y N 144 
HIS CE1  C  Y N 145 
HIS NE2  N  Y N 146 
HIS OXT  O  N N 147 
HIS H    H  N N 148 
HIS H2   H  N N 149 
HIS HA   H  N N 150 
HIS HB2  H  N N 151 
HIS HB3  H  N N 152 
HIS HD1  H  N N 153 
HIS HD2  H  N N 154 
HIS HE1  H  N N 155 
HIS HE2  H  N N 156 
HIS HXT  H  N N 157 
HOH O    O  N N 158 
HOH H1   H  N N 159 
HOH H2   H  N N 160 
ILE N    N  N N 161 
ILE CA   C  N S 162 
ILE C    C  N N 163 
ILE O    O  N N 164 
ILE CB   C  N S 165 
ILE CG1  C  N N 166 
ILE CG2  C  N N 167 
ILE CD1  C  N N 168 
ILE OXT  O  N N 169 
ILE H    H  N N 170 
ILE H2   H  N N 171 
ILE HA   H  N N 172 
ILE HB   H  N N 173 
ILE HG12 H  N N 174 
ILE HG13 H  N N 175 
ILE HG21 H  N N 176 
ILE HG22 H  N N 177 
ILE HG23 H  N N 178 
ILE HD11 H  N N 179 
ILE HD12 H  N N 180 
ILE HD13 H  N N 181 
ILE HXT  H  N N 182 
LEU N    N  N N 183 
LEU CA   C  N S 184 
LEU C    C  N N 185 
LEU O    O  N N 186 
LEU CB   C  N N 187 
LEU CG   C  N N 188 
LEU CD1  C  N N 189 
LEU CD2  C  N N 190 
LEU OXT  O  N N 191 
LEU H    H  N N 192 
LEU H2   H  N N 193 
LEU HA   H  N N 194 
LEU HB2  H  N N 195 
LEU HB3  H  N N 196 
LEU HG   H  N N 197 
LEU HD11 H  N N 198 
LEU HD12 H  N N 199 
LEU HD13 H  N N 200 
LEU HD21 H  N N 201 
LEU HD22 H  N N 202 
LEU HD23 H  N N 203 
LEU HXT  H  N N 204 
LYS N    N  N N 205 
LYS CA   C  N S 206 
LYS C    C  N N 207 
LYS O    O  N N 208 
LYS CB   C  N N 209 
LYS CG   C  N N 210 
LYS CD   C  N N 211 
LYS CE   C  N N 212 
LYS NZ   N  N N 213 
LYS OXT  O  N N 214 
LYS H    H  N N 215 
LYS H2   H  N N 216 
LYS HA   H  N N 217 
LYS HB2  H  N N 218 
LYS HB3  H  N N 219 
LYS HG2  H  N N 220 
LYS HG3  H  N N 221 
LYS HD2  H  N N 222 
LYS HD3  H  N N 223 
LYS HE2  H  N N 224 
LYS HE3  H  N N 225 
LYS HZ1  H  N N 226 
LYS HZ2  H  N N 227 
LYS HZ3  H  N N 228 
LYS HXT  H  N N 229 
MET N    N  N N 230 
MET CA   C  N S 231 
MET C    C  N N 232 
MET O    O  N N 233 
MET CB   C  N N 234 
MET CG   C  N N 235 
MET SD   S  N N 236 
MET CE   C  N N 237 
MET OXT  O  N N 238 
MET H    H  N N 239 
MET H2   H  N N 240 
MET HA   H  N N 241 
MET HB2  H  N N 242 
MET HB3  H  N N 243 
MET HG2  H  N N 244 
MET HG3  H  N N 245 
MET HE1  H  N N 246 
MET HE2  H  N N 247 
MET HE3  H  N N 248 
MET HXT  H  N N 249 
NI  NI   NI N N 250 
PHE N    N  N N 251 
PHE CA   C  N S 252 
PHE C    C  N N 253 
PHE O    O  N N 254 
PHE CB   C  N N 255 
PHE CG   C  Y N 256 
PHE CD1  C  Y N 257 
PHE CD2  C  Y N 258 
PHE CE1  C  Y N 259 
PHE CE2  C  Y N 260 
PHE CZ   C  Y N 261 
PHE OXT  O  N N 262 
PHE H    H  N N 263 
PHE H2   H  N N 264 
PHE HA   H  N N 265 
PHE HB2  H  N N 266 
PHE HB3  H  N N 267 
PHE HD1  H  N N 268 
PHE HD2  H  N N 269 
PHE HE1  H  N N 270 
PHE HE2  H  N N 271 
PHE HZ   H  N N 272 
PHE HXT  H  N N 273 
PRO N    N  N N 274 
PRO CA   C  N S 275 
PRO C    C  N N 276 
PRO O    O  N N 277 
PRO CB   C  N N 278 
PRO CG   C  N N 279 
PRO CD   C  N N 280 
PRO OXT  O  N N 281 
PRO H    H  N N 282 
PRO HA   H  N N 283 
PRO HB2  H  N N 284 
PRO HB3  H  N N 285 
PRO HG2  H  N N 286 
PRO HG3  H  N N 287 
PRO HD2  H  N N 288 
PRO HD3  H  N N 289 
PRO HXT  H  N N 290 
SER N    N  N N 291 
SER CA   C  N S 292 
SER C    C  N N 293 
SER O    O  N N 294 
SER CB   C  N N 295 
SER OG   O  N N 296 
SER OXT  O  N N 297 
SER H    H  N N 298 
SER H2   H  N N 299 
SER HA   H  N N 300 
SER HB2  H  N N 301 
SER HB3  H  N N 302 
SER HG   H  N N 303 
SER HXT  H  N N 304 
THR N    N  N N 305 
THR CA   C  N S 306 
THR C    C  N N 307 
THR O    O  N N 308 
THR CB   C  N R 309 
THR OG1  O  N N 310 
THR CG2  C  N N 311 
THR OXT  O  N N 312 
THR H    H  N N 313 
THR H2   H  N N 314 
THR HA   H  N N 315 
THR HB   H  N N 316 
THR HG1  H  N N 317 
THR HG21 H  N N 318 
THR HG22 H  N N 319 
THR HG23 H  N N 320 
THR HXT  H  N N 321 
TRP N    N  N N 322 
TRP CA   C  N S 323 
TRP C    C  N N 324 
TRP O    O  N N 325 
TRP CB   C  N N 326 
TRP CG   C  Y N 327 
TRP CD1  C  Y N 328 
TRP CD2  C  Y N 329 
TRP NE1  N  Y N 330 
TRP CE2  C  Y N 331 
TRP CE3  C  Y N 332 
TRP CZ2  C  Y N 333 
TRP CZ3  C  Y N 334 
TRP CH2  C  Y N 335 
TRP OXT  O  N N 336 
TRP H    H  N N 337 
TRP H2   H  N N 338 
TRP HA   H  N N 339 
TRP HB2  H  N N 340 
TRP HB3  H  N N 341 
TRP HD1  H  N N 342 
TRP HE1  H  N N 343 
TRP HE3  H  N N 344 
TRP HZ2  H  N N 345 
TRP HZ3  H  N N 346 
TRP HH2  H  N N 347 
TRP HXT  H  N N 348 
TYR N    N  N N 349 
TYR CA   C  N S 350 
TYR C    C  N N 351 
TYR O    O  N N 352 
TYR CB   C  N N 353 
TYR CG   C  Y N 354 
TYR CD1  C  Y N 355 
TYR CD2  C  Y N 356 
TYR CE1  C  Y N 357 
TYR CE2  C  Y N 358 
TYR CZ   C  Y N 359 
TYR OH   O  N N 360 
TYR OXT  O  N N 361 
TYR H    H  N N 362 
TYR H2   H  N N 363 
TYR HA   H  N N 364 
TYR HB2  H  N N 365 
TYR HB3  H  N N 366 
TYR HD1  H  N N 367 
TYR HD2  H  N N 368 
TYR HE1  H  N N 369 
TYR HE2  H  N N 370 
TYR HH   H  N N 371 
TYR HXT  H  N N 372 
VAL N    N  N N 373 
VAL CA   C  N S 374 
VAL C    C  N N 375 
VAL O    O  N N 376 
VAL CB   C  N N 377 
VAL CG1  C  N N 378 
VAL CG2  C  N N 379 
VAL OXT  O  N N 380 
VAL H    H  N N 381 
VAL H2   H  N N 382 
VAL HA   H  N N 383 
VAL HB   H  N N 384 
VAL HG11 H  N N 385 
VAL HG12 H  N N 386 
VAL HG13 H  N N 387 
VAL HG21 H  N N 388 
VAL HG22 H  N N 389 
VAL HG23 H  N N 390 
VAL HXT  H  N N 391 
# 
loop_
_chem_comp_bond.comp_id 
_chem_comp_bond.atom_id_1 
_chem_comp_bond.atom_id_2 
_chem_comp_bond.value_order 
_chem_comp_bond.pdbx_aromatic_flag 
_chem_comp_bond.pdbx_stereo_config 
_chem_comp_bond.pdbx_ordinal 
ALA N   CA   sing N N 1   
ALA N   H    sing N N 2   
ALA N   H2   sing N N 3   
ALA CA  C    sing N N 4   
ALA CA  CB   sing N N 5   
ALA CA  HA   sing N N 6   
ALA C   O    doub N N 7   
ALA C   OXT  sing N N 8   
ALA CB  HB1  sing N N 9   
ALA CB  HB2  sing N N 10  
ALA CB  HB3  sing N N 11  
ALA OXT HXT  sing N N 12  
ARG N   CA   sing N N 13  
ARG N   H    sing N N 14  
ARG N   H2   sing N N 15  
ARG CA  C    sing N N 16  
ARG CA  CB   sing N N 17  
ARG CA  HA   sing N N 18  
ARG C   O    doub N N 19  
ARG C   OXT  sing N N 20  
ARG CB  CG   sing N N 21  
ARG CB  HB2  sing N N 22  
ARG CB  HB3  sing N N 23  
ARG CG  CD   sing N N 24  
ARG CG  HG2  sing N N 25  
ARG CG  HG3  sing N N 26  
ARG CD  NE   sing N N 27  
ARG CD  HD2  sing N N 28  
ARG CD  HD3  sing N N 29  
ARG NE  CZ   sing N N 30  
ARG NE  HE   sing N N 31  
ARG CZ  NH1  sing N N 32  
ARG CZ  NH2  doub N N 33  
ARG NH1 HH11 sing N N 34  
ARG NH1 HH12 sing N N 35  
ARG NH2 HH21 sing N N 36  
ARG NH2 HH22 sing N N 37  
ARG OXT HXT  sing N N 38  
ASN N   CA   sing N N 39  
ASN N   H    sing N N 40  
ASN N   H2   sing N N 41  
ASN CA  C    sing N N 42  
ASN CA  CB   sing N N 43  
ASN CA  HA   sing N N 44  
ASN C   O    doub N N 45  
ASN C   OXT  sing N N 46  
ASN CB  CG   sing N N 47  
ASN CB  HB2  sing N N 48  
ASN CB  HB3  sing N N 49  
ASN CG  OD1  doub N N 50  
ASN CG  ND2  sing N N 51  
ASN ND2 HD21 sing N N 52  
ASN ND2 HD22 sing N N 53  
ASN OXT HXT  sing N N 54  
ASP N   CA   sing N N 55  
ASP N   H    sing N N 56  
ASP N   H2   sing N N 57  
ASP CA  C    sing N N 58  
ASP CA  CB   sing N N 59  
ASP CA  HA   sing N N 60  
ASP C   O    doub N N 61  
ASP C   OXT  sing N N 62  
ASP CB  CG   sing N N 63  
ASP CB  HB2  sing N N 64  
ASP CB  HB3  sing N N 65  
ASP CG  OD1  doub N N 66  
ASP CG  OD2  sing N N 67  
ASP OD2 HD2  sing N N 68  
ASP OXT HXT  sing N N 69  
CYS N   CA   sing N N 70  
CYS N   H    sing N N 71  
CYS N   H2   sing N N 72  
CYS CA  C    sing N N 73  
CYS CA  CB   sing N N 74  
CYS CA  HA   sing N N 75  
CYS C   O    doub N N 76  
CYS C   OXT  sing N N 77  
CYS CB  SG   sing N N 78  
CYS CB  HB2  sing N N 79  
CYS CB  HB3  sing N N 80  
CYS SG  HG   sing N N 81  
CYS OXT HXT  sing N N 82  
GLN N   CA   sing N N 83  
GLN N   H    sing N N 84  
GLN N   H2   sing N N 85  
GLN CA  C    sing N N 86  
GLN CA  CB   sing N N 87  
GLN CA  HA   sing N N 88  
GLN C   O    doub N N 89  
GLN C   OXT  sing N N 90  
GLN CB  CG   sing N N 91  
GLN CB  HB2  sing N N 92  
GLN CB  HB3  sing N N 93  
GLN CG  CD   sing N N 94  
GLN CG  HG2  sing N N 95  
GLN CG  HG3  sing N N 96  
GLN CD  OE1  doub N N 97  
GLN CD  NE2  sing N N 98  
GLN NE2 HE21 sing N N 99  
GLN NE2 HE22 sing N N 100 
GLN OXT HXT  sing N N 101 
GLU N   CA   sing N N 102 
GLU N   H    sing N N 103 
GLU N   H2   sing N N 104 
GLU CA  C    sing N N 105 
GLU CA  CB   sing N N 106 
GLU CA  HA   sing N N 107 
GLU C   O    doub N N 108 
GLU C   OXT  sing N N 109 
GLU CB  CG   sing N N 110 
GLU CB  HB2  sing N N 111 
GLU CB  HB3  sing N N 112 
GLU CG  CD   sing N N 113 
GLU CG  HG2  sing N N 114 
GLU CG  HG3  sing N N 115 
GLU CD  OE1  doub N N 116 
GLU CD  OE2  sing N N 117 
GLU OE2 HE2  sing N N 118 
GLU OXT HXT  sing N N 119 
GLY N   CA   sing N N 120 
GLY N   H    sing N N 121 
GLY N   H2   sing N N 122 
GLY CA  C    sing N N 123 
GLY CA  HA2  sing N N 124 
GLY CA  HA3  sing N N 125 
GLY C   O    doub N N 126 
GLY C   OXT  sing N N 127 
GLY OXT HXT  sing N N 128 
HIS N   CA   sing N N 129 
HIS N   H    sing N N 130 
HIS N   H2   sing N N 131 
HIS CA  C    sing N N 132 
HIS CA  CB   sing N N 133 
HIS CA  HA   sing N N 134 
HIS C   O    doub N N 135 
HIS C   OXT  sing N N 136 
HIS CB  CG   sing N N 137 
HIS CB  HB2  sing N N 138 
HIS CB  HB3  sing N N 139 
HIS CG  ND1  sing Y N 140 
HIS CG  CD2  doub Y N 141 
HIS ND1 CE1  doub Y N 142 
HIS ND1 HD1  sing N N 143 
HIS CD2 NE2  sing Y N 144 
HIS CD2 HD2  sing N N 145 
HIS CE1 NE2  sing Y N 146 
HIS CE1 HE1  sing N N 147 
HIS NE2 HE2  sing N N 148 
HIS OXT HXT  sing N N 149 
HOH O   H1   sing N N 150 
HOH O   H2   sing N N 151 
ILE N   CA   sing N N 152 
ILE N   H    sing N N 153 
ILE N   H2   sing N N 154 
ILE CA  C    sing N N 155 
ILE CA  CB   sing N N 156 
ILE CA  HA   sing N N 157 
ILE C   O    doub N N 158 
ILE C   OXT  sing N N 159 
ILE CB  CG1  sing N N 160 
ILE CB  CG2  sing N N 161 
ILE CB  HB   sing N N 162 
ILE CG1 CD1  sing N N 163 
ILE CG1 HG12 sing N N 164 
ILE CG1 HG13 sing N N 165 
ILE CG2 HG21 sing N N 166 
ILE CG2 HG22 sing N N 167 
ILE CG2 HG23 sing N N 168 
ILE CD1 HD11 sing N N 169 
ILE CD1 HD12 sing N N 170 
ILE CD1 HD13 sing N N 171 
ILE OXT HXT  sing N N 172 
LEU N   CA   sing N N 173 
LEU N   H    sing N N 174 
LEU N   H2   sing N N 175 
LEU CA  C    sing N N 176 
LEU CA  CB   sing N N 177 
LEU CA  HA   sing N N 178 
LEU C   O    doub N N 179 
LEU C   OXT  sing N N 180 
LEU CB  CG   sing N N 181 
LEU CB  HB2  sing N N 182 
LEU CB  HB3  sing N N 183 
LEU CG  CD1  sing N N 184 
LEU CG  CD2  sing N N 185 
LEU CG  HG   sing N N 186 
LEU CD1 HD11 sing N N 187 
LEU CD1 HD12 sing N N 188 
LEU CD1 HD13 sing N N 189 
LEU CD2 HD21 sing N N 190 
LEU CD2 HD22 sing N N 191 
LEU CD2 HD23 sing N N 192 
LEU OXT HXT  sing N N 193 
LYS N   CA   sing N N 194 
LYS N   H    sing N N 195 
LYS N   H2   sing N N 196 
LYS CA  C    sing N N 197 
LYS CA  CB   sing N N 198 
LYS CA  HA   sing N N 199 
LYS C   O    doub N N 200 
LYS C   OXT  sing N N 201 
LYS CB  CG   sing N N 202 
LYS CB  HB2  sing N N 203 
LYS CB  HB3  sing N N 204 
LYS CG  CD   sing N N 205 
LYS CG  HG2  sing N N 206 
LYS CG  HG3  sing N N 207 
LYS CD  CE   sing N N 208 
LYS CD  HD2  sing N N 209 
LYS CD  HD3  sing N N 210 
LYS CE  NZ   sing N N 211 
LYS CE  HE2  sing N N 212 
LYS CE  HE3  sing N N 213 
LYS NZ  HZ1  sing N N 214 
LYS NZ  HZ2  sing N N 215 
LYS NZ  HZ3  sing N N 216 
LYS OXT HXT  sing N N 217 
MET N   CA   sing N N 218 
MET N   H    sing N N 219 
MET N   H2   sing N N 220 
MET CA  C    sing N N 221 
MET CA  CB   sing N N 222 
MET CA  HA   sing N N 223 
MET C   O    doub N N 224 
MET C   OXT  sing N N 225 
MET CB  CG   sing N N 226 
MET CB  HB2  sing N N 227 
MET CB  HB3  sing N N 228 
MET CG  SD   sing N N 229 
MET CG  HG2  sing N N 230 
MET CG  HG3  sing N N 231 
MET SD  CE   sing N N 232 
MET CE  HE1  sing N N 233 
MET CE  HE2  sing N N 234 
MET CE  HE3  sing N N 235 
MET OXT HXT  sing N N 236 
PHE N   CA   sing N N 237 
PHE N   H    sing N N 238 
PHE N   H2   sing N N 239 
PHE CA  C    sing N N 240 
PHE CA  CB   sing N N 241 
PHE CA  HA   sing N N 242 
PHE C   O    doub N N 243 
PHE C   OXT  sing N N 244 
PHE CB  CG   sing N N 245 
PHE CB  HB2  sing N N 246 
PHE CB  HB3  sing N N 247 
PHE CG  CD1  doub Y N 248 
PHE CG  CD2  sing Y N 249 
PHE CD1 CE1  sing Y N 250 
PHE CD1 HD1  sing N N 251 
PHE CD2 CE2  doub Y N 252 
PHE CD2 HD2  sing N N 253 
PHE CE1 CZ   doub Y N 254 
PHE CE1 HE1  sing N N 255 
PHE CE2 CZ   sing Y N 256 
PHE CE2 HE2  sing N N 257 
PHE CZ  HZ   sing N N 258 
PHE OXT HXT  sing N N 259 
PRO N   CA   sing N N 260 
PRO N   CD   sing N N 261 
PRO N   H    sing N N 262 
PRO CA  C    sing N N 263 
PRO CA  CB   sing N N 264 
PRO CA  HA   sing N N 265 
PRO C   O    doub N N 266 
PRO C   OXT  sing N N 267 
PRO CB  CG   sing N N 268 
PRO CB  HB2  sing N N 269 
PRO CB  HB3  sing N N 270 
PRO CG  CD   sing N N 271 
PRO CG  HG2  sing N N 272 
PRO CG  HG3  sing N N 273 
PRO CD  HD2  sing N N 274 
PRO CD  HD3  sing N N 275 
PRO OXT HXT  sing N N 276 
SER N   CA   sing N N 277 
SER N   H    sing N N 278 
SER N   H2   sing N N 279 
SER CA  C    sing N N 280 
SER CA  CB   sing N N 281 
SER CA  HA   sing N N 282 
SER C   O    doub N N 283 
SER C   OXT  sing N N 284 
SER CB  OG   sing N N 285 
SER CB  HB2  sing N N 286 
SER CB  HB3  sing N N 287 
SER OG  HG   sing N N 288 
SER OXT HXT  sing N N 289 
THR N   CA   sing N N 290 
THR N   H    sing N N 291 
THR N   H2   sing N N 292 
THR CA  C    sing N N 293 
THR CA  CB   sing N N 294 
THR CA  HA   sing N N 295 
THR C   O    doub N N 296 
THR C   OXT  sing N N 297 
THR CB  OG1  sing N N 298 
THR CB  CG2  sing N N 299 
THR CB  HB   sing N N 300 
THR OG1 HG1  sing N N 301 
THR CG2 HG21 sing N N 302 
THR CG2 HG22 sing N N 303 
THR CG2 HG23 sing N N 304 
THR OXT HXT  sing N N 305 
TRP N   CA   sing N N 306 
TRP N   H    sing N N 307 
TRP N   H2   sing N N 308 
TRP CA  C    sing N N 309 
TRP CA  CB   sing N N 310 
TRP CA  HA   sing N N 311 
TRP C   O    doub N N 312 
TRP C   OXT  sing N N 313 
TRP CB  CG   sing N N 314 
TRP CB  HB2  sing N N 315 
TRP CB  HB3  sing N N 316 
TRP CG  CD1  doub Y N 317 
TRP CG  CD2  sing Y N 318 
TRP CD1 NE1  sing Y N 319 
TRP CD1 HD1  sing N N 320 
TRP CD2 CE2  doub Y N 321 
TRP CD2 CE3  sing Y N 322 
TRP NE1 CE2  sing Y N 323 
TRP NE1 HE1  sing N N 324 
TRP CE2 CZ2  sing Y N 325 
TRP CE3 CZ3  doub Y N 326 
TRP CE3 HE3  sing N N 327 
TRP CZ2 CH2  doub Y N 328 
TRP CZ2 HZ2  sing N N 329 
TRP CZ3 CH2  sing Y N 330 
TRP CZ3 HZ3  sing N N 331 
TRP CH2 HH2  sing N N 332 
TRP OXT HXT  sing N N 333 
TYR N   CA   sing N N 334 
TYR N   H    sing N N 335 
TYR N   H2   sing N N 336 
TYR CA  C    sing N N 337 
TYR CA  CB   sing N N 338 
TYR CA  HA   sing N N 339 
TYR C   O    doub N N 340 
TYR C   OXT  sing N N 341 
TYR CB  CG   sing N N 342 
TYR CB  HB2  sing N N 343 
TYR CB  HB3  sing N N 344 
TYR CG  CD1  doub Y N 345 
TYR CG  CD2  sing Y N 346 
TYR CD1 CE1  sing Y N 347 
TYR CD1 HD1  sing N N 348 
TYR CD2 CE2  doub Y N 349 
TYR CD2 HD2  sing N N 350 
TYR CE1 CZ   doub Y N 351 
TYR CE1 HE1  sing N N 352 
TYR CE2 CZ   sing Y N 353 
TYR CE2 HE2  sing N N 354 
TYR CZ  OH   sing N N 355 
TYR OH  HH   sing N N 356 
TYR OXT HXT  sing N N 357 
VAL N   CA   sing N N 358 
VAL N   H    sing N N 359 
VAL N   H2   sing N N 360 
VAL CA  C    sing N N 361 
VAL CA  CB   sing N N 362 
VAL CA  HA   sing N N 363 
VAL C   O    doub N N 364 
VAL C   OXT  sing N N 365 
VAL CB  CG1  sing N N 366 
VAL CB  CG2  sing N N 367 
VAL CB  HB   sing N N 368 
VAL CG1 HG11 sing N N 369 
VAL CG1 HG12 sing N N 370 
VAL CG1 HG13 sing N N 371 
VAL CG2 HG21 sing N N 372 
VAL CG2 HG22 sing N N 373 
VAL CG2 HG23 sing N N 374 
VAL OXT HXT  sing N N 375 
# 
_atom_sites.entry_id                    1UMH 
_atom_sites.fract_transf_matrix[1][1]   -0.00272469 
_atom_sites.fract_transf_matrix[1][2]   -0.01165410 
_atom_sites.fract_transf_matrix[1][3]   -0.01409704 
_atom_sites.fract_transf_matrix[2][1]   -0.00532494 
_atom_sites.fract_transf_matrix[2][2]   -0.01740216 
_atom_sites.fract_transf_matrix[2][3]   0.00328645 
_atom_sites.fract_transf_matrix[3][1]   -0.00816388 
_atom_sites.fract_transf_matrix[3][2]   0.00241850 
_atom_sites.fract_transf_matrix[3][3]   -0.00042146 
_atom_sites.fract_transf_vector[1]      0.478953 
_atom_sites.fract_transf_vector[2]      0.576523 
_atom_sites.fract_transf_vector[3]      0.218697 
# 
loop_
_atom_type.symbol 
C  
N  
NI 
O  
S  
# 
loop_
_atom_site.group_PDB 
_atom_site.id 
_atom_site.type_symbol 
_atom_site.label_atom_id 
_atom_site.label_alt_id 
_atom_site.label_comp_id 
_atom_site.label_asym_id 
_atom_site.label_entity_id 
_atom_site.label_seq_id 
_atom_site.pdbx_PDB_ins_code 
_atom_site.Cartn_x 
_atom_site.Cartn_y 
_atom_site.Cartn_z 
_atom_site.occupancy 
_atom_site.B_iso_or_equiv 
_atom_site.pdbx_formal_charge 
_atom_site.auth_seq_id 
_atom_site.auth_comp_id 
_atom_site.auth_asym_id 
_atom_site.auth_atom_id 
_atom_site.pdbx_PDB_model_num 
ATOM   1    N  N   . GLY A 1 1   ? 7.116   -20.059 23.631  1.00 37.07 ? 114 GLY A N   1 
ATOM   2    C  CA  . GLY A 1 1   ? 5.951   -20.975 23.243  1.00 34.80 ? 114 GLY A CA  1 
ATOM   3    C  C   . GLY A 1 1   ? 4.413   -20.653 23.228  1.00 35.31 ? 114 GLY A C   1 
ATOM   4    O  O   . GLY A 1 1   ? 3.561   -21.442 22.851  1.00 35.26 ? 114 GLY A O   1 
ATOM   5    N  N   . SER A 1 2   ? 4.059   -19.447 23.647  1.00 33.16 ? 115 SER A N   1 
ATOM   6    C  CA  . SER A 1 2   ? 2.792   -18.760 23.602  1.00 30.12 ? 115 SER A CA  1 
ATOM   7    C  C   . SER A 1 2   ? 2.472   -18.290 22.141  1.00 27.57 ? 115 SER A C   1 
ATOM   8    O  O   . SER A 1 2   ? 3.384   -18.010 21.334  1.00 24.13 ? 115 SER A O   1 
ATOM   9    C  CB  . SER A 1 2   ? 2.991   -17.472 24.573  1.00 31.10 ? 115 SER A CB  1 
ATOM   10   O  OG  . SER A 1 2   ? 4.425   -16.957 24.618  1.00 31.87 ? 115 SER A OG  1 
ATOM   11   N  N   . HIS A 1 3   ? 1.181   -18.118 21.812  1.00 26.65 ? 116 HIS A N   1 
ATOM   12   C  CA  . HIS A 1 3   ? 0.765   -17.534 20.553  1.00 25.89 ? 116 HIS A CA  1 
ATOM   13   C  C   . HIS A 1 3   ? 1.395   -16.188 20.248  1.00 24.98 ? 116 HIS A C   1 
ATOM   14   O  O   . HIS A 1 3   ? 1.648   -15.910 19.133  1.00 24.43 ? 116 HIS A O   1 
ATOM   15   C  CB  . HIS A 1 3   ? -0.747  -17.354 20.327  1.00 27.47 ? 116 HIS A CB  1 
ATOM   16   C  CG  . HIS A 1 3   ? -1.181  -18.035 19.075  1.00 34.69 ? 116 HIS A CG  1 
ATOM   17   N  ND1 . HIS A 1 3   ? -1.832  -19.253 19.127  1.00 44.72 ? 116 HIS A ND1 1 
ATOM   18   C  CD2 . HIS A 1 3   ? -0.797  -17.883 17.791  1.00 17.48 ? 116 HIS A CD2 1 
ATOM   19   C  CE1 . HIS A 1 3   ? -1.992  -19.689 17.895  1.00 41.17 ? 116 HIS A CE1 1 
ATOM   20   N  NE2 . HIS A 1 3   ? -1.284  -18.920 17.094  1.00 39.04 ? 116 HIS A NE2 1 
ATOM   21   N  N   . PHE A 1 4   ? 1.538   -15.323 21.227  1.00 24.38 ? 117 PHE A N   1 
ATOM   22   C  CA  . PHE A 1 4   ? 2.108   -14.014 20.986  1.00 24.84 ? 117 PHE A CA  1 
ATOM   23   C  C   . PHE A 1 4   ? 3.500   -14.122 20.363  1.00 22.28 ? 117 PHE A C   1 
ATOM   24   O  O   . PHE A 1 4   ? 3.850   -13.384 19.466  1.00 21.46 ? 117 PHE A O   1 
ATOM   25   C  CB  . PHE A 1 4   ? 2.125   -13.270 22.320  1.00 27.46 ? 117 PHE A CB  1 
ATOM   26   C  CG  . PHE A 1 4   ? 2.358   -11.829 22.150  1.00 29.69 ? 117 PHE A CG  1 
ATOM   27   C  CD1 . PHE A 1 4   ? 1.283   -10.931 22.142  1.00 32.54 ? 117 PHE A CD1 1 
ATOM   28   C  CD2 . PHE A 1 4   ? 3.646   -11.339 21.953  1.00 32.92 ? 117 PHE A CD2 1 
ATOM   29   C  CE1 . PHE A 1 4   ? 1.540   -9.527  21.981  1.00 33.25 ? 117 PHE A CE1 1 
ATOM   30   C  CE2 . PHE A 1 4   ? 3.869   -9.924  21.754  1.00 28.49 ? 117 PHE A CE2 1 
ATOM   31   C  CZ  . PHE A 1 4   ? 2.796   -9.057  21.769  1.00 29.35 ? 117 PHE A CZ  1 
ATOM   32   N  N   . TYR A 1 5   ? 4.271   -15.077 20.855  1.00 21.79 ? 118 TYR A N   1 
ATOM   33   C  CA  . TYR A 1 5   ? 5.623   -15.407 20.390  1.00 21.56 ? 118 TYR A CA  1 
ATOM   34   C  C   . TYR A 1 5   ? 5.643   -15.874 18.978  1.00 22.43 ? 118 TYR A C   1 
ATOM   35   O  O   . TYR A 1 5   ? 6.403   -15.324 18.184  1.00 21.72 ? 118 TYR A O   1 
ATOM   36   C  CB  . TYR A 1 5   ? 6.278   -16.389 21.403  1.00 22.02 ? 118 TYR A CB  1 
ATOM   37   C  CG  . TYR A 1 5   ? 7.486   -17.027 20.918  1.00 23.90 ? 118 TYR A CG  1 
ATOM   38   C  CD1 . TYR A 1 5   ? 8.714   -16.372 20.929  1.00 26.57 ? 118 TYR A CD1 1 
ATOM   39   C  CD2 . TYR A 1 5   ? 7.431   -18.281 20.342  1.00 28.56 ? 118 TYR A CD2 1 
ATOM   40   C  CE1 . TYR A 1 5   ? 9.889   -16.978 20.424  1.00 26.30 ? 118 TYR A CE1 1 
ATOM   41   C  CE2 . TYR A 1 5   ? 8.579   -18.860 19.813  1.00 30.26 ? 118 TYR A CE2 1 
ATOM   42   C  CZ  . TYR A 1 5   ? 9.818   -18.222 19.882  1.00 31.62 ? 118 TYR A CZ  1 
ATOM   43   O  OH  . TYR A 1 5   ? 10.959  -18.868 19.368  1.00 31.41 ? 118 TYR A OH  1 
ATOM   44   N  N   . PHE A 1 6   ? 4.758   -16.804 18.607  1.00 21.86 ? 119 PHE A N   1 
ATOM   45   C  CA  . PHE A 1 6   ? 4.734   -17.315 17.232  1.00 22.45 ? 119 PHE A CA  1 
ATOM   46   C  C   . PHE A 1 6   ? 4.290   -16.289 16.206  1.00 21.80 ? 119 PHE A C   1 
ATOM   47   O  O   . PHE A 1 6   ? 4.878   -16.186 15.166  1.00 22.51 ? 119 PHE A O   1 
ATOM   48   C  CB  . PHE A 1 6   ? 3.802   -18.553 17.142  1.00 24.55 ? 119 PHE A CB  1 
ATOM   49   C  CG  . PHE A 1 6   ? 4.389   -19.770 17.817  1.00 23.83 ? 119 PHE A CG  1 
ATOM   50   C  CD1 . PHE A 1 6   ? 3.813   -20.323 18.938  1.00 26.44 ? 119 PHE A CD1 1 
ATOM   51   C  CD2 . PHE A 1 6   ? 5.559   -20.324 17.341  1.00 26.75 ? 119 PHE A CD2 1 
ATOM   52   C  CE1 . PHE A 1 6   ? 4.404   -21.425 19.575  1.00 27.62 ? 119 PHE A CE1 1 
ATOM   53   C  CE2 . PHE A 1 6   ? 6.157   -21.451 17.970  1.00 29.88 ? 119 PHE A CE2 1 
ATOM   54   C  CZ  . PHE A 1 6   ? 5.563   -21.993 19.079  1.00 26.87 ? 119 PHE A CZ  1 
ATOM   55   N  N   . LEU A 1 7   ? 3.283   -15.510 16.528  1.00 21.01 ? 120 LEU A N   1 
ATOM   56   C  CA  . LEU A 1 7   ? 2.798   -14.499 15.595  1.00 22.60 ? 120 LEU A CA  1 
ATOM   57   C  C   . LEU A 1 7   ? 3.829   -13.393 15.443  1.00 21.52 ? 120 LEU A C   1 
ATOM   58   O  O   . LEU A 1 7   ? 4.033   -12.892 14.350  1.00 21.93 ? 120 LEU A O   1 
ATOM   59   C  CB  . LEU A 1 7   ? 1.485   -13.890 16.126  1.00 23.33 ? 120 LEU A CB  1 
ATOM   60   C  CG  . LEU A 1 7   ? 0.286   -14.817 16.037  1.00 27.40 ? 120 LEU A CG  1 
ATOM   61   C  CD1 . LEU A 1 7   ? -0.899  -14.187 16.699  1.00 30.98 ? 120 LEU A CD1 1 
ATOM   62   C  CD2 . LEU A 1 7   ? -0.030  -15.127 14.609  1.00 32.41 ? 120 LEU A CD2 1 
ATOM   63   N  N   . SER A 1 8   ? 4.512   -13.066 16.524  1.00 20.95 ? 121 SER A N   1 
ATOM   64   C  CA  . SER A 1 8   ? 5.654   -12.106 16.446  1.00 21.73 ? 121 SER A CA  1 
ATOM   65   C  C   . SER A 1 8   ? 6.748   -12.654 15.561  1.00 21.98 ? 121 SER A C   1 
ATOM   66   O  O   . SER A 1 8   ? 7.294   -11.953 14.716  1.00 21.92 ? 121 SER A O   1 
ATOM   67   C  CB  . SER A 1 8   ? 6.189   -11.774 17.839  1.00 20.28 ? 121 SER A CB  1 
ATOM   68   O  OG  . SER A 1 8   ? 5.237   -11.051 18.585  1.00 24.71 ? 121 SER A OG  1 
ATOM   69   N  N   . LYS A 1 9   ? 6.997   -13.950 15.636  1.00 21.75 ? 122 LYS A N   1 
ATOM   70   C  CA  . LYS A 1 9   ? 8.085   -14.538 14.869  1.00 22.33 ? 122 LYS A CA  1 
ATOM   71   C  C   . LYS A 1 9   ? 7.751   -14.679 13.425  1.00 23.05 ? 122 LYS A C   1 
ATOM   72   O  O   . LYS A 1 9   ? 8.620   -14.599 12.579  1.00 22.14 ? 122 LYS A O   1 
ATOM   73   C  CB  . LYS A 1 9   ? 8.425   -15.906 15.431  1.00 23.17 ? 122 LYS A CB  1 
ATOM   74   C  CG  . LYS A 1 9   ? 9.708   -16.475 14.859  1.00 30.71 ? 122 LYS A CG  1 
ATOM   75   C  CD  . LYS A 1 9   ? 10.265  -17.603 15.724  1.00 38.49 ? 122 LYS A CD  1 
ATOM   76   C  CE  . LYS A 1 9   ? 11.733  -17.926 15.257  1.00 42.51 ? 122 LYS A CE  1 
ATOM   77   N  NZ  . LYS A 1 9   ? 12.269  -18.957 16.173  1.00 45.07 ? 122 LYS A NZ  1 
ATOM   78   N  N   . ARG A 1 10  ? 6.464   -14.827 13.115  1.00 23.75 ? 123 ARG A N   1 
ATOM   79   C  CA  . ARG A 1 10  ? 6.053   -15.019 11.722  1.00 24.17 ? 123 ARG A CA  1 
ATOM   80   C  C   . ARG A 1 10  ? 5.676   -13.716 11.039  1.00 23.81 ? 123 ARG A C   1 
ATOM   81   O  O   . ARG A 1 10  ? 5.265   -13.737 9.909   1.00 24.53 ? 123 ARG A O   1 
ATOM   82   C  CB  . ARG A 1 10  ? 4.843   -15.995 11.699  1.00 23.31 ? 123 ARG A CB  1 
ATOM   83   C  CG  . ARG A 1 10  ? 5.254   -17.394 12.004  1.00 27.39 ? 123 ARG A CG  1 
ATOM   84   C  CD  . ARG A 1 10  ? 4.128   -18.404 11.903  1.00 27.26 ? 123 ARG A CD  1 
ATOM   85   N  NE  . ARG A 1 10  ? 3.590   -18.501 10.556  1.00 27.81 ? 123 ARG A NE  1 
ATOM   86   C  CZ  . ARG A 1 10  ? 4.086   -19.144 9.503   1.00 33.78 ? 123 ARG A CZ  1 
ATOM   87   N  NH1 . ARG A 1 10  ? 5.218   -19.890 9.541   1.00 35.17 ? 123 ARG A NH1 1 
ATOM   88   N  NH2 . ARG A 1 10  ? 3.367   -19.078 8.370   1.00 29.40 ? 123 ARG A NH2 1 
ATOM   89   N  N   . ARG A 1 11  ? 5.793   -12.591 11.738  1.00 24.18 ? 124 ARG A N   1 
ATOM   90   C  CA  . ARG A 1 11  ? 5.414   -11.325 11.166  1.00 24.38 ? 124 ARG A CA  1 
ATOM   91   C  C   . ARG A 1 11  ? 6.286   -11.018 9.965   1.00 24.92 ? 124 ARG A C   1 
ATOM   92   O  O   . ARG A 1 11  ? 7.522   -11.072 10.032  1.00 23.04 ? 124 ARG A O   1 
ATOM   93   C  CB  . ARG A 1 11  ? 5.504   -10.254 12.241  1.00 24.81 ? 124 ARG A CB  1 
ATOM   94   C  CG  . ARG A 1 11  ? 4.967   -8.871  11.842  1.00 28.99 ? 124 ARG A CG  1 
ATOM   95   C  CD  . ARG A 1 11  ? 5.645   -7.760  12.692  1.00 32.48 ? 124 ARG A CD  1 
ATOM   96   N  NE  . ARG A 1 11  ? 6.844   -7.261  12.025  1.00 41.09 ? 124 ARG A NE  1 
ATOM   97   C  CZ  . ARG A 1 11  ? 8.122   -7.486  12.358  1.00 46.64 ? 124 ARG A CZ  1 
ATOM   98   N  NH1 . ARG A 1 11  ? 8.522   -8.246  13.419  1.00 48.68 ? 124 ARG A NH1 1 
ATOM   99   N  NH2 . ARG A 1 11  ? 9.051   -6.929  11.592  1.00 46.69 ? 124 ARG A NH2 1 
ATOM   100  N  N   . ARG A 1 12  ? 5.659   -10.738 8.836   1.00 23.77 ? 125 ARG A N   1 
ATOM   101  C  CA  . ARG A 1 12  ? 6.386   -10.340 7.633   1.00 25.62 ? 125 ARG A CA  1 
ATOM   102  C  C   . ARG A 1 12  ? 5.450   -9.656  6.660   1.00 24.97 ? 125 ARG A C   1 
ATOM   103  O  O   . ARG A 1 12  ? 4.219   -9.909  6.648   1.00 23.38 ? 125 ARG A O   1 
ATOM   104  C  CB  . ARG A 1 12  ? 6.990   -11.540 6.923   1.00 27.51 ? 125 ARG A CB  1 
ATOM   105  C  CG  . ARG A 1 12  ? 5.949   -12.527 6.395   1.00 31.40 ? 125 ARG A CG  1 
ATOM   106  C  CD  . ARG A 1 12  ? 6.454   -13.932 6.062   1.00 43.11 ? 125 ARG A CD  1 
ATOM   107  N  NE  . ARG A 1 12  ? 5.351   -14.796 5.604   1.00 46.58 ? 125 ARG A NE  1 
ATOM   108  C  CZ  . ARG A 1 12  ? 4.374   -15.359 6.384   1.00 51.93 ? 125 ARG A CZ  1 
ATOM   109  N  NH1 . ARG A 1 12  ? 4.314   -15.196 7.725   1.00 51.64 ? 125 ARG A NH1 1 
ATOM   110  N  NH2 . ARG A 1 12  ? 3.437   -16.117 5.792   1.00 49.34 ? 125 ARG A NH2 1 
ATOM   111  N  N   . ASN A 1 13  ? 6.024   -8.847  5.807   1.00 24.03 ? 126 ASN A N   1 
ATOM   112  C  CA  . ASN A 1 13  ? 5.251   -8.118  4.813   1.00 24.59 ? 126 ASN A CA  1 
ATOM   113  C  C   . ASN A 1 13  ? 4.662   -9.097  3.863   1.00 23.76 ? 126 ASN A C   1 
ATOM   114  O  O   . ASN A 1 13  ? 5.389   -9.872  3.258   1.00 23.75 ? 126 ASN A O   1 
ATOM   115  C  CB  . ASN A 1 13  ? 6.154   -7.088  4.088   1.00 25.29 ? 126 ASN A CB  1 
ATOM   116  C  CG  . ASN A 1 13  ? 5.360   -6.168  3.197   1.00 24.61 ? 126 ASN A CG  1 
ATOM   117  O  OD1 . ASN A 1 13  ? 4.113   -6.254  3.118   1.00 20.65 ? 126 ASN A OD1 1 
ATOM   118  N  ND2 . ASN A 1 13  ? 6.059   -5.246  2.548   1.00 22.46 ? 126 ASN A ND2 1 
ATOM   119  N  N   . LEU A 1 14  ? 3.325   -9.118  3.768   1.00 22.39 ? 127 LEU A N   1 
ATOM   120  C  CA  . LEU A 1 14  ? 2.626   -10.019 2.886   1.00 22.07 ? 127 LEU A CA  1 
ATOM   121  C  C   . LEU A 1 14  ? 2.398   -9.484  1.483   1.00 23.58 ? 127 LEU A C   1 
ATOM   122  O  O   . LEU A 1 14  ? 1.979   -10.225 0.618   1.00 22.23 ? 127 LEU A O   1 
ATOM   123  C  CB  . LEU A 1 14  ? 1.289   -10.407 3.503   1.00 21.49 ? 127 LEU A CB  1 
ATOM   124  C  CG  . LEU A 1 14  ? 1.388   -11.053 4.894   1.00 22.04 ? 127 LEU A CG  1 
ATOM   125  C  CD1 . LEU A 1 14  ? 0.013   -11.296 5.533   1.00 25.62 ? 127 LEU A CD1 1 
ATOM   126  C  CD2 . LEU A 1 14  ? 2.222   -12.326 4.848   1.00 24.47 ? 127 LEU A CD2 1 
ATOM   127  N  N   . LEU A 1 15  ? 2.730   -8.216  1.225   1.00 23.52 ? 128 LEU A N   1 
ATOM   128  C  CA  . LEU A 1 15  ? 2.612   -7.681  -0.135  1.00 24.22 ? 128 LEU A CA  1 
ATOM   129  C  C   . LEU A 1 15  ? 3.836   -8.065  -0.971  1.00 26.71 ? 128 LEU A C   1 
ATOM   130  O  O   . LEU A 1 15  ? 4.967   -7.927  -0.499  1.00 27.16 ? 128 LEU A O   1 
ATOM   131  C  CB  . LEU A 1 15  ? 2.528   -6.155  -0.130  1.00 25.59 ? 128 LEU A CB  1 
ATOM   132  C  CG  . LEU A 1 15  ? 1.206   -5.520  0.273   1.00 26.94 ? 128 LEU A CG  1 
ATOM   133  C  CD1 . LEU A 1 15  ? 1.329   -4.000  0.321   1.00 26.85 ? 128 LEU A CD1 1 
ATOM   134  C  CD2 . LEU A 1 15  ? 0.069   -5.904  -0.616  1.00 29.42 ? 128 LEU A CD2 1 
ATOM   135  N  N   . ARG A 1 16  ? 3.618   -8.504  -2.198  1.00 28.15 ? 129 ARG A N   1 
ATOM   136  C  CA  . ARG A 1 16  ? 4.704   -8.744  -3.144  1.00 30.93 ? 129 ARG A CA  1 
ATOM   137  C  C   . ARG A 1 16  ? 5.191   -7.421  -3.810  1.00 29.70 ? 129 ARG A C   1 
ATOM   138  O  O   . ARG A 1 16  ? 4.389   -6.509  -4.075  1.00 28.71 ? 129 ARG A O   1 
ATOM   139  C  CB  . ARG A 1 16  ? 4.250   -9.632  -4.267  1.00 31.99 ? 129 ARG A CB  1 
ATOM   140  C  CG  . ARG A 1 16  ? 3.819   -11.022 -3.887  1.00 43.02 ? 129 ARG A CG  1 
ATOM   141  C  CD  . ARG A 1 16  ? 3.842   -12.036 -5.099  1.00 56.55 ? 129 ARG A CD  1 
ATOM   142  N  NE  . ARG A 1 16  ? 3.082   -13.294 -4.830  1.00 67.38 ? 129 ARG A NE  1 
ATOM   143  C  CZ  . ARG A 1 16  ? 3.322   -14.524 -5.372  1.00 74.36 ? 129 ARG A CZ  1 
ATOM   144  N  NH1 . ARG A 1 16  ? 4.314   -14.731 -6.257  1.00 76.56 ? 129 ARG A NH1 1 
ATOM   145  N  NH2 . ARG A 1 16  ? 2.549   -15.565 -5.021  1.00 76.63 ? 129 ARG A NH2 1 
ATOM   146  N  N   . ASN A 1 17  ? 6.474   -7.350  -4.107  1.00 28.04 ? 130 ASN A N   1 
ATOM   147  C  CA  . ASN A 1 17  ? 7.040   -6.240  -4.897  1.00 27.82 ? 130 ASN A CA  1 
ATOM   148  C  C   . ASN A 1 17  ? 6.567   -4.853  -4.437  1.00 27.62 ? 130 ASN A C   1 
ATOM   149  O  O   . ASN A 1 17  ? 5.944   -4.160  -5.198  1.00 28.36 ? 130 ASN A O   1 
ATOM   150  C  CB  . ASN A 1 17  ? 6.641   -6.477  -6.359  1.00 26.55 ? 130 ASN A CB  1 
ATOM   151  C  CG  . ASN A 1 17  ? 7.278   -5.469  -7.366  1.00 27.90 ? 130 ASN A CG  1 
ATOM   152  O  OD1 . ASN A 1 17  ? 6.738   -5.282  -8.492  1.00 32.42 ? 130 ASN A OD1 1 
ATOM   153  N  ND2 . ASN A 1 17  ? 8.337   -4.804  -6.961  1.00 25.32 ? 130 ASN A ND2 1 
ATOM   154  N  N   . PRO A 1 18  ? 6.818   -4.465  -3.197  1.00 28.02 ? 131 PRO A N   1 
ATOM   155  C  CA  . PRO A 1 18  ? 6.281   -3.209  -2.665  1.00 27.80 ? 131 PRO A CA  1 
ATOM   156  C  C   . PRO A 1 18  ? 6.932   -1.939  -3.224  1.00 29.03 ? 131 PRO A C   1 
ATOM   157  O  O   . PRO A 1 18  ? 6.359   -0.844  -3.003  1.00 25.72 ? 131 PRO A O   1 
ATOM   158  C  CB  . PRO A 1 18  ? 6.584   -3.280  -1.165  1.00 27.88 ? 131 PRO A CB  1 
ATOM   159  C  CG  . PRO A 1 18  ? 7.338   -4.552  -0.917  1.00 30.04 ? 131 PRO A CG  1 
ATOM   160  C  CD  . PRO A 1 18  ? 7.572   -5.229  -2.189  1.00 29.02 ? 131 PRO A CD  1 
ATOM   161  N  N   . CYS A 1 19  ? 8.104   -2.077  -3.866  1.00 28.67 ? 132 CYS A N   1 
ATOM   162  C  CA  . CYS A 1 19  ? 8.898   -0.919  -4.250  1.00 30.20 ? 132 CYS A CA  1 
ATOM   163  C  C   . CYS A 1 19  ? 9.151   -0.781  -5.733  1.00 30.59 ? 132 CYS A C   1 
ATOM   164  O  O   . CYS A 1 19  ? 9.756   0.216   -6.174  1.00 34.07 ? 132 CYS A O   1 
ATOM   165  C  CB  . CYS A 1 19  ? 10.230  -0.941  -3.516  1.00 29.65 ? 132 CYS A CB  1 
ATOM   166  S  SG  . CYS A 1 19  ? 10.077  -0.832  -1.734  1.00 32.33 ? 132 CYS A SG  1 
ATOM   167  N  N   . GLY A 1 20  ? 8.754   -1.755  -6.509  1.00 29.89 ? 133 GLY A N   1 
ATOM   168  C  CA  . GLY A 1 20  ? 8.967   -1.688  -7.926  1.00 31.61 ? 133 GLY A CA  1 
ATOM   169  C  C   . GLY A 1 20  ? 10.220  -2.408  -8.429  1.00 32.97 ? 133 GLY A C   1 
ATOM   170  O  O   . GLY A 1 20  ? 10.544  -2.301  -9.596  1.00 32.59 ? 133 GLY A O   1 
ATOM   171  N  N   . GLU A 1 21  ? 10.876  -3.164  -7.566  1.00 34.63 ? 134 GLU A N   1 
ATOM   172  C  CA  . GLU A 1 21  ? 12.067  -3.926  -7.950  1.00 35.87 ? 134 GLU A CA  1 
ATOM   173  C  C   . GLU A 1 21  ? 11.700  -4.952  -9.004  1.00 35.94 ? 134 GLU A C   1 
ATOM   174  O  O   . GLU A 1 21  ? 12.494  -5.261  -9.860  1.00 36.59 ? 134 GLU A O   1 
ATOM   175  C  CB  . GLU A 1 21  ? 12.717  -4.610  -6.725  1.00 36.28 ? 134 GLU A CB  1 
ATOM   176  C  CG  . GLU A 1 21  ? 13.301  -3.659  -5.675  1.00 38.98 ? 134 GLU A CG  1 
ATOM   177  C  CD  . GLU A 1 21  ? 14.618  -2.996  -6.076  1.00 46.75 ? 134 GLU A CD  1 
ATOM   178  O  OE1 . GLU A 1 21  ? 15.219  -3.427  -7.089  1.00 50.09 ? 134 GLU A OE1 1 
ATOM   179  O  OE2 . GLU A 1 21  ? 15.054  -2.014  -5.398  1.00 49.10 ? 134 GLU A OE2 1 
ATOM   180  N  N   . GLU A 1 22  ? 10.486  -5.464  -8.995  1.00 34.55 ? 135 GLU A N   1 
ATOM   181  C  CA  . GLU A 1 22  ? 10.057  -6.312  -10.081 1.00 34.36 ? 135 GLU A CA  1 
ATOM   182  C  C   . GLU A 1 22  ? 9.093   -5.609  -11.026 1.00 33.17 ? 135 GLU A C   1 
ATOM   183  O  O   . GLU A 1 22  ? 8.217   -6.223  -11.547 1.00 31.09 ? 135 GLU A O   1 
ATOM   184  C  CB  . GLU A 1 22  ? 9.433   -7.611  -9.545  1.00 35.52 ? 135 GLU A CB  1 
ATOM   185  C  CG  . GLU A 1 22  ? 10.153  -8.192  -8.305  1.00 40.43 ? 135 GLU A CG  1 
ATOM   186  C  CD  . GLU A 1 22  ? 9.471   -9.488  -7.802  1.00 50.40 ? 135 GLU A CD  1 
ATOM   187  O  OE1 . GLU A 1 22  ? 8.644   -9.498  -6.819  1.00 54.08 ? 135 GLU A OE1 1 
ATOM   188  O  OE2 . GLU A 1 22  ? 9.769   -10.533 -8.419  1.00 58.35 ? 135 GLU A OE2 1 
ATOM   189  N  N   . ASP A 1 23  ? 9.286   -4.317  -11.281 1.00 34.43 ? 136 ASP A N   1 
ATOM   190  C  CA  . ASP A 1 23  ? 8.336   -3.559  -12.125 1.00 35.96 ? 136 ASP A CA  1 
ATOM   191  C  C   . ASP A 1 23  ? 6.927   -3.628  -11.536 1.00 33.10 ? 136 ASP A C   1 
ATOM   192  O  O   . ASP A 1 23  ? 6.759   -3.329  -10.374 1.00 32.83 ? 136 ASP A O   1 
ATOM   193  C  CB  . ASP A 1 23  ? 8.396   -4.006  -13.607 1.00 37.57 ? 136 ASP A CB  1 
ATOM   194  C  CG  . ASP A 1 23  ? 9.582   -3.394  -14.313 1.00 46.03 ? 136 ASP A CG  1 
ATOM   195  O  OD1 . ASP A 1 23  ? 9.560   -2.133  -14.572 1.00 54.92 ? 136 ASP A OD1 1 
ATOM   196  O  OD2 . ASP A 1 23  ? 10.600  -4.079  -14.565 1.00 53.41 ? 136 ASP A OD2 1 
ATOM   197  N  N   . LEU A 1 24  ? 5.958   -4.038  -12.312 1.00 32.30 ? 137 LEU A N   1 
ATOM   198  C  CA  . LEU A 1 24  ? 4.588   -4.167  -11.857 1.00 34.57 ? 137 LEU A CA  1 
ATOM   199  C  C   . LEU A 1 24  ? 4.169   -5.568  -11.508 1.00 33.45 ? 137 LEU A C   1 
ATOM   200  O  O   . LEU A 1 24  ? 2.987   -5.832  -11.315 1.00 32.77 ? 137 LEU A O   1 
ATOM   201  C  CB  . LEU A 1 24  ? 3.623   -3.614  -12.927 1.00 35.48 ? 137 LEU A CB  1 
ATOM   202  C  CG  . LEU A 1 24  ? 3.598   -2.082  -12.841 1.00 38.92 ? 137 LEU A CG  1 
ATOM   203  C  CD1 . LEU A 1 24  ? 2.947   -1.501  -14.070 1.00 42.21 ? 137 LEU A CD1 1 
ATOM   204  C  CD2 . LEU A 1 24  ? 2.844   -1.636  -11.617 1.00 39.21 ? 137 LEU A CD2 1 
ATOM   205  N  N   . GLU A 1 25  ? 5.111   -6.487  -11.446 1.00 33.70 ? 138 GLU A N   1 
ATOM   206  C  CA  . GLU A 1 25  ? 4.756   -7.872  -11.207 1.00 34.43 ? 138 GLU A CA  1 
ATOM   207  C  C   . GLU A 1 25  ? 4.237   -7.970  -9.776  1.00 31.97 ? 138 GLU A C   1 
ATOM   208  O  O   . GLU A 1 25  ? 4.728   -7.280  -8.869  1.00 31.97 ? 138 GLU A O   1 
ATOM   209  C  CB  . GLU A 1 25  ? 5.947   -8.837  -11.484 1.00 36.01 ? 138 GLU A CB  1 
ATOM   210  C  CG  . GLU A 1 25  ? 6.037   -9.202  -12.987 1.00 43.97 ? 138 GLU A CG  1 
ATOM   211  C  CD  . GLU A 1 25  ? 7.490   -9.203  -13.537 1.00 56.63 ? 138 GLU A CD  1 
ATOM   212  O  OE1 . GLU A 1 25  ? 8.298   -10.055 -13.051 1.00 61.47 ? 138 GLU A OE1 1 
ATOM   213  O  OE2 . GLU A 1 25  ? 7.845   -8.358  -14.449 1.00 63.71 ? 138 GLU A OE2 1 
ATOM   214  N  N   . GLY A 1 26  ? 3.169   -8.735  -9.644  1.00 31.29 ? 139 GLY A N   1 
ATOM   215  C  CA  . GLY A 1 26  ? 2.518   -8.999  -8.379  1.00 32.72 ? 139 GLY A CA  1 
ATOM   216  C  C   . GLY A 1 26  ? 1.321   -8.072  -8.071  1.00 32.49 ? 139 GLY A C   1 
ATOM   217  O  O   . GLY A 1 26  ? 0.627   -8.307  -7.101  1.00 32.49 ? 139 GLY A O   1 
ATOM   218  N  N   . TRP A 1 27  ? 1.103   -7.062  -8.922  1.00 31.18 ? 140 TRP A N   1 
ATOM   219  C  CA  . TRP A 1 27  ? 0.052   -6.062  -8.752  1.00 29.89 ? 140 TRP A CA  1 
ATOM   220  C  C   . TRP A 1 27  ? -1.021  -6.400  -9.716  1.00 31.21 ? 140 TRP A C   1 
ATOM   221  O  O   . TRP A 1 27  ? -0.754  -6.809  -10.829 1.00 33.12 ? 140 TRP A O   1 
ATOM   222  C  CB  . TRP A 1 27  ? 0.640   -4.625  -8.961  1.00 28.25 ? 140 TRP A CB  1 
ATOM   223  C  CG  . TRP A 1 27  ? 1.556   -4.268  -7.833  1.00 24.15 ? 140 TRP A CG  1 
ATOM   224  C  CD1 . TRP A 1 27  ? 2.909   -4.474  -7.786  1.00 26.37 ? 140 TRP A CD1 1 
ATOM   225  C  CD2 . TRP A 1 27  ? 1.196   -3.731  -6.569  1.00 24.09 ? 140 TRP A CD2 1 
ATOM   226  N  NE1 . TRP A 1 27  ? 3.407   -4.051  -6.588  1.00 28.24 ? 140 TRP A NE1 1 
ATOM   227  C  CE2 . TRP A 1 27  ? 2.372   -3.597  -5.816  1.00 27.12 ? 140 TRP A CE2 1 
ATOM   228  C  CE3 . TRP A 1 27  ? -0.011  -3.268  -6.012  1.00 24.40 ? 140 TRP A CE3 1 
ATOM   229  C  CZ2 . TRP A 1 27  ? 2.380   -3.059  -4.524  1.00 28.38 ? 140 TRP A CZ2 1 
ATOM   230  C  CZ3 . TRP A 1 27  ? -0.018  -2.762  -4.749  1.00 22.57 ? 140 TRP A CZ3 1 
ATOM   231  C  CH2 . TRP A 1 27  ? 1.169   -2.652  -4.005  1.00 26.47 ? 140 TRP A CH2 1 
ATOM   232  N  N   . SER A 1 28  ? -2.263  -6.237  -9.314  1.00 31.21 ? 141 SER A N   1 
ATOM   233  C  CA  . SER A 1 28  ? -3.375  -6.470  -10.206 1.00 32.70 ? 141 SER A CA  1 
ATOM   234  C  C   . SER A 1 28  ? -4.269  -5.253  -10.239 1.00 31.42 ? 141 SER A C   1 
ATOM   235  O  O   . SER A 1 28  ? -4.003  -4.217  -9.570  1.00 30.66 ? 141 SER A O   1 
ATOM   236  C  CB  . SER A 1 28  ? -4.099  -7.789  -9.774  1.00 34.49 ? 141 SER A CB  1 
ATOM   237  O  OG  . SER A 1 28  ? -4.742  -7.609  -8.529  1.00 40.93 ? 141 SER A OG  1 
ATOM   238  N  N   . ASP A 1 29  ? -5.279  -5.344  -11.079 1.00 30.59 ? 142 ASP A N   1 
ATOM   239  C  CA  . ASP A 1 29  ? -6.220  -4.293  -11.366 1.00 31.59 ? 142 ASP A CA  1 
ATOM   240  C  C   . ASP A 1 29  ? -5.484  -2.966  -11.641 1.00 31.43 ? 142 ASP A C   1 
ATOM   241  O  O   . ASP A 1 29  ? -5.847  -1.917  -11.088 1.00 32.10 ? 142 ASP A O   1 
ATOM   242  C  CB  . ASP A 1 29  ? -7.168  -4.142  -10.198 1.00 32.47 ? 142 ASP A CB  1 
ATOM   243  C  CG  . ASP A 1 29  ? -8.114  -5.372  -10.028 1.00 37.90 ? 142 ASP A CG  1 
ATOM   244  O  OD1 . ASP A 1 29  ? -8.403  -6.120  -11.000 1.00 41.98 ? 142 ASP A OD1 1 
ATOM   245  O  OD2 . ASP A 1 29  ? -8.632  -5.621  -8.942  1.00 43.40 ? 142 ASP A OD2 1 
ATOM   246  N  N   . VAL A 1 30  ? -4.407  -3.066  -12.397 1.00 30.01 ? 143 VAL A N   1 
ATOM   247  C  CA  . VAL A 1 30  ? -3.540  -1.951  -12.704 1.00 30.64 ? 143 VAL A CA  1 
ATOM   248  C  C   . VAL A 1 30  ? -4.225  -1.030  -13.700 1.00 31.27 ? 143 VAL A C   1 
ATOM   249  O  O   . VAL A 1 30  ? -4.620  -1.463  -14.749 1.00 29.66 ? 143 VAL A O   1 
ATOM   250  C  CB  . VAL A 1 30  ? -2.189  -2.375  -13.270 1.00 31.19 ? 143 VAL A CB  1 
ATOM   251  C  CG1 . VAL A 1 30  ? -1.309  -1.088  -13.506 1.00 32.92 ? 143 VAL A CG1 1 
ATOM   252  C  CG2 . VAL A 1 30  ? -1.452  -3.300  -12.299 1.00 31.63 ? 143 VAL A CG2 1 
ATOM   253  N  N   . GLU A 1 31  ? -4.410  0.230   -13.308 1.00 30.76 ? 144 GLU A N   1 
ATOM   254  C  CA  . GLU A 1 31  ? -5.040  1.237   -14.140 1.00 31.68 ? 144 GLU A CA  1 
ATOM   255  C  C   . GLU A 1 31  ? -3.949  2.292   -14.464 1.00 30.45 ? 144 GLU A C   1 
ATOM   256  O  O   . GLU A 1 31  ? -3.324  2.896   -13.589 1.00 27.97 ? 144 GLU A O   1 
ATOM   257  C  CB  . GLU A 1 31  ? -6.199  1.712   -13.322 1.00 33.25 ? 144 GLU A CB  1 
ATOM   258  C  CG  . GLU A 1 31  ? -7.076  2.805   -13.776 1.00 42.46 ? 144 GLU A CG  1 
ATOM   259  C  CD  . GLU A 1 31  ? -8.265  2.910   -12.827 1.00 48.72 ? 144 GLU A CD  1 
ATOM   260  O  OE1 . GLU A 1 31  ? -8.736  1.832   -12.340 1.00 53.79 ? 144 GLU A OE1 1 
ATOM   261  O  OE2 . GLU A 1 31  ? -8.706  4.058   -12.585 1.00 54.69 ? 144 GLU A OE2 1 
ATOM   262  N  N   . HIS A 1 32  ? -3.665  2.438   -15.746 1.00 29.78 ? 145 HIS A N   1 
ATOM   263  C  CA  . HIS A 1 32  ? -2.594  3.332   -16.206 1.00 30.75 ? 145 HIS A CA  1 
ATOM   264  C  C   . HIS A 1 32  ? -3.273  4.619   -16.739 1.00 30.80 ? 145 HIS A C   1 
ATOM   265  O  O   . HIS A 1 32  ? -3.627  4.697   -17.894 1.00 33.81 ? 145 HIS A O   1 
ATOM   266  C  CB  . HIS A 1 32  ? -1.807  2.683   -17.338 1.00 31.87 ? 145 HIS A CB  1 
ATOM   267  C  CG  . HIS A 1 32  ? -0.868  1.589   -16.917 1.00 32.45 ? 145 HIS A CG  1 
ATOM   268  N  ND1 . HIS A 1 32  ? 0.311   1.831   -16.232 1.00 29.58 ? 145 HIS A ND1 1 
ATOM   269  C  CD2 . HIS A 1 32  ? -0.928  0.240   -17.106 1.00 31.94 ? 145 HIS A CD2 1 
ATOM   270  C  CE1 . HIS A 1 32  ? 0.938   0.687   -16.040 1.00 32.13 ? 145 HIS A CE1 1 
ATOM   271  N  NE2 . HIS A 1 32  ? 0.208   -0.290  -16.557 1.00 30.56 ? 145 HIS A NE2 1 
ATOM   272  N  N   . GLY A 1 33  ? -3.442  5.622   -15.921 1.00 27.35 ? 146 GLY A N   1 
ATOM   273  C  CA  . GLY A 1 33  ? -3.996  6.873   -16.380 1.00 27.21 ? 146 GLY A CA  1 
ATOM   274  C  C   . GLY A 1 33  ? -2.902  7.758   -16.898 1.00 26.27 ? 146 GLY A C   1 
ATOM   275  O  O   . GLY A 1 33  ? -1.763  7.655   -16.467 1.00 23.96 ? 146 GLY A O   1 
ATOM   276  N  N   . GLY A 1 34  ? -3.243  8.576   -17.895 1.00 26.83 ? 147 GLY A N   1 
ATOM   277  C  CA  . GLY A 1 34  ? -2.260  9.442   -18.560 1.00 26.54 ? 147 GLY A CA  1 
ATOM   278  C  C   . GLY A 1 34  ? -1.163  8.648   -19.235 1.00 25.76 ? 147 GLY A C   1 
ATOM   279  O  O   . GLY A 1 34  ? -1.433  7.784   -20.051 1.00 26.47 ? 147 GLY A O   1 
ATOM   280  N  N   . ASP A 1 35  ? 0.088   8.913   -18.869 1.00 25.65 ? 148 ASP A N   1 
ATOM   281  C  CA  . ASP A 1 35  ? 1.245   8.137   -19.344 1.00 25.97 ? 148 ASP A CA  1 
ATOM   282  C  C   . ASP A 1 35  ? 1.508   6.879   -18.549 1.00 26.19 ? 148 ASP A C   1 
ATOM   283  O  O   . ASP A 1 35  ? 2.464   6.203   -18.819 1.00 27.68 ? 148 ASP A O   1 
ATOM   284  C  CB  . ASP A 1 35  ? 2.518   9.045   -19.353 1.00 25.69 ? 148 ASP A CB  1 
ATOM   285  C  CG  . ASP A 1 35  ? 2.416   10.143  -20.433 1.00 28.82 ? 148 ASP A CG  1 
ATOM   286  O  OD1 . ASP A 1 35  ? 1.867   9.813   -21.487 1.00 29.43 ? 148 ASP A OD1 1 
ATOM   287  O  OD2 . ASP A 1 35  ? 2.767   11.304  -20.283 1.00 30.87 ? 148 ASP A OD2 1 
ATOM   288  N  N   . GLY A 1 36  ? 0.677   6.578   -17.555 1.00 25.88 ? 149 GLY A N   1 
ATOM   289  C  CA  . GLY A 1 36  ? 0.781   5.331   -16.801 1.00 24.61 ? 149 GLY A CA  1 
ATOM   290  C  C   . GLY A 1 36  ? 1.760   5.327   -15.672 1.00 23.15 ? 149 GLY A C   1 
ATOM   291  O  O   . GLY A 1 36  ? 2.356   6.357   -15.327 1.00 23.13 ? 149 GLY A O   1 
ATOM   292  N  N   . TRP A 1 37  ? 1.821   4.204   -14.935 1.00 23.01 ? 150 TRP A N   1 
ATOM   293  C  CA  . TRP A 1 37  ? 2.772   4.078   -13.869 1.00 22.77 ? 150 TRP A CA  1 
ATOM   294  C  C   . TRP A 1 37  ? 4.165   3.946   -14.466 1.00 24.38 ? 150 TRP A C   1 
ATOM   295  O  O   . TRP A 1 37  ? 4.343   3.359   -15.533 1.00 24.44 ? 150 TRP A O   1 
ATOM   296  C  CB  . TRP A 1 37  ? 2.533   2.797   -13.059 1.00 24.32 ? 150 TRP A CB  1 
ATOM   297  C  CG  . TRP A 1 37  ? 1.376   2.761   -12.195 1.00 23.07 ? 150 TRP A CG  1 
ATOM   298  C  CD1 . TRP A 1 37  ? 0.224   2.067   -12.408 1.00 23.39 ? 150 TRP A CD1 1 
ATOM   299  C  CD2 . TRP A 1 37  ? 1.238   3.390   -10.925 1.00 21.36 ? 150 TRP A CD2 1 
ATOM   300  N  NE1 . TRP A 1 37  ? -0.606  2.211   -11.329 1.00 23.12 ? 150 TRP A NE1 1 
ATOM   301  C  CE2 . TRP A 1 37  ? -0.016  3.008   -10.401 1.00 20.98 ? 150 TRP A CE2 1 
ATOM   302  C  CE3 . TRP A 1 37  ? 2.038   4.218   -10.165 1.00 22.98 ? 150 TRP A CE3 1 
ATOM   303  C  CZ2 . TRP A 1 37  ? -0.463  3.434   -9.186  1.00 22.47 ? 150 TRP A CZ2 1 
ATOM   304  C  CZ3 . TRP A 1 37  ? 1.602   4.650   -8.972  1.00 21.96 ? 150 TRP A CZ3 1 
ATOM   305  C  CH2 . TRP A 1 37  ? 0.354   4.240   -8.469  1.00 24.74 ? 150 TRP A CH2 1 
ATOM   306  N  N   . LYS A 1 38  ? 5.136   4.404   -13.741 1.00 24.91 ? 151 LYS A N   1 
ATOM   307  C  CA  . LYS A 1 38  ? 6.518   4.268   -14.098 1.00 27.11 ? 151 LYS A CA  1 
ATOM   308  C  C   . LYS A 1 38  ? 7.335   4.042   -12.849 1.00 26.45 ? 151 LYS A C   1 
ATOM   309  O  O   . LYS A 1 38  ? 7.146   4.698   -11.819 1.00 26.86 ? 151 LYS A O   1 
ATOM   310  C  CB  . LYS A 1 38  ? 6.951   5.626   -14.678 1.00 28.62 ? 151 LYS A CB  1 
ATOM   311  C  CG  . LYS A 1 38  ? 8.406   5.684   -15.160 1.00 33.81 ? 151 LYS A CG  1 
ATOM   312  C  CD  . LYS A 1 38  ? 8.689   7.033   -15.775 1.00 38.77 ? 151 LYS A CD  1 
ATOM   313  C  CE  . LYS A 1 38  ? 10.017  7.607   -15.430 1.00 43.60 ? 151 LYS A CE  1 
ATOM   314  N  NZ  . LYS A 1 38  ? 10.873  7.284   -16.536 1.00 43.09 ? 151 LYS A NZ  1 
ATOM   315  N  N   . VAL A 1 39  ? 8.270   3.139   -12.917 1.00 27.41 ? 152 VAL A N   1 
ATOM   316  C  CA  . VAL A 1 39  ? 9.169   2.888   -11.794 1.00 28.30 ? 152 VAL A CA  1 
ATOM   317  C  C   . VAL A 1 39  ? 10.438  3.753   -11.928 1.00 29.71 ? 152 VAL A C   1 
ATOM   318  O  O   . VAL A 1 39  ? 11.063  3.791   -12.970 1.00 29.26 ? 152 VAL A O   1 
ATOM   319  C  CB  . VAL A 1 39  ? 9.509   1.391   -11.724 1.00 29.26 ? 152 VAL A CB  1 
ATOM   320  C  CG1 . VAL A 1 39  ? 10.496  1.100   -10.589 1.00 30.53 ? 152 VAL A CG1 1 
ATOM   321  C  CG2 . VAL A 1 39  ? 8.242   0.574   -11.517 1.00 30.65 ? 152 VAL A CG2 1 
ATOM   322  N  N   . GLU A 1 40  ? 10.778  4.495   -10.889 1.00 31.25 ? 153 GLU A N   1 
ATOM   323  C  CA  . GLU A 1 40  ? 11.940  5.342   -10.889 1.00 33.70 ? 153 GLU A CA  1 
ATOM   324  C  C   . GLU A 1 40  ? 12.821  4.989   -9.682  1.00 36.18 ? 153 GLU A C   1 
ATOM   325  O  O   . GLU A 1 40  ? 12.313  4.406   -8.715  1.00 32.33 ? 153 GLU A O   1 
ATOM   326  C  CB  . GLU A 1 40  ? 11.511  6.801   -10.805 1.00 34.14 ? 153 GLU A CB  1 
ATOM   327  C  CG  . GLU A 1 40  ? 10.621  7.280   -11.974 1.00 34.70 ? 153 GLU A CG  1 
ATOM   328  C  CD  . GLU A 1 40  ? 10.479  8.819   -12.068 1.00 37.85 ? 153 GLU A CD  1 
ATOM   329  O  OE1 . GLU A 1 40  ? 10.433  9.527   -11.060 1.00 35.68 ? 153 GLU A OE1 1 
ATOM   330  O  OE2 . GLU A 1 40  ? 10.454  9.333   -13.179 1.00 45.12 ? 153 GLU A OE2 1 
ATOM   331  N  N   . GLU A 1 41  ? 14.115  5.358   -9.745  1.00 38.61 ? 154 GLU A N   1 
ATOM   332  C  CA  . GLU A 1 41  ? 15.081  5.123   -8.664  1.00 42.57 ? 154 GLU A CA  1 
ATOM   333  C  C   . GLU A 1 41  ? 15.108  6.310   -7.774  1.00 44.47 ? 154 GLU A C   1 
ATOM   334  O  O   . GLU A 1 41  ? 15.004  7.429   -8.235  1.00 44.24 ? 154 GLU A O   1 
ATOM   335  C  CB  . GLU A 1 41  ? 16.513  4.920   -9.179  1.00 43.37 ? 154 GLU A CB  1 
ATOM   336  C  CG  . GLU A 1 41  ? 16.686  3.720   -10.099 1.00 48.53 ? 154 GLU A CG  1 
ATOM   337  C  CD  . GLU A 1 41  ? 18.159  3.517   -10.512 1.00 55.81 ? 154 GLU A CD  1 
ATOM   338  O  OE1 . GLU A 1 41  ? 19.065  4.091   -9.859  1.00 60.21 ? 154 GLU A OE1 1 
ATOM   339  O  OE2 . GLU A 1 41  ? 18.412  2.786   -11.493 1.00 61.58 ? 154 GLU A OE2 1 
ATOM   340  N  N   . LEU A 1 42  ? 15.249  6.067   -6.493  1.00 48.15 ? 155 LEU A N   1 
ATOM   341  C  CA  . LEU A 1 42  ? 15.420  7.143   -5.512  1.00 52.73 ? 155 LEU A CA  1 
ATOM   342  C  C   . LEU A 1 42  ? 16.850  7.750   -5.630  1.00 56.85 ? 155 LEU A C   1 
ATOM   343  O  O   . LEU A 1 42  ? 17.772  7.030   -6.036  1.00 56.61 ? 155 LEU A O   1 
ATOM   344  C  CB  . LEU A 1 42  ? 15.244  6.573   -4.107  1.00 53.14 ? 155 LEU A CB  1 
ATOM   345  C  CG  . LEU A 1 42  ? 14.125  6.828   -3.099  1.00 53.20 ? 155 LEU A CG  1 
ATOM   346  C  CD1 . LEU A 1 42  ? 13.137  7.952   -3.444  1.00 54.95 ? 155 LEU A CD1 1 
ATOM   347  C  CD2 . LEU A 1 42  ? 13.443  5.511   -2.865  1.00 55.17 ? 155 LEU A CD2 1 
ATOM   348  N  N   . PRO A 1 43  ? 17.057  9.036   -5.292  1.00 61.77 ? 156 PRO A N   1 
ATOM   349  C  CA  . PRO A 1 43  ? 15.984  10.019  -5.006  1.00 64.96 ? 156 PRO A CA  1 
ATOM   350  C  C   . PRO A 1 43  ? 15.469  10.588  -6.325  1.00 68.38 ? 156 PRO A C   1 
ATOM   351  O  O   . PRO A 1 43  ? 16.268  10.674  -7.286  1.00 69.44 ? 156 PRO A O   1 
ATOM   352  C  CB  . PRO A 1 43  ? 16.699  11.125  -4.212  1.00 65.00 ? 156 PRO A CB  1 
ATOM   353  C  CG  . PRO A 1 43  ? 18.137  11.098  -4.770  1.00 64.16 ? 156 PRO A CG  1 
ATOM   354  C  CD  . PRO A 1 43  ? 18.411  9.635   -5.179  1.00 62.44 ? 156 PRO A CD  1 
ATOM   355  N  N   . GLY A 1 44  ? 14.184  10.958  -6.394  1.00 71.95 ? 157 GLY A N   1 
ATOM   356  C  CA  . GLY A 1 44  ? 13.597  11.352  -7.673  1.00 74.42 ? 157 GLY A CA  1 
ATOM   357  C  C   . GLY A 1 44  ? 14.039  12.744  -8.116  1.00 76.89 ? 157 GLY A C   1 
ATOM   358  O  O   . GLY A 1 44  ? 14.395  13.589  -7.269  1.00 76.90 ? 157 GLY A O   1 
ATOM   359  N  N   . ASP A 1 45  ? 14.037  12.977  -9.436  1.00 79.54 ? 158 ASP A N   1 
ATOM   360  C  CA  . ASP A 1 45  ? 14.136  14.346  -9.974  1.00 81.60 ? 158 ASP A CA  1 
ATOM   361  C  C   . ASP A 1 45  ? 13.149  15.262  -9.196  1.00 82.90 ? 158 ASP A C   1 
ATOM   362  O  O   . ASP A 1 45  ? 11.982  14.879  -8.950  1.00 83.09 ? 158 ASP A O   1 
ATOM   363  C  CB  . ASP A 1 45  ? 13.831  14.378  -11.490 1.00 82.00 ? 158 ASP A CB  1 
ATOM   364  C  CG  . ASP A 1 45  ? 15.065  14.084  -12.363 1.00 83.54 ? 158 ASP A CG  1 
ATOM   365  O  OD1 . ASP A 1 45  ? 16.104  14.777  -12.202 1.00 85.26 ? 158 ASP A OD1 1 
ATOM   366  O  OD2 . ASP A 1 45  ? 15.060  13.194  -13.257 1.00 85.96 ? 158 ASP A OD2 1 
ATOM   367  N  N   . ASN A 1 46  ? 13.630  16.439  -8.775  1.00 84.19 ? 159 ASN A N   1 
ATOM   368  C  CA  . ASN A 1 46  ? 12.861  17.345  -7.892  1.00 85.16 ? 159 ASN A CA  1 
ATOM   369  C  C   . ASN A 1 46  ? 12.076  16.580  -6.779  1.00 85.88 ? 159 ASN A C   1 
ATOM   370  O  O   . ASN A 1 46  ? 10.858  16.767  -6.592  1.00 85.51 ? 159 ASN A O   1 
ATOM   371  C  CB  . ASN A 1 46  ? 11.944  18.285  -8.725  1.00 85.28 ? 159 ASN A CB  1 
ATOM   372  C  CG  . ASN A 1 46  ? 12.643  19.601  -9.146  1.00 85.42 ? 159 ASN A CG  1 
ATOM   373  O  OD1 . ASN A 1 46  ? 12.353  20.163  -10.221 1.00 84.24 ? 159 ASN A OD1 1 
ATOM   374  N  ND2 . ASN A 1 46  ? 13.545  20.102  -8.282  1.00 86.64 ? 159 ASN A ND2 1 
ATOM   375  N  N   . GLY A 1 47  ? 12.819  15.722  -6.064  1.00 86.53 ? 160 GLY A N   1 
ATOM   376  C  CA  . GLY A 1 47  ? 12.325  14.969  -4.914  1.00 86.92 ? 160 GLY A CA  1 
ATOM   377  C  C   . GLY A 1 47  ? 13.374  14.861  -3.796  1.00 87.12 ? 160 GLY A C   1 
ATOM   378  O  O   . GLY A 1 47  ? 14.520  15.346  -3.955  1.00 87.69 ? 160 GLY A O   1 
ATOM   379  N  N   . VAL A 1 48  ? 12.983  14.229  -2.673  1.00 86.68 ? 161 VAL A N   1 
ATOM   380  C  CA  . VAL A 1 48  ? 13.873  14.006  -1.503  1.00 85.98 ? 161 VAL A CA  1 
ATOM   381  C  C   . VAL A 1 48  ? 14.223  12.490  -1.251  1.00 85.14 ? 161 VAL A C   1 
ATOM   382  O  O   . VAL A 1 48  ? 13.580  11.576  -1.815  1.00 84.73 ? 161 VAL A O   1 
ATOM   383  C  CB  . VAL A 1 48  ? 13.300  14.704  -0.196  1.00 85.91 ? 161 VAL A CB  1 
ATOM   384  C  CG1 . VAL A 1 48  ? 12.784  16.135  -0.507  1.00 86.02 ? 161 VAL A CG1 1 
ATOM   385  C  CG2 . VAL A 1 48  ? 12.207  13.861  0.468   1.00 85.43 ? 161 VAL A CG2 1 
ATOM   386  N  N   . GLU A 1 49  ? 15.242  12.251  -0.410  1.00 83.81 ? 162 GLU A N   1 
ATOM   387  C  CA  . GLU A 1 49  ? 15.738  10.887  -0.099  1.00 82.96 ? 162 GLU A CA  1 
ATOM   388  C  C   . GLU A 1 49  ? 14.836  10.123  0.906   1.00 81.25 ? 162 GLU A C   1 
ATOM   389  O  O   . GLU A 1 49  ? 14.170  10.733  1.760   1.00 80.40 ? 162 GLU A O   1 
ATOM   390  C  CB  . GLU A 1 49  ? 17.194  10.942  0.443   1.00 83.42 ? 162 GLU A CB  1 
ATOM   391  C  CG  . GLU A 1 49  ? 18.279  10.494  -0.543  1.00 84.87 ? 162 GLU A CG  1 
ATOM   392  C  CD  . GLU A 1 49  ? 19.134  11.643  -1.091  1.00 87.25 ? 162 GLU A CD  1 
ATOM   393  O  OE1 . GLU A 1 49  ? 18.613  12.773  -1.299  1.00 88.41 ? 162 GLU A OE1 1 
ATOM   394  O  OE2 . GLU A 1 49  ? 20.341  11.407  -1.338  1.00 88.04 ? 162 GLU A OE2 1 
ATOM   395  N  N   . PHE A 1 50  ? 14.843  8.793   0.799   1.00 79.65 ? 163 PHE A N   1 
ATOM   396  C  CA  . PHE A 1 50  ? 14.084  7.931   1.719   1.00 78.51 ? 163 PHE A CA  1 
ATOM   397  C  C   . PHE A 1 50  ? 14.944  7.571   2.941   1.00 78.82 ? 163 PHE A C   1 
ATOM   398  O  O   . PHE A 1 50  ? 15.664  6.553   2.961   1.00 78.68 ? 163 PHE A O   1 
ATOM   399  C  CB  . PHE A 1 50  ? 13.535  6.664   1.012   1.00 77.86 ? 163 PHE A CB  1 
ATOM   400  C  CG  . PHE A 1 50  ? 12.324  6.034   1.707   1.00 73.31 ? 163 PHE A CG  1 
ATOM   401  C  CD1 . PHE A 1 50  ? 11.026  6.458   1.405   1.00 68.04 ? 163 PHE A CD1 1 
ATOM   402  C  CD2 . PHE A 1 50  ? 12.490  5.006   2.644   1.00 69.33 ? 163 PHE A CD2 1 
ATOM   403  C  CE1 . PHE A 1 50  ? 9.938   5.895   2.034   1.00 65.64 ? 163 PHE A CE1 1 
ATOM   404  C  CE2 . PHE A 1 50  ? 11.400  4.437   3.274   1.00 67.09 ? 163 PHE A CE2 1 
ATOM   405  C  CZ  . PHE A 1 50  ? 10.119  4.885   2.969   1.00 65.62 ? 163 PHE A CZ  1 
ATOM   406  N  N   . THR A 1 51  ? 14.840  8.439   3.946   1.00 79.00 ? 164 THR A N   1 
ATOM   407  C  CA  . THR A 1 51  ? 15.512  8.285   5.231   1.00 79.39 ? 164 THR A CA  1 
ATOM   408  C  C   . THR A 1 51  ? 14.557  7.611   6.227   1.00 79.50 ? 164 THR A C   1 
ATOM   409  O  O   . THR A 1 51  ? 13.702  8.277   6.838   1.00 80.03 ? 164 THR A O   1 
ATOM   410  C  CB  . THR A 1 51  ? 15.963  9.679   5.754   1.00 79.44 ? 164 THR A CB  1 
ATOM   411  O  OG1 . THR A 1 51  ? 14.826  10.548  5.908   1.00 78.73 ? 164 THR A OG1 1 
ATOM   412  C  CG2 . THR A 1 51  ? 16.865  10.393  4.721   1.00 79.85 ? 164 THR A CG2 1 
ATOM   413  N  N   . GLN A 1 52  ? 14.697  6.293   6.376   1.00 79.19 ? 165 GLN A N   1 
ATOM   414  C  CA  . GLN A 1 52  ? 13.748  5.479   7.143   1.00 78.89 ? 165 GLN A CA  1 
ATOM   415  C  C   . GLN A 1 52  ? 13.983  3.971   6.952   1.00 78.10 ? 165 GLN A C   1 
ATOM   416  O  O   . GLN A 1 52  ? 13.782  3.179   7.893   1.00 78.39 ? 165 GLN A O   1 
ATOM   417  C  CB  . GLN A 1 52  ? 12.294  5.837   6.774   1.00 79.13 ? 165 GLN A CB  1 
ATOM   418  C  CG  . GLN A 1 52  ? 11.225  4.785   7.144   1.00 80.39 ? 165 GLN A CG  1 
ATOM   419  C  CD  . GLN A 1 52  ? 10.972  4.634   8.668   1.00 82.51 ? 165 GLN A CD  1 
ATOM   420  O  OE1 . GLN A 1 52  ? 10.644  3.531   9.144   1.00 82.35 ? 165 GLN A OE1 1 
ATOM   421  N  NE2 . GLN A 1 52  ? 11.104  5.737   9.419   1.00 82.89 ? 165 GLN A NE2 1 
ATOM   422  N  N   . ASP A 1 53  ? 14.374  3.556   5.748   1.00 76.93 ? 166 ASP A N   1 
ATOM   423  C  CA  . ASP A 1 53  ? 14.668  2.137   5.529   1.00 76.46 ? 166 ASP A CA  1 
ATOM   424  C  C   . ASP A 1 53  ? 15.991  1.820   4.774   1.00 75.40 ? 166 ASP A C   1 
ATOM   425  O  O   . ASP A 1 53  ? 16.608  0.800   5.084   1.00 76.30 ? 166 ASP A O   1 
ATOM   426  C  CB  . ASP A 1 53  ? 13.449  1.450   4.887   1.00 76.65 ? 166 ASP A CB  1 
ATOM   427  C  CG  . ASP A 1 53  ? 13.529  -0.075  4.911   1.00 76.53 ? 166 ASP A CG  1 
ATOM   428  O  OD1 . ASP A 1 53  ? 14.624  -0.641  4.705   1.00 76.82 ? 166 ASP A OD1 1 
ATOM   429  O  OD2 . ASP A 1 53  ? 12.517  -0.791  5.072   1.00 78.57 ? 166 ASP A OD2 1 
ATOM   430  N  N   . ASP A 1 54  ? 16.433  2.656   3.822   1.00 73.60 ? 167 ASP A N   1 
ATOM   431  C  CA  . ASP A 1 54  ? 17.735  2.465   3.093   1.00 71.58 ? 167 ASP A CA  1 
ATOM   432  C  C   . ASP A 1 54  ? 17.781  1.250   2.138   1.00 68.06 ? 167 ASP A C   1 
ATOM   433  O  O   . ASP A 1 54  ? 18.529  1.290   1.142   1.00 67.55 ? 167 ASP A O   1 
ATOM   434  C  CB  . ASP A 1 54  ? 18.964  2.337   4.041   1.00 72.86 ? 167 ASP A CB  1 
ATOM   435  C  CG  . ASP A 1 54  ? 19.390  3.644   4.677   1.00 75.80 ? 167 ASP A CG  1 
ATOM   436  O  OD1 . ASP A 1 54  ? 18.799  3.993   5.742   1.00 80.10 ? 167 ASP A OD1 1 
ATOM   437  O  OD2 . ASP A 1 54  ? 20.322  4.357   4.200   1.00 79.97 ? 167 ASP A OD2 1 
ATOM   438  N  N   . SER A 1 55  ? 17.040  0.171   2.456   1.00 63.63 ? 168 SER A N   1 
ATOM   439  C  CA  . SER A 1 55  ? 16.829  -0.946  1.510   1.00 60.49 ? 168 SER A CA  1 
ATOM   440  C  C   . SER A 1 55  ? 15.810  -0.550  0.421   1.00 56.92 ? 168 SER A C   1 
ATOM   441  O  O   . SER A 1 55  ? 15.591  -1.302  -0.517  1.00 56.93 ? 168 SER A O   1 
ATOM   442  C  CB  . SER A 1 55  ? 16.360  -2.221  2.238   1.00 60.39 ? 168 SER A CB  1 
ATOM   443  O  OG  . SER A 1 55  ? 14.939  -2.305  2.390   1.00 61.45 ? 168 SER A OG  1 
ATOM   444  N  N   . VAL A 1 56  ? 15.174  0.618   0.581   1.00 52.29 ? 169 VAL A N   1 
ATOM   445  C  CA  . VAL A 1 56  ? 14.198  1.128   -0.395  1.00 48.77 ? 169 VAL A CA  1 
ATOM   446  C  C   . VAL A 1 56  ? 14.935  1.972   -1.422  1.00 45.07 ? 169 VAL A C   1 
ATOM   447  O  O   . VAL A 1 56  ? 15.399  3.047   -1.120  1.00 42.62 ? 169 VAL A O   1 
ATOM   448  C  CB  . VAL A 1 56  ? 13.078  1.957   0.296   1.00 48.09 ? 169 VAL A CB  1 
ATOM   449  C  CG1 . VAL A 1 56  ? 12.166  2.599   -0.737  1.00 47.87 ? 169 VAL A CG1 1 
ATOM   450  C  CG2 . VAL A 1 56  ? 12.273  1.059   1.247   1.00 47.39 ? 169 VAL A CG2 1 
ATOM   451  N  N   . LYS A 1 57  ? 15.011  1.462   -2.635  1.00 43.39 ? 170 LYS A N   1 
ATOM   452  C  CA  . LYS A 1 57  ? 15.780  2.112   -3.707  1.00 43.50 ? 170 LYS A CA  1 
ATOM   453  C  C   . LYS A 1 57  ? 14.933  2.632   -4.873  1.00 41.04 ? 170 LYS A C   1 
ATOM   454  O  O   . LYS A 1 57  ? 15.475  3.317   -5.746  1.00 39.63 ? 170 LYS A O   1 
ATOM   455  C  CB  . LYS A 1 57  ? 16.793  1.117   -4.318  1.00 45.26 ? 170 LYS A CB  1 
ATOM   456  C  CG  . LYS A 1 57  ? 17.552  0.213   -3.287  1.00 50.78 ? 170 LYS A CG  1 
ATOM   457  C  CD  . LYS A 1 57  ? 18.797  0.888   -2.711  1.00 58.41 ? 170 LYS A CD  1 
ATOM   458  C  CE  . LYS A 1 57  ? 19.953  -0.125  -2.475  1.00 62.92 ? 170 LYS A CE  1 
ATOM   459  N  NZ  . LYS A 1 57  ? 20.284  -0.917  -3.726  1.00 66.47 ? 170 LYS A NZ  1 
ATOM   460  N  N   . LYS A 1 58  ? 13.666  2.190   -4.958  1.00 36.52 ? 171 LYS A N   1 
ATOM   461  C  CA  . LYS A 1 58  ? 12.771  2.546   -6.048  1.00 33.00 ? 171 LYS A CA  1 
ATOM   462  C  C   . LYS A 1 58  ? 11.350  2.955   -5.527  1.00 30.03 ? 171 LYS A C   1 
ATOM   463  O  O   . LYS A 1 58  ? 11.003  2.783   -4.357  1.00 26.49 ? 171 LYS A O   1 
ATOM   464  C  CB  . LYS A 1 58  ? 12.656  1.389   -6.990  1.00 34.26 ? 171 LYS A CB  1 
ATOM   465  C  CG  . LYS A 1 58  ? 13.996  1.032   -7.695  1.00 36.83 ? 171 LYS A CG  1 
ATOM   466  C  CD  . LYS A 1 58  ? 13.811  0.011   -8.734  1.00 39.09 ? 171 LYS A CD  1 
ATOM   467  C  CE  . LYS A 1 58  ? 15.173  -0.258  -9.426  1.00 43.54 ? 171 LYS A CE  1 
ATOM   468  N  NZ  . LYS A 1 58  ? 15.077  -1.524  -10.168 1.00 45.19 ? 171 LYS A NZ  1 
ATOM   469  N  N   . TYR A 1 59  ? 10.600  3.587   -6.409  1.00 27.13 ? 172 TYR A N   1 
ATOM   470  C  CA  . TYR A 1 59  ? 9.226   3.973   -6.145  1.00 24.85 ? 172 TYR A CA  1 
ATOM   471  C  C   . TYR A 1 59  ? 8.476   3.931   -7.469  1.00 24.37 ? 172 TYR A C   1 
ATOM   472  O  O   . TYR A 1 59  ? 9.060   3.822   -8.598  1.00 23.66 ? 172 TYR A O   1 
ATOM   473  C  CB  . TYR A 1 59  ? 9.116   5.338   -5.475  1.00 25.32 ? 172 TYR A CB  1 
ATOM   474  C  CG  . TYR A 1 59  ? 9.672   6.464   -6.301  1.00 26.51 ? 172 TYR A CG  1 
ATOM   475  C  CD1 . TYR A 1 59  ? 8.927   7.054   -7.339  1.00 25.20 ? 172 TYR A CD1 1 
ATOM   476  C  CD2 . TYR A 1 59  ? 11.003  6.869   -6.130  1.00 31.65 ? 172 TYR A CD2 1 
ATOM   477  C  CE1 . TYR A 1 59  ? 9.473   8.039   -8.155  1.00 27.29 ? 172 TYR A CE1 1 
ATOM   478  C  CE2 . TYR A 1 59  ? 11.555  7.873   -6.912  1.00 32.63 ? 172 TYR A CE2 1 
ATOM   479  C  CZ  . TYR A 1 59  ? 10.793  8.455   -7.928  1.00 30.67 ? 172 TYR A CZ  1 
ATOM   480  O  OH  . TYR A 1 59  ? 11.342  9.413   -8.719  1.00 30.18 ? 172 TYR A OH  1 
ATOM   481  N  N   . PHE A 1 60  ? 7.149   3.939   -7.338  1.00 24.06 ? 173 PHE A N   1 
ATOM   482  C  CA  . PHE A 1 60  ? 6.227   4.007   -8.458  1.00 22.87 ? 173 PHE A CA  1 
ATOM   483  C  C   . PHE A 1 60  ? 5.731   5.476   -8.579  1.00 23.83 ? 173 PHE A C   1 
ATOM   484  O  O   . PHE A 1 60  ? 5.249   6.074   -7.597  1.00 22.02 ? 173 PHE A O   1 
ATOM   485  C  CB  . PHE A 1 60  ? 5.001   3.113   -8.233  1.00 24.67 ? 173 PHE A CB  1 
ATOM   486  C  CG  . PHE A 1 60  ? 5.283   1.636   -8.061  1.00 21.12 ? 173 PHE A CG  1 
ATOM   487  C  CD1 . PHE A 1 60  ? 5.332   0.780   -9.144  1.00 24.75 ? 173 PHE A CD1 1 
ATOM   488  C  CD2 . PHE A 1 60  ? 5.435   1.093   -6.806  1.00 23.68 ? 173 PHE A CD2 1 
ATOM   489  C  CE1 . PHE A 1 60  ? 5.512   -0.579  -8.963  1.00 28.41 ? 173 PHE A CE1 1 
ATOM   490  C  CE2 . PHE A 1 60  ? 5.635   -0.310  -6.621  1.00 25.64 ? 173 PHE A CE2 1 
ATOM   491  C  CZ  . PHE A 1 60  ? 5.646   -1.120  -7.653  1.00 25.41 ? 173 PHE A CZ  1 
ATOM   492  N  N   . ALA A 1 61  ? 5.804   6.020   -9.802  1.00 23.38 ? 174 ALA A N   1 
ATOM   493  C  CA  . ALA A 1 61  ? 5.397   7.395   -10.107 1.00 23.06 ? 174 ALA A CA  1 
ATOM   494  C  C   . ALA A 1 61  ? 4.117   7.362   -10.928 1.00 21.43 ? 174 ALA A C   1 
ATOM   495  O  O   . ALA A 1 61  ? 4.040   6.623   -11.900 1.00 22.29 ? 174 ALA A O   1 
ATOM   496  C  CB  . ALA A 1 61  ? 6.509   8.129   -10.907 1.00 21.49 ? 174 ALA A CB  1 
ATOM   497  N  N   . SER A 1 62  ? 3.159   8.209   -10.567 1.00 20.50 ? 175 SER A N   1 
ATOM   498  C  CA  . SER A 1 62  ? 1.916   8.318   -11.321 1.00 20.58 ? 175 SER A CA  1 
ATOM   499  C  C   . SER A 1 62  ? 1.975   9.543   -12.265 1.00 20.41 ? 175 SER A C   1 
ATOM   500  O  O   . SER A 1 62  ? 2.890   10.354  -12.184 1.00 20.37 ? 175 SER A O   1 
ATOM   501  C  CB  . SER A 1 62  ? 0.685   8.376   -10.407 1.00 18.55 ? 175 SER A CB  1 
ATOM   502  O  OG  . SER A 1 62  ? 0.729   9.468   -9.485  1.00 20.54 ? 175 SER A OG  1 
ATOM   503  N  N   . SER A 1 63  ? 0.948   9.665   -13.070 1.00 20.71 ? 176 SER A N   1 
ATOM   504  C  CA  . SER A 1 63  ? 0.880   10.590  -14.197 1.00 20.58 ? 176 SER A CA  1 
ATOM   505  C  C   . SER A 1 63  ? -0.336  11.538  -14.053 1.00 19.74 ? 176 SER A C   1 
ATOM   506  O  O   . SER A 1 63  ? -0.701  11.855  -12.942 1.00 19.79 ? 176 SER A O   1 
ATOM   507  C  CB  . SER A 1 63  ? 0.830   9.762   -15.458 1.00 21.15 ? 176 SER A CB  1 
ATOM   508  O  OG  . SER A 1 63  ? 0.959   10.551  -16.630 1.00 20.68 ? 176 SER A OG  1 
ATOM   509  N  N   . PHE A 1 64  ? -0.925  12.004  -15.177 1.00 20.17 ? 177 PHE A N   1 
ATOM   510  C  CA  . PHE A 1 64  ? -1.847  13.130  -15.218 1.00 19.63 ? 177 PHE A CA  1 
ATOM   511  C  C   . PHE A 1 64  ? -3.353  12.790  -15.116 1.00 20.58 ? 177 PHE A C   1 
ATOM   512  O  O   . PHE A 1 64  ? -4.206  13.697  -14.956 1.00 20.84 ? 177 PHE A O   1 
ATOM   513  C  CB  . PHE A 1 64  ? -1.553  14.039  -16.439 1.00 20.23 ? 177 PHE A CB  1 
ATOM   514  C  CG  . PHE A 1 64  ? -1.721  13.377  -17.803 1.00 20.43 ? 177 PHE A CG  1 
ATOM   515  C  CD1 . PHE A 1 64  ? -2.955  13.364  -18.433 1.00 23.52 ? 177 PHE A CD1 1 
ATOM   516  C  CD2 . PHE A 1 64  ? -0.650  12.880  -18.490 1.00 20.76 ? 177 PHE A CD2 1 
ATOM   517  C  CE1 . PHE A 1 64  ? -3.123  12.832  -19.644 1.00 25.53 ? 177 PHE A CE1 1 
ATOM   518  C  CE2 . PHE A 1 64  ? -0.822  12.347  -19.720 1.00 22.34 ? 177 PHE A CE2 1 
ATOM   519  C  CZ  . PHE A 1 64  ? -2.049  12.327  -20.321 1.00 26.40 ? 177 PHE A CZ  1 
ATOM   520  N  N   . GLU A 1 65  ? -3.637  11.507  -15.152 1.00 20.08 ? 178 GLU A N   1 
ATOM   521  C  CA  . GLU A 1 65  ? -4.928  10.929  -14.754 1.00 22.40 ? 178 GLU A CA  1 
ATOM   522  C  C   . GLU A 1 65  ? -4.682  9.811   -13.740 1.00 22.43 ? 178 GLU A C   1 
ATOM   523  O  O   . GLU A 1 65  ? -3.533  9.352   -13.601 1.00 21.46 ? 178 GLU A O   1 
ATOM   524  C  CB  . GLU A 1 65  ? -5.648  10.410  -15.971 1.00 23.70 ? 178 GLU A CB  1 
ATOM   525  C  CG  . GLU A 1 65  ? -6.085  11.583  -16.854 1.00 29.59 ? 178 GLU A CG  1 
ATOM   526  C  CD  . GLU A 1 65  ? -6.978  11.267  -18.065 1.00 38.38 ? 178 GLU A CD  1 
ATOM   527  O  OE1 . GLU A 1 65  ? -7.130  10.096  -18.445 1.00 42.44 ? 178 GLU A OE1 1 
ATOM   528  O  OE2 . GLU A 1 65  ? -7.491  12.247  -18.669 1.00 42.02 ? 178 GLU A OE2 1 
ATOM   529  N  N   . TRP A 1 66  ? -5.721  9.376   -13.041 1.00 22.87 ? 179 TRP A N   1 
ATOM   530  C  CA  . TRP A 1 66  ? -5.562  8.326   -11.976 1.00 22.89 ? 179 TRP A CA  1 
ATOM   531  C  C   . TRP A 1 66  ? -4.797  7.096   -12.436 1.00 21.56 ? 179 TRP A C   1 
ATOM   532  O  O   . TRP A 1 66  ? -5.087  6.488   -13.456 1.00 23.27 ? 179 TRP A O   1 
ATOM   533  C  CB  . TRP A 1 66  ? -6.905  7.872   -11.361 1.00 23.91 ? 179 TRP A CB  1 
ATOM   534  C  CG  . TRP A 1 66  ? -7.484  8.812   -10.389 1.00 22.03 ? 179 TRP A CG  1 
ATOM   535  C  CD1 . TRP A 1 66  ? -8.545  9.584   -10.611 1.00 23.82 ? 179 TRP A CD1 1 
ATOM   536  C  CD2 . TRP A 1 66  ? -7.022  9.129   -9.063  1.00 22.43 ? 179 TRP A CD2 1 
ATOM   537  N  NE1 . TRP A 1 66  ? -8.816  10.347  -9.502  1.00 24.65 ? 179 TRP A NE1 1 
ATOM   538  C  CE2 . TRP A 1 66  ? -7.859  10.133  -8.560  1.00 23.56 ? 179 TRP A CE2 1 
ATOM   539  C  CE3 . TRP A 1 66  ? -5.970  8.683   -8.257  1.00 24.91 ? 179 TRP A CE3 1 
ATOM   540  C  CZ2 . TRP A 1 66  ? -7.738  10.656  -7.265  1.00 27.25 ? 179 TRP A CZ2 1 
ATOM   541  C  CZ3 . TRP A 1 66  ? -5.799  9.252   -6.972  1.00 26.82 ? 179 TRP A CZ3 1 
ATOM   542  C  CH2 . TRP A 1 66  ? -6.669  10.221  -6.492  1.00 27.89 ? 179 TRP A CH2 1 
ATOM   543  N  N   . CYS A 1 67  ? -3.748  6.793   -11.706 1.00 21.45 ? 180 CYS A N   1 
ATOM   544  C  CA  . CYS A 1 67  ? -3.053  5.527   -11.783 1.00 20.76 ? 180 CYS A CA  1 
ATOM   545  C  C   . CYS A 1 67  ? -3.336  4.768   -10.496 1.00 21.88 ? 180 CYS A C   1 
ATOM   546  O  O   . CYS A 1 67  ? -3.210  5.303   -9.402  1.00 22.27 ? 180 CYS A O   1 
ATOM   547  C  CB  . CYS A 1 67  ? -1.564  5.764   -11.958 1.00 21.70 ? 180 CYS A CB  1 
ATOM   548  S  SG  . CYS A 1 67  ? -1.095  6.666   -13.501 1.00 23.12 ? 180 CYS A SG  1 
ATOM   549  N  N   . ARG A 1 68  ? -3.811  3.527   -10.611 1.00 21.61 ? 181 ARG A N   1 
ATOM   550  C  CA  . ARG A 1 68  ? -4.180  2.722   -9.430  1.00 21.74 ? 181 ARG A CA  1 
ATOM   551  C  C   . ARG A 1 68  ? -3.604  1.348   -9.596  1.00 21.23 ? 181 ARG A C   1 
ATOM   552  O  O   . ARG A 1 68  ? -3.361  0.934   -10.717 1.00 21.89 ? 181 ARG A O   1 
ATOM   553  C  CB  . ARG A 1 68  ? -5.711  2.533   -9.334  1.00 23.13 ? 181 ARG A CB  1 
ATOM   554  C  CG  . ARG A 1 68  ? -6.464  3.807   -8.981  1.00 27.02 ? 181 ARG A CG  1 
ATOM   555  C  CD  . ARG A 1 68  ? -8.005  3.623   -8.793  1.00 31.97 ? 181 ARG A CD  1 
ATOM   556  N  NE  . ARG A 1 68  ? -8.539  4.890   -8.280  1.00 32.58 ? 181 ARG A NE  1 
ATOM   557  C  CZ  . ARG A 1 68  ? -9.131  5.777   -9.025  1.00 37.80 ? 181 ARG A CZ  1 
ATOM   558  N  NH1 . ARG A 1 68  ? -9.343  5.521   -10.304 1.00 39.49 ? 181 ARG A NH1 1 
ATOM   559  N  NH2 . ARG A 1 68  ? -9.548  6.917   -8.486  1.00 38.16 ? 181 ARG A NH2 1 
ATOM   560  N  N   . LYS A 1 69  ? -3.348  0.662   -8.497  1.00 20.26 ? 182 LYS A N   1 
ATOM   561  C  CA  . LYS A 1 69  ? -2.940  -0.709  -8.538  1.00 21.45 ? 182 LYS A CA  1 
ATOM   562  C  C   . LYS A 1 69  ? -3.329  -1.356  -7.183  1.00 20.58 ? 182 LYS A C   1 
ATOM   563  O  O   . LYS A 1 69  ? -3.437  -0.697  -6.150  1.00 19.67 ? 182 LYS A O   1 
ATOM   564  C  CB  . LYS A 1 69  ? -1.394  -0.866  -8.758  1.00 21.63 ? 182 LYS A CB  1 
ATOM   565  C  CG  . LYS A 1 69  ? -0.496  -0.176  -7.832  1.00 21.09 ? 182 LYS A CG  1 
ATOM   566  C  CD  . LYS A 1 69  ? 0.916   -0.191  -8.367  1.00 24.01 ? 182 LYS A CD  1 
ATOM   567  C  CE  . LYS A 1 69  ? 1.960   0.409   -7.456  1.00 23.27 ? 182 LYS A CE  1 
ATOM   568  N  NZ  . LYS A 1 69  ? 2.029   -0.173  -6.074  1.00 21.72 ? 182 LYS A NZ  1 
ATOM   569  N  N   . ALA A 1 70  ? -3.508  -2.656  -7.209  1.00 21.21 ? 183 ALA A N   1 
ATOM   570  C  CA  . ALA A 1 70  ? -4.060  -3.390  -6.054  1.00 20.98 ? 183 ALA A CA  1 
ATOM   571  C  C   . ALA A 1 70  ? -3.408  -4.711  -5.888  1.00 22.43 ? 183 ALA A C   1 
ATOM   572  O  O   . ALA A 1 70  ? -2.799  -5.247  -6.861  1.00 21.53 ? 183 ALA A O   1 
ATOM   573  C  CB  . ALA A 1 70  ? -5.597  -3.602  -6.235  1.00 21.43 ? 183 ALA A CB  1 
ATOM   574  N  N   . GLN A 1 71  ? -3.528  -5.275  -4.676  1.00 22.73 ? 184 GLN A N   1 
ATOM   575  C  CA  . GLN A 1 71  ? -3.126  -6.655  -4.445  1.00 23.95 ? 184 GLN A CA  1 
ATOM   576  C  C   . GLN A 1 71  ? -4.098  -7.287  -3.496  1.00 22.43 ? 184 GLN A C   1 
ATOM   577  O  O   . GLN A 1 71  ? -4.574  -6.605  -2.611  1.00 21.73 ? 184 GLN A O   1 
ATOM   578  C  CB  . GLN A 1 71  ? -1.731  -6.684  -3.808  1.00 25.37 ? 184 GLN A CB  1 
ATOM   579  C  CG  . GLN A 1 71  ? -0.694  -7.228  -4.639  1.00 29.38 ? 184 GLN A CG  1 
ATOM   580  C  CD  . GLN A 1 71  ? 0.715   -7.263  -3.973  1.00 28.05 ? 184 GLN A CD  1 
ATOM   581  O  OE1 . GLN A 1 71  ? 1.021   -8.207  -3.252  1.00 25.87 ? 184 GLN A OE1 1 
ATOM   582  N  NE2 . GLN A 1 71  ? 1.549   -6.289  -4.261  1.00 25.60 ? 184 GLN A NE2 1 
ATOM   583  N  N   . VAL A 1 72  ? -4.417  -8.551  -3.692  1.00 21.49 ? 185 VAL A N   1 
ATOM   584  C  CA  . VAL A 1 72  ? -5.276  -9.293  -2.751  1.00 24.02 ? 185 VAL A CA  1 
ATOM   585  C  C   . VAL A 1 72  ? -4.421  -10.340 -2.063  1.00 23.87 ? 185 VAL A C   1 
ATOM   586  O  O   . VAL A 1 72  ? -3.713  -11.080 -2.734  1.00 24.38 ? 185 VAL A O   1 
ATOM   587  C  CB  . VAL A 1 72  ? -6.456  -9.995  -3.487  1.00 26.05 ? 185 VAL A CB  1 
ATOM   588  C  CG1 . VAL A 1 72  ? -7.292  -10.877 -2.517  1.00 26.76 ? 185 VAL A CG1 1 
ATOM   589  C  CG2 . VAL A 1 72  ? -7.323  -8.976  -4.223  1.00 30.48 ? 185 VAL A CG2 1 
ATOM   590  N  N   . ILE A 1 73  ? -4.383  -10.323 -0.741  1.00 21.58 ? 186 ILE A N   1 
ATOM   591  C  CA  . ILE A 1 73  ? -3.570  -11.248 0.032   1.00 22.31 ? 186 ILE A CA  1 
ATOM   592  C  C   . ILE A 1 73  ? -4.505  -12.268 0.666   1.00 23.00 ? 186 ILE A C   1 
ATOM   593  O  O   . ILE A 1 73  ? -5.526  -11.903 1.267   1.00 21.75 ? 186 ILE A O   1 
ATOM   594  C  CB  . ILE A 1 73  ? -2.887  -10.451 1.119   1.00 23.89 ? 186 ILE A CB  1 
ATOM   595  C  CG1 . ILE A 1 73  ? -1.935  -9.464  0.477   1.00 27.78 ? 186 ILE A CG1 1 
ATOM   596  C  CG2 . ILE A 1 73  ? -2.181  -11.353 2.188   1.00 25.78 ? 186 ILE A CG2 1 
ATOM   597  C  CD1 . ILE A 1 73  ? -1.646  -8.394  1.441   1.00 30.99 ? 186 ILE A CD1 1 
ATOM   598  N  N   . ASP A 1 74  ? -4.191  -13.529 0.464   1.00 22.41 ? 187 ASP A N   1 
ATOM   599  C  CA  . ASP A 1 74  ? -4.920  -14.640 1.071   1.00 22.99 ? 187 ASP A CA  1 
ATOM   600  C  C   . ASP A 1 74  ? -4.247  -15.005 2.395   1.00 22.51 ? 187 ASP A C   1 
ATOM   601  O  O   . ASP A 1 74  ? -3.183  -15.642 2.425   1.00 20.91 ? 187 ASP A O   1 
ATOM   602  C  CB  . ASP A 1 74  ? -4.888  -15.783 0.078   1.00 24.62 ? 187 ASP A CB  1 
ATOM   603  C  CG  . ASP A 1 74  ? -5.655  -17.000 0.571   1.00 24.72 ? 187 ASP A CG  1 
ATOM   604  O  OD1 . ASP A 1 74  ? -5.935  -17.179 1.758   1.00 25.34 ? 187 ASP A OD1 1 
ATOM   605  O  OD2 . ASP A 1 74  ? -6.030  -17.795 -0.221  1.00 30.24 ? 187 ASP A OD2 1 
ATOM   606  N  N   . LEU A 1 75  ? -4.864  -14.600 3.485   1.00 20.99 ? 188 LEU A N   1 
ATOM   607  C  CA  . LEU A 1 75  ? -4.291  -14.735 4.796   1.00 22.71 ? 188 LEU A CA  1 
ATOM   608  C  C   . LEU A 1 75  ? -4.151  -16.210 5.198   1.00 23.70 ? 188 LEU A C   1 
ATOM   609  O  O   . LEU A 1 75  ? -3.164  -16.593 5.807   1.00 22.24 ? 188 LEU A O   1 
ATOM   610  C  CB  . LEU A 1 75  ? -5.143  -14.045 5.854   1.00 22.74 ? 188 LEU A CB  1 
ATOM   611  C  CG  . LEU A 1 75  ? -5.136  -12.533 5.716   1.00 24.47 ? 188 LEU A CG  1 
ATOM   612  C  CD1 . LEU A 1 75  ? -6.196  -11.928 6.618   1.00 23.71 ? 188 LEU A CD1 1 
ATOM   613  C  CD2 . LEU A 1 75  ? -3.765  -12.003 6.103   1.00 27.27 ? 188 LEU A CD2 1 
ATOM   614  N  N   . GLN A 1 76  ? -5.108  -17.009 4.805   1.00 24.10 ? 189 GLN A N   1 
ATOM   615  C  CA  . GLN A 1 76  ? -5.076  -18.412 5.103   1.00 28.40 ? 189 GLN A CA  1 
ATOM   616  C  C   . GLN A 1 76  ? -3.965  -19.156 4.406   1.00 28.18 ? 189 GLN A C   1 
ATOM   617  O  O   . GLN A 1 76  ? -3.297  -19.983 5.025   1.00 29.40 ? 189 GLN A O   1 
ATOM   618  C  CB  . GLN A 1 76  ? -6.393  -19.071 4.693   1.00 29.34 ? 189 GLN A CB  1 
ATOM   619  C  CG  . GLN A 1 76  ? -7.525  -18.958 5.666   1.00 38.80 ? 189 GLN A CG  1 
ATOM   620  C  CD  . GLN A 1 76  ? -8.623  -19.998 5.220   1.00 47.58 ? 189 GLN A CD  1 
ATOM   621  O  OE1 . GLN A 1 76  ? -8.351  -21.226 5.149   1.00 56.19 ? 189 GLN A OE1 1 
ATOM   622  N  NE2 . GLN A 1 76  ? -9.768  -19.500 4.808   1.00 53.47 ? 189 GLN A NE2 1 
ATOM   623  N  N   . ALA A 1 77  ? -3.755  -18.868 3.120   1.00 28.70 ? 190 ALA A N   1 
ATOM   624  C  CA  . ALA A 1 77  ? -2.613  -19.416 2.382   1.00 28.72 ? 190 ALA A CA  1 
ATOM   625  C  C   . ALA A 1 77  ? -1.290  -18.995 2.978   1.00 29.50 ? 190 ALA A C   1 
ATOM   626  O  O   . ALA A 1 77  ? -0.301  -19.697 2.818   1.00 28.71 ? 190 ALA A O   1 
ATOM   627  C  CB  . ALA A 1 77  ? -2.624  -18.936 0.893   1.00 29.93 ? 190 ALA A CB  1 
ATOM   628  N  N   . GLU A 1 78  ? -1.243  -17.826 3.627   1.00 26.56 ? 191 GLU A N   1 
ATOM   629  C  CA  . GLU A 1 78  ? -0.020  -17.392 4.319   1.00 26.40 ? 191 GLU A CA  1 
ATOM   630  C  C   . GLU A 1 78  ? 0.099   -18.016 5.683   1.00 26.56 ? 191 GLU A C   1 
ATOM   631  O  O   . GLU A 1 78  ? 1.031   -17.733 6.379   1.00 28.79 ? 191 GLU A O   1 
ATOM   632  C  CB  . GLU A 1 78  ? 0.048   -15.853 4.418   1.00 25.68 ? 191 GLU A CB  1 
ATOM   633  C  CG  . GLU A 1 78  ? -0.003  -15.186 3.048   1.00 27.86 ? 191 GLU A CG  1 
ATOM   634  C  CD  . GLU A 1 78  ? 1.299   -15.359 2.245   1.00 35.13 ? 191 GLU A CD  1 
ATOM   635  O  OE1 . GLU A 1 78  ? 2.315   -15.801 2.806   1.00 37.34 ? 191 GLU A OE1 1 
ATOM   636  O  OE2 . GLU A 1 78  ? 1.315   -15.044 1.068   1.00 39.38 ? 191 GLU A OE2 1 
ATOM   637  N  N   . GLY A 1 79  ? -0.797  -18.937 6.033   1.00 25.73 ? 192 GLY A N   1 
ATOM   638  C  CA  . GLY A 1 79  ? -0.690  -19.701 7.266   1.00 25.30 ? 192 GLY A CA  1 
ATOM   639  C  C   . GLY A 1 79  ? -1.423  -19.137 8.457   1.00 24.61 ? 192 GLY A C   1 
ATOM   640  O  O   . GLY A 1 79  ? -1.241  -19.629 9.559   1.00 25.75 ? 192 GLY A O   1 
ATOM   641  N  N   . TYR A 1 80  ? -2.284  -18.123 8.272   1.00 21.37 ? 193 TYR A N   1 
ATOM   642  C  CA  . TYR A 1 80  ? -3.048  -17.646 9.397   1.00 22.49 ? 193 TYR A CA  1 
ATOM   643  C  C   . TYR A 1 80  ? -4.359  -18.436 9.420   1.00 22.24 ? 193 TYR A C   1 
ATOM   644  O  O   . TYR A 1 80  ? -5.279  -18.182 8.585   1.00 22.79 ? 193 TYR A O   1 
ATOM   645  C  CB  . TYR A 1 80  ? -3.308  -16.142 9.308   1.00 22.63 ? 193 TYR A CB  1 
ATOM   646  C  CG  . TYR A 1 80  ? -2.009  -15.410 9.402   1.00 22.24 ? 193 TYR A CG  1 
ATOM   647  C  CD1 . TYR A 1 80  ? -1.421  -15.169 10.646  1.00 23.05 ? 193 TYR A CD1 1 
ATOM   648  C  CD2 . TYR A 1 80  ? -1.293  -15.060 8.260   1.00 22.68 ? 193 TYR A CD2 1 
ATOM   649  C  CE1 . TYR A 1 80  ? -0.146  -14.537 10.740  1.00 22.44 ? 193 TYR A CE1 1 
ATOM   650  C  CE2 . TYR A 1 80  ? -0.035  -14.406 8.361   1.00 22.42 ? 193 TYR A CE2 1 
ATOM   651  C  CZ  . TYR A 1 80  ? 0.530   -14.192 9.578   1.00 22.93 ? 193 TYR A CZ  1 
ATOM   652  O  OH  . TYR A 1 80  ? 1.742   -13.544 9.693   1.00 25.27 ? 193 TYR A OH  1 
ATOM   653  N  N   . TRP A 1 81  ? -4.449  -19.356 10.382  1.00 21.23 ? 194 TRP A N   1 
ATOM   654  C  CA  . TRP A 1 81  ? -5.546  -20.328 10.410  1.00 21.02 ? 194 TRP A CA  1 
ATOM   655  C  C   . TRP A 1 81  ? -6.896  -19.595 10.495  1.00 20.83 ? 194 TRP A C   1 
ATOM   656  O  O   . TRP A 1 81  ? -7.052  -18.614 11.235  1.00 20.77 ? 194 TRP A O   1 
ATOM   657  C  CB  . TRP A 1 81  ? -5.391  -21.170 11.661  1.00 20.56 ? 194 TRP A CB  1 
ATOM   658  C  CG  . TRP A 1 81  ? -4.076  -21.897 11.808  1.00 22.68 ? 194 TRP A CG  1 
ATOM   659  C  CD1 . TRP A 1 81  ? -3.325  -22.426 10.820  1.00 21.62 ? 194 TRP A CD1 1 
ATOM   660  C  CD2 . TRP A 1 81  ? -3.398  -22.193 13.031  1.00 19.67 ? 194 TRP A CD2 1 
ATOM   661  N  NE1 . TRP A 1 81  ? -2.203  -23.015 11.348  1.00 22.70 ? 194 TRP A NE1 1 
ATOM   662  C  CE2 . TRP A 1 81  ? -2.210  -22.875 12.691  1.00 22.68 ? 194 TRP A CE2 1 
ATOM   663  C  CE3 . TRP A 1 81  ? -3.635  -21.898 14.375  1.00 21.47 ? 194 TRP A CE3 1 
ATOM   664  C  CZ2 . TRP A 1 81  ? -1.296  -23.327 13.639  1.00 23.39 ? 194 TRP A CZ2 1 
ATOM   665  C  CZ3 . TRP A 1 81  ? -2.751  -22.349 15.314  1.00 25.37 ? 194 TRP A CZ3 1 
ATOM   666  C  CH2 . TRP A 1 81  ? -1.589  -23.054 14.941  1.00 25.95 ? 194 TRP A CH2 1 
ATOM   667  N  N   . GLU A 1 82  ? -7.915  -20.137 9.898   1.00 24.27 ? 195 GLU A N   1 
ATOM   668  C  CA  . GLU A 1 82  ? -9.238  -19.554 10.047  1.00 25.21 ? 195 GLU A CA  1 
ATOM   669  C  C   . GLU A 1 82  ? -9.693  -19.411 11.454  1.00 24.24 ? 195 GLU A C   1 
ATOM   670  O  O   . GLU A 1 82  ? -10.248 -18.381 11.802  1.00 23.60 ? 195 GLU A O   1 
ATOM   671  C  CB  . GLU A 1 82  ? -10.263 -20.251 9.160   1.00 27.80 ? 195 GLU A CB  1 
ATOM   672  C  CG  . GLU A 1 82  ? -10.578 -21.672 9.440   1.00 37.78 ? 195 GLU A CG  1 
ATOM   673  C  CD  . GLU A 1 82  ? -11.818 -22.126 8.598   1.00 46.80 ? 195 GLU A CD  1 
ATOM   674  O  OE1 . GLU A 1 82  ? -12.980 -21.750 8.930   1.00 50.28 ? 195 GLU A OE1 1 
ATOM   675  O  OE2 . GLU A 1 82  ? -11.597 -22.783 7.569   1.00 52.55 ? 195 GLU A OE2 1 
ATOM   676  N  N   . GLU A 1 83  ? -9.389  -20.400 12.312  1.00 23.07 ? 196 GLU A N   1 
ATOM   677  C  CA  . GLU A 1 83  ? -9.751  -20.359 13.703  1.00 24.03 ? 196 GLU A CA  1 
ATOM   678  C  C   . GLU A 1 83  ? -9.078  -19.234 14.467  1.00 24.29 ? 196 GLU A C   1 
ATOM   679  O  O   . GLU A 1 83  ? -9.651  -18.647 15.346  1.00 24.19 ? 196 GLU A O   1 
ATOM   680  C  CB  . GLU A 1 83  ? -9.350  -21.707 14.378  1.00 25.21 ? 196 GLU A CB  1 
ATOM   681  C  CG  . GLU A 1 83  ? -10.128 -22.913 13.841  1.00 26.80 ? 196 GLU A CG  1 
ATOM   682  C  CD  . GLU A 1 83  ? -9.460  -23.615 12.649  1.00 30.69 ? 196 GLU A CD  1 
ATOM   683  O  OE1 . GLU A 1 83  ? -8.454  -23.115 12.113  1.00 29.03 ? 196 GLU A OE1 1 
ATOM   684  O  OE2 . GLU A 1 83  ? -9.945  -24.671 12.212  1.00 35.51 ? 196 GLU A OE2 1 
ATOM   685  N  N   . LEU A 1 84  ? -7.816  -18.988 14.176  1.00 22.86 ? 197 LEU A N   1 
ATOM   686  C  CA  . LEU A 1 84  ? -7.090  -17.888 14.774  1.00 24.13 ? 197 LEU A CA  1 
ATOM   687  C  C   . LEU A 1 84  ? -7.680  -16.512 14.366  1.00 22.70 ? 197 LEU A C   1 
ATOM   688  O  O   . LEU A 1 84  ? -7.918  -15.649 15.219  1.00 24.64 ? 197 LEU A O   1 
ATOM   689  C  CB  . LEU A 1 84  ? -5.626  -18.010 14.338  1.00 24.03 ? 197 LEU A CB  1 
ATOM   690  C  CG  . LEU A 1 84  ? -4.752  -16.850 14.723  1.00 30.01 ? 197 LEU A CG  1 
ATOM   691  C  CD1 . LEU A 1 84  ? -4.487  -16.891 16.202  1.00 32.40 ? 197 LEU A CD1 1 
ATOM   692  C  CD2 . LEU A 1 84  ? -3.428  -17.019 13.969  1.00 35.43 ? 197 LEU A CD2 1 
ATOM   693  N  N   . LEU A 1 85  ? -7.887  -16.328 13.075  1.00 21.80 ? 198 LEU A N   1 
ATOM   694  C  CA  . LEU A 1 85  ? -8.501  -15.119 12.533  1.00 23.42 ? 198 LEU A CA  1 
ATOM   695  C  C   . LEU A 1 85  ? -9.909  -14.902 13.112  1.00 24.58 ? 198 LEU A C   1 
ATOM   696  O  O   . LEU A 1 85  ? -10.196 -13.809 13.572  1.00 26.97 ? 198 LEU A O   1 
ATOM   697  C  CB  . LEU A 1 85  ? -8.581  -15.185 11.028  1.00 22.06 ? 198 LEU A CB  1 
ATOM   698  C  CG  . LEU A 1 85  ? -7.267  -15.187 10.246  1.00 25.53 ? 198 LEU A CG  1 
ATOM   699  C  CD1 . LEU A 1 85  ? -7.558  -15.471 8.762   1.00 28.77 ? 198 LEU A CD1 1 
ATOM   700  C  CD2 . LEU A 1 85  ? -6.587  -13.893 10.456  1.00 29.14 ? 198 LEU A CD2 1 
ATOM   701  N  N   . ASP A 1 86  ? -10.701 -15.971 13.250  1.00 26.10 ? 199 ASP A N   1 
ATOM   702  C  CA  . ASP A 1 86  ? -12.054 -15.838 13.810  1.00 26.09 ? 199 ASP A CA  1 
ATOM   703  C  C   . ASP A 1 86  ? -12.115 -15.528 15.281  1.00 27.73 ? 199 ASP A C   1 
ATOM   704  O  O   . ASP A 1 86  ? -12.969 -14.731 15.701  1.00 28.09 ? 199 ASP A O   1 
ATOM   705  C  CB  . ASP A 1 86  ? -12.977 -17.018 13.495  1.00 26.24 ? 199 ASP A CB  1 
ATOM   706  C  CG  . ASP A 1 86  ? -13.297 -17.102 12.073  1.00 26.77 ? 199 ASP A CG  1 
ATOM   707  O  OD1 . ASP A 1 86  ? -13.003 -16.145 11.294  1.00 29.55 ? 199 ASP A OD1 1 
ATOM   708  O  OD2 . ASP A 1 86  ? -13.744 -18.112 11.569  1.00 29.94 ? 199 ASP A OD2 1 
ATOM   709  N  N   . THR A 1 87  ? -11.220 -16.112 16.062  1.00 29.15 ? 200 THR A N   1 
ATOM   710  C  CA  . THR A 1 87  ? -11.303 -16.073 17.515  1.00 30.21 ? 200 THR A CA  1 
ATOM   711  C  C   . THR A 1 87  ? -10.465 -15.008 18.130  1.00 29.52 ? 200 THR A C   1 
ATOM   712  O  O   . THR A 1 87  ? -10.897 -14.265 18.998  1.00 31.00 ? 200 THR A O   1 
ATOM   713  C  CB  . THR A 1 87  ? -10.859 -17.479 18.080  1.00 30.33 ? 200 THR A CB  1 
ATOM   714  O  OG1 . THR A 1 87  ? -11.833 -18.431 17.669  1.00 36.27 ? 200 THR A OG1 1 
ATOM   715  C  CG2 . THR A 1 87  ? -10.950 -17.489 19.568  1.00 33.48 ? 200 THR A CG2 1 
ATOM   716  N  N   . THR A 1 88  ? -9.221  -14.956 17.719  1.00 28.15 ? 201 THR A N   1 
ATOM   717  C  CA  . THR A 1 88  ? -8.259  -14.017 18.280  1.00 29.04 ? 201 THR A CA  1 
ATOM   718  C  C   . THR A 1 88  ? -8.331  -12.671 17.540  1.00 27.69 ? 201 THR A C   1 
ATOM   719  O  O   . THR A 1 88  ? -8.214  -11.639 18.174  1.00 29.23 ? 201 THR A O   1 
ATOM   720  C  CB  . THR A 1 88  ? -6.890  -14.637 18.142  1.00 29.64 ? 201 THR A CB  1 
ATOM   721  O  OG1 . THR A 1 88  ? -6.878  -15.808 18.991  1.00 34.10 ? 201 THR A OG1 1 
ATOM   722  C  CG2 . THR A 1 88  ? -5.783  -13.722 18.652  1.00 31.21 ? 201 THR A CG2 1 
ATOM   723  N  N   . GLN A 1 89  ? -8.614  -12.688 16.254  1.00 26.26 ? 202 GLN A N   1 
ATOM   724  C  CA  . GLN A 1 89  ? -8.702  -11.448 15.441  1.00 25.17 ? 202 GLN A CA  1 
ATOM   725  C  C   . GLN A 1 89  ? -7.444  -10.610 15.627  1.00 25.15 ? 202 GLN A C   1 
ATOM   726  O  O   . GLN A 1 89  ? -7.486  -9.487  16.132  1.00 26.85 ? 202 GLN A O   1 
ATOM   727  C  CB  . GLN A 1 89  ? -10.025 -10.702 15.804  1.00 25.92 ? 202 GLN A CB  1 
ATOM   728  C  CG  . GLN A 1 89  ? -11.292 -11.435 15.316  1.00 26.76 ? 202 GLN A CG  1 
ATOM   729  C  CD  . GLN A 1 89  ? -12.568 -10.923 15.983  1.00 32.94 ? 202 GLN A CD  1 
ATOM   730  O  OE1 . GLN A 1 89  ? -12.713 -9.726  16.147  1.00 28.28 ? 202 GLN A OE1 1 
ATOM   731  N  NE2 . GLN A 1 89  ? -13.513 -11.831 16.302  1.00 30.45 ? 202 GLN A NE2 1 
ATOM   732  N  N   . PRO A 1 90  ? -6.282  -11.158 15.295  1.00 24.23 ? 203 PRO A N   1 
ATOM   733  C  CA  . PRO A 1 90  ? -5.019  -10.445 15.489  1.00 24.41 ? 203 PRO A CA  1 
ATOM   734  C  C   . PRO A 1 90  ? -4.976  -9.186  14.643  1.00 23.53 ? 203 PRO A C   1 
ATOM   735  O  O   . PRO A 1 90  ? -5.656  -9.074  13.600  1.00 23.77 ? 203 PRO A O   1 
ATOM   736  C  CB  . PRO A 1 90  ? -3.987  -11.426 14.952  1.00 24.89 ? 203 PRO A CB  1 
ATOM   737  C  CG  . PRO A 1 90  ? -4.716  -12.189 13.955  1.00 25.20 ? 203 PRO A CG  1 
ATOM   738  C  CD  . PRO A 1 90  ? -6.088  -12.429 14.569  1.00 25.81 ? 203 PRO A CD  1 
ATOM   739  N  N   . ALA A 1 91  ? -4.190  -8.240  15.090  1.00 22.93 ? 204 ALA A N   1 
ATOM   740  C  CA  . ALA A 1 91  ? -4.038  -6.982  14.369  1.00 22.93 ? 204 ALA A CA  1 
ATOM   741  C  C   . ALA A 1 91  ? -3.544  -7.135  12.952  1.00 21.37 ? 204 ALA A C   1 
ATOM   742  O  O   . ALA A 1 91  ? -2.556  -7.833  12.656  1.00 21.54 ? 204 ALA A O   1 
ATOM   743  C  CB  . ALA A 1 91  ? -3.221  -6.018  15.181  1.00 24.38 ? 204 ALA A CB  1 
ATOM   744  N  N   . ILE A 1 92  ? -4.267  -6.519  12.024  1.00 21.33 ? 205 ILE A N   1 
ATOM   745  C  CA  . ILE A 1 92  ? -3.838  -6.469  10.601  1.00 21.35 ? 205 ILE A CA  1 
ATOM   746  C  C   . ILE A 1 92  ? -3.415  -4.997  10.337  1.00 21.81 ? 205 ILE A C   1 
ATOM   747  O  O   . ILE A 1 92  ? -4.278  -4.080  10.373  1.00 22.27 ? 205 ILE A O   1 
ATOM   748  C  CB  . ILE A 1 92  ? -4.959  -6.897  9.684   1.00 21.37 ? 205 ILE A CB  1 
ATOM   749  C  CG1 . ILE A 1 92  ? -5.340  -8.361  10.023  1.00 21.61 ? 205 ILE A CG1 1 
ATOM   750  C  CG2 . ILE A 1 92  ? -4.520  -6.787  8.178   1.00 23.73 ? 205 ILE A CG2 1 
ATOM   751  C  CD1 . ILE A 1 92  ? -6.457  -8.870  9.234   1.00 24.66 ? 205 ILE A CD1 1 
ATOM   752  N  N   . VAL A 1 93  ? -2.127  -4.807  10.083  1.00 22.17 ? 206 VAL A N   1 
ATOM   753  C  CA  . VAL A 1 93  ? -1.472  -3.496  10.043  1.00 22.84 ? 206 VAL A CA  1 
ATOM   754  C  C   . VAL A 1 93  ? -1.128  -3.194  8.596   1.00 23.45 ? 206 VAL A C   1 
ATOM   755  O  O   . VAL A 1 93  ? -0.515  -4.018  7.883   1.00 23.02 ? 206 VAL A O   1 
ATOM   756  C  CB  . VAL A 1 93  ? -0.252  -3.487  10.898  1.00 24.10 ? 206 VAL A CB  1 
ATOM   757  C  CG1 . VAL A 1 93  ? 0.378   -2.079  10.938  1.00 25.26 ? 206 VAL A CG1 1 
ATOM   758  C  CG2 . VAL A 1 93  ? -0.635  -3.896  12.356  1.00 24.37 ? 206 VAL A CG2 1 
ATOM   759  N  N   . VAL A 1 94  ? -1.613  -2.042  8.127   1.00 22.06 ? 207 VAL A N   1 
ATOM   760  C  CA  . VAL A 1 94  ? -1.403  -1.619  6.759   1.00 23.60 ? 207 VAL A CA  1 
ATOM   761  C  C   . VAL A 1 94  ? -0.601  -0.313  6.809   1.00 22.96 ? 207 VAL A C   1 
ATOM   762  O  O   . VAL A 1 94  ? -0.906  0.543   7.588   1.00 24.19 ? 207 VAL A O   1 
ATOM   763  C  CB  . VAL A 1 94  ? -2.731  -1.385  6.049   1.00 25.07 ? 207 VAL A CB  1 
ATOM   764  C  CG1 . VAL A 1 94  ? -2.449  -0.798  4.637   1.00 31.11 ? 207 VAL A CG1 1 
ATOM   765  C  CG2 . VAL A 1 94  ? -3.424  -2.672  5.914   1.00 30.45 ? 207 VAL A CG2 1 
ATOM   766  N  N   . LYS A 1 95  ? 0.459   -0.189  6.016   1.00 23.40 ? 208 LYS A N   1 
ATOM   767  C  CA  . LYS A 1 95  ? 1.231   1.035   5.945   1.00 23.02 ? 208 LYS A CA  1 
ATOM   768  C  C   . LYS A 1 95  ? 1.513   1.310   4.472   1.00 21.81 ? 208 LYS A C   1 
ATOM   769  O  O   . LYS A 1 95  ? 1.634   0.397   3.642   1.00 22.55 ? 208 LYS A O   1 
ATOM   770  C  CB  . LYS A 1 95  ? 2.551   0.910   6.686   1.00 22.26 ? 208 LYS A CB  1 
ATOM   771  C  CG  . LYS A 1 95  ? 2.456   0.777   8.208   1.00 28.94 ? 208 LYS A CG  1 
ATOM   772  C  CD  . LYS A 1 95  ? 3.820   0.514   8.853   1.00 32.35 ? 208 LYS A CD  1 
ATOM   773  C  CE  . LYS A 1 95  ? 3.679   0.300   10.377  1.00 36.60 ? 208 LYS A CE  1 
ATOM   774  N  NZ  . LYS A 1 95  ? 2.955   1.423   11.066  1.00 39.72 ? 208 LYS A NZ  1 
ATOM   775  N  N   . ASP A 1 96  ? 1.685   2.576   4.162   1.00 22.40 ? 209 ASP A N   1 
ATOM   776  C  CA  . ASP A 1 96  ? 2.088   2.972   2.823   1.00 21.85 ? 209 ASP A CA  1 
ATOM   777  C  C   . ASP A 1 96  ? 2.876   4.261   2.923   1.00 21.84 ? 209 ASP A C   1 
ATOM   778  O  O   . ASP A 1 96  ? 2.691   5.003   3.859   1.00 23.34 ? 209 ASP A O   1 
ATOM   779  C  CB  . ASP A 1 96  ? 0.839   3.133   1.983   1.00 21.03 ? 209 ASP A CB  1 
ATOM   780  C  CG  . ASP A 1 96  ? 1.093   3.059   0.491   1.00 22.01 ? 209 ASP A CG  1 
ATOM   781  O  OD1 . ASP A 1 96  ? 2.111   2.431   0.049   1.00 23.17 ? 209 ASP A OD1 1 
ATOM   782  O  OD2 . ASP A 1 96  ? 0.247   3.520   -0.354  1.00 24.87 ? 209 ASP A OD2 1 
ATOM   783  N  N   . TRP A 1 97  ? 3.747   4.527   1.946   1.00 21.91 ? 210 TRP A N   1 
ATOM   784  C  CA  . TRP A 1 97  ? 4.551   5.770   1.960   1.00 23.69 ? 210 TRP A CA  1 
ATOM   785  C  C   . TRP A 1 97  ? 4.249   6.492   0.644   1.00 22.31 ? 210 TRP A C   1 
ATOM   786  O  O   . TRP A 1 97  ? 4.163   5.852   -0.414  1.00 21.70 ? 210 TRP A O   1 
ATOM   787  C  CB  . TRP A 1 97  ? 6.041   5.492   2.065   1.00 24.23 ? 210 TRP A CB  1 
ATOM   788  C  CG  . TRP A 1 97  ? 6.427   4.994   3.408   1.00 30.10 ? 210 TRP A CG  1 
ATOM   789  C  CD1 . TRP A 1 97  ? 6.255   3.717   3.899   1.00 33.80 ? 210 TRP A CD1 1 
ATOM   790  C  CD2 . TRP A 1 97  ? 6.965   5.776   4.489   1.00 36.23 ? 210 TRP A CD2 1 
ATOM   791  N  NE1 . TRP A 1 97  ? 6.707   3.672   5.199   1.00 33.44 ? 210 TRP A NE1 1 
ATOM   792  C  CE2 . TRP A 1 97  ? 7.153   4.906   5.582   1.00 35.59 ? 210 TRP A CE2 1 
ATOM   793  C  CE3 . TRP A 1 97  ? 7.349   7.126   4.626   1.00 41.03 ? 210 TRP A CE3 1 
ATOM   794  C  CZ2 . TRP A 1 97  ? 7.683   5.338   6.809   1.00 42.40 ? 210 TRP A CZ2 1 
ATOM   795  C  CZ3 . TRP A 1 97  ? 7.891   7.559   5.844   1.00 46.30 ? 210 TRP A CZ3 1 
ATOM   796  C  CH2 . TRP A 1 97  ? 8.042   6.665   6.927   1.00 44.70 ? 210 TRP A CH2 1 
ATOM   797  N  N   . TYR A 1 98  ? 3.981   7.774   0.738   1.00 22.31 ? 211 TYR A N   1 
ATOM   798  C  CA  . TYR A 1 98  ? 3.741   8.560   -0.467  1.00 23.12 ? 211 TYR A CA  1 
ATOM   799  C  C   . TYR A 1 98  ? 4.462   9.920   -0.420  1.00 24.14 ? 211 TYR A C   1 
ATOM   800  O  O   . TYR A 1 98  ? 4.817   10.425  0.651   1.00 24.51 ? 211 TYR A O   1 
ATOM   801  C  CB  . TYR A 1 98  ? 2.256   8.691   -0.748  1.00 22.97 ? 211 TYR A CB  1 
ATOM   802  C  CG  . TYR A 1 98  ? 1.535   9.456   0.291   1.00 25.91 ? 211 TYR A CG  1 
ATOM   803  C  CD1 . TYR A 1 98  ? 1.329   10.843  0.180   1.00 27.33 ? 211 TYR A CD1 1 
ATOM   804  C  CD2 . TYR A 1 98  ? 1.070   8.846   1.421   1.00 26.30 ? 211 TYR A CD2 1 
ATOM   805  C  CE1 . TYR A 1 98  ? 0.716   11.544  1.177   1.00 30.44 ? 211 TYR A CE1 1 
ATOM   806  C  CE2 . TYR A 1 98  ? 0.430   9.568   2.422   1.00 27.03 ? 211 TYR A CE2 1 
ATOM   807  C  CZ  . TYR A 1 98  ? 0.239   10.896  2.280   1.00 30.80 ? 211 TYR A CZ  1 
ATOM   808  O  OH  . TYR A 1 98  ? -0.399  11.596  3.246   1.00 33.81 ? 211 TYR A OH  1 
ATOM   809  N  N   . SER A 1 99  ? 4.758   10.459  -1.604  1.00 24.99 ? 212 SER A N   1 
ATOM   810  C  CA  . SER A 1 99  ? 5.334   11.786  -1.721  1.00 24.37 ? 212 SER A CA  1 
ATOM   811  C  C   . SER A 1 99  ? 5.009   12.343  -3.136  1.00 26.07 ? 212 SER A C   1 
ATOM   812  O  O   . SER A 1 99  ? 4.402   11.660  -3.966  1.00 22.84 ? 212 SER A O   1 
ATOM   813  C  CB  . SER A 1 99  ? 6.846   11.746  -1.560  1.00 24.93 ? 212 SER A CB  1 
ATOM   814  O  OG  . SER A 1 99  ? 7.396   11.018  -2.603  1.00 24.22 ? 212 SER A OG  1 
ATOM   815  N  N   . GLY A 1 100 ? 5.414   13.597  -3.378  1.00 27.02 ? 213 GLY A N   1 
ATOM   816  C  CA  . GLY A 1 100 ? 5.188   14.191  -4.695  1.00 27.98 ? 213 GLY A CA  1 
ATOM   817  C  C   . GLY A 1 100 ? 6.470   14.923  -5.057  1.00 28.81 ? 213 GLY A C   1 
ATOM   818  O  O   . GLY A 1 100 ? 7.463   14.910  -4.320  1.00 28.67 ? 213 GLY A O   1 
ATOM   819  N  N   . ARG A 1 101 ? 6.434   15.561  -6.196  1.00 28.98 ? 214 ARG A N   1 
ATOM   820  C  CA  . ARG A 1 101 ? 7.540   16.421  -6.640  1.00 28.06 ? 214 ARG A CA  1 
ATOM   821  C  C   . ARG A 1 101 ? 7.410   17.820  -6.089  1.00 28.56 ? 214 ARG A C   1 
ATOM   822  O  O   . ARG A 1 101 ? 6.352   18.252  -5.617  1.00 28.99 ? 214 ARG A O   1 
ATOM   823  C  CB  . ARG A 1 101 ? 7.517   16.452  -8.152  1.00 27.71 ? 214 ARG A CB  1 
ATOM   824  C  CG  . ARG A 1 101 ? 7.828   15.171  -8.821  1.00 28.59 ? 214 ARG A CG  1 
ATOM   825  C  CD  . ARG A 1 101 ? 7.681   15.251  -10.317 1.00 31.37 ? 214 ARG A CD  1 
ATOM   826  N  NE  . ARG A 1 101 ? 8.567   16.283  -10.863 1.00 30.51 ? 214 ARG A NE  1 
ATOM   827  C  CZ  . ARG A 1 101 ? 9.813   16.074  -11.263 1.00 36.58 ? 214 ARG A CZ  1 
ATOM   828  N  NH1 . ARG A 1 101 ? 10.369  14.856  -11.218 1.00 40.23 ? 214 ARG A NH1 1 
ATOM   829  N  NH2 . ARG A 1 101 ? 10.552  17.104  -11.665 1.00 36.06 ? 214 ARG A NH2 1 
ATOM   830  N  N   . THR A 1 102 ? 8.490   18.580  -6.163  1.00 29.16 ? 215 THR A N   1 
ATOM   831  C  CA  . THR A 1 102 ? 8.471   19.959  -5.677  1.00 29.78 ? 215 THR A CA  1 
ATOM   832  C  C   . THR A 1 102 ? 8.046   20.943  -6.750  1.00 28.97 ? 215 THR A C   1 
ATOM   833  O  O   . THR A 1 102 ? 7.753   22.123  -6.442  1.00 28.78 ? 215 THR A O   1 
ATOM   834  C  CB  . THR A 1 102 ? 9.852   20.401  -5.140  1.00 30.67 ? 215 THR A CB  1 
ATOM   835  O  OG1 . THR A 1 102 ? 10.833  20.103  -6.128  1.00 33.42 ? 215 THR A OG1 1 
ATOM   836  C  CG2 . THR A 1 102 ? 10.290  19.548  -3.935  1.00 33.97 ? 215 THR A CG2 1 
ATOM   837  N  N   . ASP A 1 103 ? 7.926   20.481  -7.974  1.00 26.75 ? 216 ASP A N   1 
ATOM   838  C  CA  . ASP A 1 103 ? 7.553   21.421  -9.078  1.00 27.06 ? 216 ASP A CA  1 
ATOM   839  C  C   . ASP A 1 103 ? 6.074   21.321  -9.497  1.00 27.33 ? 216 ASP A C   1 
ATOM   840  O  O   . ASP A 1 103 ? 5.629   21.966  -10.433 1.00 25.68 ? 216 ASP A O   1 
ATOM   841  C  CB  . ASP A 1 103 ? 8.516   21.269  -10.290 1.00 26.17 ? 216 ASP A CB  1 
ATOM   842  C  CG  . ASP A 1 103 ? 8.581   19.862  -10.831 1.00 29.08 ? 216 ASP A CG  1 
ATOM   843  O  OD1 . ASP A 1 103 ? 7.978   18.912  -10.247 1.00 27.38 ? 216 ASP A OD1 1 
ATOM   844  O  OD2 . ASP A 1 103 ? 9.216   19.579  -11.853 1.00 28.16 ? 216 ASP A OD2 1 
ATOM   845  N  N   . ALA A 1 104 ? 5.306   20.467  -8.822  1.00 26.58 ? 217 ALA A N   1 
ATOM   846  C  CA  . ALA A 1 104 ? 3.893   20.250  -9.173  1.00 25.02 ? 217 ALA A CA  1 
ATOM   847  C  C   . ALA A 1 104 ? 3.238   19.533  -8.031  1.00 24.05 ? 217 ALA A C   1 
ATOM   848  O  O   . ALA A 1 104 ? 3.855   18.661  -7.450  1.00 25.15 ? 217 ALA A O   1 
ATOM   849  C  CB  . ALA A 1 104 ? 3.786   19.338  -10.368 1.00 27.47 ? 217 ALA A CB  1 
ATOM   850  N  N   . GLY A 1 105 ? 1.993   19.856  -7.746  1.00 23.28 ? 218 GLY A N   1 
ATOM   851  C  CA  . GLY A 1 105 ? 1.205   19.203  -6.700  1.00 22.19 ? 218 GLY A CA  1 
ATOM   852  C  C   . GLY A 1 105 ? 0.710   17.859  -7.170  1.00 21.55 ? 218 GLY A C   1 
ATOM   853  O  O   . GLY A 1 105 ? 0.646   17.580  -8.352  1.00 21.02 ? 218 GLY A O   1 
ATOM   854  N  N   . SER A 1 106 ? 0.255   17.049  -6.219  1.00 22.01 ? 219 SER A N   1 
ATOM   855  C  CA  . SER A 1 106 ? -0.330  15.754  -6.573  1.00 20.68 ? 219 SER A CA  1 
ATOM   856  C  C   . SER A 1 106 ? -1.315  15.293  -5.510  1.00 21.33 ? 219 SER A C   1 
ATOM   857  O  O   . SER A 1 106 ? -1.492  15.945  -4.404  1.00 20.59 ? 219 SER A O   1 
ATOM   858  C  CB  . SER A 1 106 ? 0.787   14.739  -6.824  1.00 21.15 ? 219 SER A CB  1 
ATOM   859  O  OG  . SER A 1 106 ? 1.638   14.656  -5.714  1.00 20.77 ? 219 SER A OG  1 
ATOM   860  N  N   . LEU A 1 107 ? -2.003  14.214  -5.841  1.00 21.80 ? 220 LEU A N   1 
ATOM   861  C  CA  . LEU A 1 107 ? -3.037  13.642  -5.005  1.00 22.20 ? 220 LEU A CA  1 
ATOM   862  C  C   . LEU A 1 107 ? -2.803  12.143  -4.874  1.00 22.09 ? 220 LEU A C   1 
ATOM   863  O  O   . LEU A 1 107 ? -2.428  11.489  -5.823  1.00 21.59 ? 220 LEU A O   1 
ATOM   864  C  CB  . LEU A 1 107 ? -4.396  13.798  -5.679  1.00 23.59 ? 220 LEU A CB  1 
ATOM   865  C  CG  . LEU A 1 107 ? -4.880  15.253  -5.884  1.00 26.94 ? 220 LEU A CG  1 
ATOM   866  C  CD1 . LEU A 1 107 ? -6.131  15.224  -6.736  1.00 31.12 ? 220 LEU A CD1 1 
ATOM   867  C  CD2 . LEU A 1 107 ? -5.219  15.876  -4.581  1.00 32.71 ? 220 LEU A CD2 1 
ATOM   868  N  N   . TYR A 1 108 ? -3.174  11.621  -3.712  1.00 21.68 ? 221 TYR A N   1 
ATOM   869  C  CA  . TYR A 1 108 ? -3.008  10.179  -3.386  1.00 20.65 ? 221 TYR A CA  1 
ATOM   870  C  C   . TYR A 1 108 ? -4.326  9.662   -2.803  1.00 20.99 ? 221 TYR A C   1 
ATOM   871  O  O   . TYR A 1 108 ? -5.066  10.424  -2.174  1.00 19.80 ? 221 TYR A O   1 
ATOM   872  C  CB  . TYR A 1 108 ? -1.912  10.128  -2.338  1.00 21.67 ? 221 TYR A CB  1 
ATOM   873  C  CG  . TYR A 1 108 ? -1.765  8.824   -1.563  1.00 20.04 ? 221 TYR A CG  1 
ATOM   874  C  CD1 . TYR A 1 108 ? -1.095  7.750   -2.101  1.00 20.18 ? 221 TYR A CD1 1 
ATOM   875  C  CD2 . TYR A 1 108 ? -2.313  8.686   -0.307  1.00 22.12 ? 221 TYR A CD2 1 
ATOM   876  C  CE1 . TYR A 1 108 ? -0.976  6.537   -1.385  1.00 24.14 ? 221 TYR A CE1 1 
ATOM   877  C  CE2 . TYR A 1 108 ? -2.232  7.507   0.386   1.00 22.70 ? 221 TYR A CE2 1 
ATOM   878  C  CZ  . TYR A 1 108 ? -1.524  6.429   -0.131  1.00 22.66 ? 221 TYR A CZ  1 
ATOM   879  O  OH  . TYR A 1 108 ? -1.414  5.246   0.548   1.00 24.17 ? 221 TYR A OH  1 
ATOM   880  N  N   . GLU A 1 109 ? -4.599  8.377   -2.947  1.00 20.25 ? 222 GLU A N   1 
ATOM   881  C  CA  . GLU A 1 109 ? -5.724  7.745   -2.279  1.00 23.16 ? 222 GLU A CA  1 
ATOM   882  C  C   . GLU A 1 109 ? -5.337  6.286   -1.909  1.00 22.36 ? 222 GLU A C   1 
ATOM   883  O  O   . GLU A 1 109 ? -4.619  5.652   -2.655  1.00 22.39 ? 222 GLU A O   1 
ATOM   884  C  CB  . GLU A 1 109 ? -6.826  7.674   -3.322  1.00 24.37 ? 222 GLU A CB  1 
ATOM   885  C  CG  . GLU A 1 109 ? -8.062  7.006   -2.897  1.00 33.54 ? 222 GLU A CG  1 
ATOM   886  C  CD  . GLU A 1 109 ? -9.291  7.377   -3.733  1.00 39.55 ? 222 GLU A CD  1 
ATOM   887  O  OE1 . GLU A 1 109 ? -9.257  7.381   -4.993  1.00 37.97 ? 222 GLU A OE1 1 
ATOM   888  O  OE2 . GLU A 1 109 ? -10.323 7.582   -3.055  1.00 44.98 ? 222 GLU A OE2 1 
ATOM   889  N  N   . LEU A 1 110 ? -5.821  5.802   -0.765  1.00 22.71 ? 223 LEU A N   1 
ATOM   890  C  CA  . LEU A 1 110 ? -5.675  4.419   -0.333  1.00 21.19 ? 223 LEU A CA  1 
ATOM   891  C  C   . LEU A 1 110 ? -7.006  3.901   0.155   1.00 21.77 ? 223 LEU A C   1 
ATOM   892  O  O   . LEU A 1 110 ? -7.716  4.608   0.892   1.00 20.80 ? 223 LEU A O   1 
ATOM   893  C  CB  . LEU A 1 110 ? -4.694  4.363   0.776   1.00 23.15 ? 223 LEU A CB  1 
ATOM   894  C  CG  . LEU A 1 110 ? -4.501  3.056   1.575   1.00 22.77 ? 223 LEU A CG  1 
ATOM   895  C  CD1 . LEU A 1 110 ? -3.757  2.093   0.801   1.00 23.86 ? 223 LEU A CD1 1 
ATOM   896  C  CD2 . LEU A 1 110 ? -3.750  3.409   2.840   1.00 27.76 ? 223 LEU A CD2 1 
ATOM   897  N  N   . THR A 1 111 ? -7.343  2.701   -0.305  1.00 21.11 ? 224 THR A N   1 
ATOM   898  C  CA  . THR A 1 111 ? -8.507  1.965   0.131   1.00 22.81 ? 224 THR A CA  1 
ATOM   899  C  C   . THR A 1 111 ? -8.056  0.529   0.472   1.00 22.77 ? 224 THR A C   1 
ATOM   900  O  O   . THR A 1 111 ? -7.497  -0.126  -0.391  1.00 23.21 ? 224 THR A O   1 
ATOM   901  C  CB  . THR A 1 111 ? -9.558  1.923   -0.981  1.00 23.78 ? 224 THR A CB  1 
ATOM   902  O  OG1 . THR A 1 111 ? -9.932  3.241   -1.322  1.00 24.51 ? 224 THR A OG1 1 
ATOM   903  C  CG2 . THR A 1 111 ? -10.914 1.339   -0.445  1.00 25.89 ? 224 THR A CG2 1 
ATOM   904  N  N   . VAL A 1 112 ? -8.275  0.096   1.712   1.00 20.67 ? 225 VAL A N   1 
ATOM   905  C  CA  . VAL A 1 112 ? -7.999  -1.269  2.130   1.00 20.98 ? 225 VAL A CA  1 
ATOM   906  C  C   . VAL A 1 112 ? -9.251  -1.919  2.719   1.00 20.42 ? 225 VAL A C   1 
ATOM   907  O  O   . VAL A 1 112 ? -9.934  -1.305  3.543   1.00 21.30 ? 225 VAL A O   1 
ATOM   908  C  CB  . VAL A 1 112 ? -6.907  -1.289  3.196   1.00 22.96 ? 225 VAL A CB  1 
ATOM   909  C  CG1 . VAL A 1 112 ? -6.502  -2.743  3.558   1.00 23.04 ? 225 VAL A CG1 1 
ATOM   910  C  CG2 . VAL A 1 112 ? -5.686  -0.492  2.714   1.00 24.87 ? 225 VAL A CG2 1 
ATOM   911  N  N   . ARG A 1 113 ? -9.594  -3.082  2.229   1.00 19.67 ? 226 ARG A N   1 
ATOM   912  C  CA  . ARG A 1 113 ? -10.777 -3.821  2.696   1.00 20.40 ? 226 ARG A CA  1 
ATOM   913  C  C   . ARG A 1 113 ? -10.374 -5.209  3.238   1.00 21.11 ? 226 ARG A C   1 
ATOM   914  O  O   . ARG A 1 113 ? -9.436  -5.863  2.697   1.00 20.69 ? 226 ARG A O   1 
ATOM   915  C  CB  . ARG A 1 113 ? -11.736 -4.051  1.545   1.00 19.74 ? 226 ARG A CB  1 
ATOM   916  C  CG  . ARG A 1 113 ? -12.284 -2.805  0.996   1.00 24.71 ? 226 ARG A CG  1 
ATOM   917  C  CD  . ARG A 1 113 ? -13.197 -2.930  -0.222  1.00 29.31 ? 226 ARG A CD  1 
ATOM   918  N  NE  . ARG A 1 113 ? -13.761 -1.603  -0.382  1.00 37.42 ? 226 ARG A NE  1 
ATOM   919  C  CZ  . ARG A 1 113 ? -13.950 -0.989  -1.558  1.00 48.51 ? 226 ARG A CZ  1 
ATOM   920  N  NH1 . ARG A 1 113 ? -13.711 -1.617  -2.717  1.00 51.89 ? 226 ARG A NH1 1 
ATOM   921  N  NH2 . ARG A 1 113 ? -14.398 0.265   -1.581  1.00 49.17 ? 226 ARG A NH2 1 
ATOM   922  N  N   . LEU A 1 114 ? -11.081 -5.654  4.266   1.00 20.08 ? 227 LEU A N   1 
ATOM   923  C  CA  . LEU A 1 114 ? -11.033 -7.041  4.686   1.00 20.56 ? 227 LEU A CA  1 
ATOM   924  C  C   . LEU A 1 114 ? -12.236 -7.729  4.148   1.00 20.78 ? 227 LEU A C   1 
ATOM   925  O  O   . LEU A 1 114 ? -13.378 -7.201  4.243   1.00 20.93 ? 227 LEU A O   1 
ATOM   926  C  CB  . LEU A 1 114 ? -10.954 -7.127  6.212   1.00 20.59 ? 227 LEU A CB  1 
ATOM   927  C  CG  . LEU A 1 114 ? -9.982  -6.346  7.035   1.00 24.90 ? 227 LEU A CG  1 
ATOM   928  C  CD1 . LEU A 1 114 ? -10.136 -6.702  8.510   1.00 23.67 ? 227 LEU A CD1 1 
ATOM   929  C  CD2 . LEU A 1 114 ? -8.581  -6.624  6.570   1.00 26.12 ? 227 LEU A CD2 1 
ATOM   930  N  N   . LEU A 1 115 ? -12.015 -8.875  3.537   1.00 20.85 ? 228 LEU A N   1 
ATOM   931  C  CA  . LEU A 1 115 ? -12.986 -9.562  2.764   1.00 20.82 ? 228 LEU A CA  1 
ATOM   932  C  C   . LEU A 1 115 ? -13.154 -10.988 3.277   1.00 22.76 ? 228 LEU A C   1 
ATOM   933  O  O   . LEU A 1 115 ? -12.150 -11.608 3.759   1.00 20.45 ? 228 LEU A O   1 
ATOM   934  C  CB  . LEU A 1 115 ? -12.535 -9.639  1.288   1.00 21.09 ? 228 LEU A CB  1 
ATOM   935  C  CG  . LEU A 1 115 ? -12.258 -8.321  0.565   1.00 26.67 ? 228 LEU A CG  1 
ATOM   936  C  CD1 . LEU A 1 115 ? -11.804 -8.572  -0.887  1.00 30.58 ? 228 LEU A CD1 1 
ATOM   937  C  CD2 . LEU A 1 115 ? -13.519 -7.517  0.512   1.00 28.59 ? 228 LEU A CD2 1 
ATOM   938  N  N   . SER A 1 116 ? -14.379 -11.510 3.158   1.00 21.00 ? 229 SER A N   1 
ATOM   939  C  CA  . SER A 1 116 ? -14.691 -12.910 3.518   1.00 22.69 ? 229 SER A CA  1 
ATOM   940  C  C   . SER A 1 116 ? -14.241 -13.764 2.403   1.00 23.90 ? 229 SER A C   1 
ATOM   941  O  O   . SER A 1 116 ? -13.889 -13.273 1.344   1.00 24.91 ? 229 SER A O   1 
ATOM   942  C  CB  . SER A 1 116 ? -16.217 -13.113 3.702   1.00 22.63 ? 229 SER A CB  1 
ATOM   943  O  OG  . SER A 1 116 ? -16.887 -13.008 2.444   1.00 22.63 ? 229 SER A OG  1 
ATOM   944  N  N   . GLU A 1 117 ? -14.434 -15.061 2.511   1.00 26.00 ? 230 GLU A N   1 
ATOM   945  C  CA  . GLU A 1 117 ? -14.116 -15.928 1.419   1.00 29.67 ? 230 GLU A CA  1 
ATOM   946  C  C   . GLU A 1 117 ? -15.003 -15.680 0.208   1.00 29.84 ? 230 GLU A C   1 
ATOM   947  O  O   . GLU A 1 117 ? -14.654 -16.034 -0.911  1.00 29.92 ? 230 GLU A O   1 
ATOM   948  C  CB  . GLU A 1 117 ? -14.189 -17.422 1.885   1.00 33.13 ? 230 GLU A CB  1 
ATOM   949  C  CG  . GLU A 1 117 ? -15.568 -18.003 2.054   1.00 39.32 ? 230 GLU A CG  1 
ATOM   950  C  CD  . GLU A 1 117 ? -15.553 -19.429 2.644   1.00 48.88 ? 230 GLU A CD  1 
ATOM   951  O  OE1 . GLU A 1 117 ? -14.781 -20.279 2.126   1.00 53.37 ? 230 GLU A OE1 1 
ATOM   952  O  OE2 . GLU A 1 117 ? -16.332 -19.657 3.632   1.00 53.77 ? 230 GLU A OE2 1 
ATOM   953  N  N   . ASN A 1 118 ? -16.178 -15.090 0.411   1.00 29.88 ? 231 ASN A N   1 
ATOM   954  C  CA  . ASN A 1 118 ? -17.063 -14.810 -0.716  1.00 31.03 ? 231 ASN A CA  1 
ATOM   955  C  C   . ASN A 1 118 ? -17.037 -13.371 -1.149  1.00 30.98 ? 231 ASN A C   1 
ATOM   956  O  O   . ASN A 1 118 ? -17.959 -12.909 -1.821  1.00 29.91 ? 231 ASN A O   1 
ATOM   957  C  CB  . ASN A 1 118 ? -18.464 -15.199 -0.317  1.00 32.48 ? 231 ASN A CB  1 
ATOM   958  C  CG  . ASN A 1 118 ? -18.591 -16.707 -0.128  1.00 38.33 ? 231 ASN A CG  1 
ATOM   959  O  OD1 . ASN A 1 118 ? -18.962 -17.187 0.941   1.00 45.15 ? 231 ASN A OD1 1 
ATOM   960  N  ND2 . ASN A 1 118 ? -18.221 -17.457 -1.173  1.00 40.29 ? 231 ASN A ND2 1 
ATOM   961  N  N   . GLU A 1 119 ? -15.983 -12.668 -0.730  1.00 30.77 ? 232 GLU A N   1 
ATOM   962  C  CA  . GLU A 1 119 ? -15.744 -11.259 -1.061  1.00 30.77 ? 232 GLU A CA  1 
ATOM   963  C  C   . GLU A 1 119 ? -16.781 -10.286 -0.453  1.00 29.71 ? 232 GLU A C   1 
ATOM   964  O  O   . GLU A 1 119 ? -16.913 -9.166  -0.929  1.00 29.56 ? 232 GLU A O   1 
ATOM   965  C  CB  . GLU A 1 119 ? -15.580 -11.047 -2.608  1.00 31.85 ? 232 GLU A CB  1 
ATOM   966  C  CG  . GLU A 1 119 ? -14.395 -11.844 -3.176  1.00 37.28 ? 232 GLU A CG  1 
ATOM   967  C  CD  . GLU A 1 119 ? -14.118 -11.623 -4.671  1.00 46.11 ? 232 GLU A CD  1 
ATOM   968  O  OE1 . GLU A 1 119 ? -14.109 -10.462 -5.126  1.00 50.23 ? 232 GLU A OE1 1 
ATOM   969  O  OE2 . GLU A 1 119 ? -13.892 -12.622 -5.385  1.00 52.02 ? 232 GLU A OE2 1 
ATOM   970  N  N   . ASP A 1 120 ? -17.421 -10.662 0.641   1.00 25.56 ? 233 ASP A N   1 
ATOM   971  C  CA  . ASP A 1 120 ? -18.161 -9.685  1.439   1.00 23.82 ? 233 ASP A CA  1 
ATOM   972  C  C   . ASP A 1 120 ? -17.207 -8.721  2.057   1.00 23.02 ? 233 ASP A C   1 
ATOM   973  O  O   . ASP A 1 120 ? -16.111 -9.123  2.586   1.00 22.17 ? 233 ASP A O   1 
ATOM   974  C  CB  . ASP A 1 120 ? -18.920 -10.385 2.571   1.00 24.11 ? 233 ASP A CB  1 
ATOM   975  C  CG  . ASP A 1 120 ? -19.713 -11.584 2.057   1.00 26.93 ? 233 ASP A CG  1 
ATOM   976  O  OD1 . ASP A 1 120 ? -20.718 -11.342 1.327   1.00 28.42 ? 233 ASP A OD1 1 
ATOM   977  O  OD2 . ASP A 1 120 ? -19.339 -12.771 2.229   1.00 25.17 ? 233 ASP A OD2 1 
ATOM   978  N  N   . VAL A 1 121 ? -17.587 -7.440  2.066   1.00 21.63 ? 234 VAL A N   1 
ATOM   979  C  CA  . VAL A 1 121 ? -16.740 -6.437  2.660   1.00 21.37 ? 234 VAL A CA  1 
ATOM   980  C  C   . VAL A 1 121 ? -17.012 -6.379  4.132   1.00 21.12 ? 234 VAL A C   1 
ATOM   981  O  O   . VAL A 1 121 ? -18.048 -5.856  4.593   1.00 21.13 ? 234 VAL A O   1 
ATOM   982  C  CB  . VAL A 1 121 ? -16.927 -5.056  2.000   1.00 20.27 ? 234 VAL A CB  1 
ATOM   983  C  CG1 . VAL A 1 121 ? -16.042 -4.015  2.606   1.00 23.78 ? 234 VAL A CG1 1 
ATOM   984  C  CG2 . VAL A 1 121 ? -16.765 -5.149  0.484   1.00 24.72 ? 234 VAL A CG2 1 
ATOM   985  N  N   . LEU A 1 122 ? -16.053 -6.864  4.919   1.00 21.21 ? 235 LEU A N   1 
ATOM   986  C  CA  . LEU A 1 122 ? -16.216 -6.920  6.363   1.00 21.21 ? 235 LEU A CA  1 
ATOM   987  C  C   . LEU A 1 122 ? -15.680 -5.711  7.111   1.00 22.71 ? 235 LEU A C   1 
ATOM   988  O  O   . LEU A 1 122 ? -16.082 -5.428  8.221   1.00 22.87 ? 235 LEU A O   1 
ATOM   989  C  CB  . LEU A 1 122 ? -15.592 -8.218  6.936   1.00 21.96 ? 235 LEU A CB  1 
ATOM   990  C  CG  . LEU A 1 122 ? -16.108 -9.482  6.303   1.00 24.12 ? 235 LEU A CG  1 
ATOM   991  C  CD1 . LEU A 1 122 ? -15.420 -10.748 6.812   1.00 27.40 ? 235 LEU A CD1 1 
ATOM   992  C  CD2 . LEU A 1 122 ? -17.598 -9.646  6.603   1.00 29.20 ? 235 LEU A CD2 1 
ATOM   993  N  N   . ALA A 1 123 ? -14.704 -5.019  6.537   1.00 21.96 ? 236 ALA A N   1 
ATOM   994  C  CA  . ALA A 1 123 ? -14.159 -3.819  7.129   1.00 22.63 ? 236 ALA A CA  1 
ATOM   995  C  C   . ALA A 1 123 ? -13.517 -3.056  5.994   1.00 21.25 ? 236 ALA A C   1 
ATOM   996  O  O   . ALA A 1 123 ? -13.168 -3.632  5.002   1.00 20.02 ? 236 ALA A O   1 
ATOM   997  C  CB  . ALA A 1 123 ? -13.119 -4.102  8.196   1.00 24.23 ? 236 ALA A CB  1 
ATOM   998  N  N   . GLU A 1 124 ? -13.368 -1.767  6.177   1.00 23.79 ? 237 GLU A N   1 
ATOM   999  C  CA  . GLU A 1 124 ? -12.864 -0.872  5.141   1.00 24.82 ? 237 GLU A CA  1 
ATOM   1000 C  C   . GLU A 1 124 ? -12.208 0.321   5.777   1.00 26.53 ? 237 GLU A C   1 
ATOM   1001 O  O   . GLU A 1 124 ? -12.735 0.910   6.738   1.00 26.48 ? 237 GLU A O   1 
ATOM   1002 C  CB  . GLU A 1 124 ? -14.011 -0.390  4.266   1.00 26.97 ? 237 GLU A CB  1 
ATOM   1003 C  CG  . GLU A 1 124 ? -13.558 0.513   3.134   1.00 30.59 ? 237 GLU A CG  1 
ATOM   1004 C  CD  . GLU A 1 124 ? -14.713 0.915   2.199   1.00 35.88 ? 237 GLU A CD  1 
ATOM   1005 O  OE1 . GLU A 1 124 ? -15.044 0.182   1.251   1.00 36.19 ? 237 GLU A OE1 1 
ATOM   1006 O  OE2 . GLU A 1 124 ? -15.259 1.973   2.454   1.00 37.12 ? 237 GLU A OE2 1 
ATOM   1007 N  N   . PHE A 1 125 ? -11.017 0.651   5.293   1.00 25.00 ? 238 PHE A N   1 
ATOM   1008 C  CA  . PHE A 1 125 ? -10.358 1.898   5.642   1.00 24.86 ? 238 PHE A CA  1 
ATOM   1009 C  C   . PHE A 1 125 ? -10.122 2.619   4.299   1.00 24.86 ? 238 PHE A C   1 
ATOM   1010 O  O   . PHE A 1 125 ? -9.595  2.049   3.358   1.00 22.76 ? 238 PHE A O   1 
ATOM   1011 C  CB  . PHE A 1 125 ? -9.015  1.644   6.338   1.00 26.47 ? 238 PHE A CB  1 
ATOM   1012 C  CG  . PHE A 1 125 ? -8.213  2.901   6.544   1.00 26.31 ? 238 PHE A CG  1 
ATOM   1013 C  CD1 . PHE A 1 125 ? -8.594  3.813   7.483   1.00 33.14 ? 238 PHE A CD1 1 
ATOM   1014 C  CD2 . PHE A 1 125 ? -7.115  3.166   5.770   1.00 29.19 ? 238 PHE A CD2 1 
ATOM   1015 C  CE1 . PHE A 1 125 ? -7.895  5.010   7.642   1.00 37.47 ? 238 PHE A CE1 1 
ATOM   1016 C  CE2 . PHE A 1 125 ? -6.399  4.307   5.938   1.00 33.17 ? 238 PHE A CE2 1 
ATOM   1017 C  CZ  . PHE A 1 125 ? -6.786  5.243   6.880   1.00 35.06 ? 238 PHE A CZ  1 
ATOM   1018 N  N   . ALA A 1 126 ? -10.567 3.857   4.197   1.00 25.15 ? 239 ALA A N   1 
ATOM   1019 C  CA  . ALA A 1 126 ? -10.420 4.636   2.945   1.00 26.64 ? 239 ALA A CA  1 
ATOM   1020 C  C   . ALA A 1 126 ? -9.982  6.056   3.360   1.00 27.78 ? 239 ALA A C   1 
ATOM   1021 O  O   . ALA A 1 126 ? -10.543 6.647   4.299   1.00 28.90 ? 239 ALA A O   1 
ATOM   1022 C  CB  . ALA A 1 126 ? -11.713 4.643   2.127   1.00 27.02 ? 239 ALA A CB  1 
ATOM   1023 N  N   . THR A 1 127 ? -8.939  6.564   2.719   1.00 26.99 ? 240 THR A N   1 
ATOM   1024 C  CA  . THR A 1 127 ? -8.469  7.905   2.985   1.00 27.19 ? 240 THR A CA  1 
ATOM   1025 C  C   . THR A 1 127 ? -9.332  8.961   2.294   1.00 27.99 ? 240 THR A C   1 
ATOM   1026 O  O   . THR A 1 127 ? -9.351  10.094  2.747   1.00 29.47 ? 240 THR A O   1 
ATOM   1027 C  CB  . THR A 1 127 ? -7.029  8.113   2.531   1.00 27.11 ? 240 THR A CB  1 
ATOM   1028 O  OG1 . THR A 1 127 ? -6.892  7.815   1.105   1.00 22.17 ? 240 THR A OG1 1 
ATOM   1029 C  CG2 . THR A 1 127 ? -6.083  7.174   3.262   1.00 28.87 ? 240 THR A CG2 1 
ATOM   1030 N  N   . GLY A 1 128 ? -9.944  8.639   1.187   1.00 28.09 ? 241 GLY A N   1 
ATOM   1031 C  CA  . GLY A 1 128 ? -10.366 9.653   0.225   1.00 29.97 ? 241 GLY A CA  1 
ATOM   1032 C  C   . GLY A 1 128 ? -9.156  10.292  -0.496  1.00 30.58 ? 241 GLY A C   1 
ATOM   1033 O  O   . GLY A 1 128 ? -8.013  9.839   -0.331  1.00 28.58 ? 241 GLY A O   1 
ATOM   1034 N  N   . GLN A 1 129 ? -9.373  11.398  -1.198  1.00 31.23 ? 242 GLN A N   1 
ATOM   1035 C  CA  . GLN A 1 129 ? -8.273  12.044  -1.921  1.00 31.96 ? 242 GLN A CA  1 
ATOM   1036 C  C   . GLN A 1 129 ? -7.445  12.887  -1.007  1.00 31.18 ? 242 GLN A C   1 
ATOM   1037 O  O   . GLN A 1 129 ? -7.954  13.775  -0.343  1.00 32.46 ? 242 GLN A O   1 
ATOM   1038 C  CB  . GLN A 1 129 ? -8.764  12.887  -3.112  1.00 34.37 ? 242 GLN A CB  1 
ATOM   1039 C  CG  . GLN A 1 129 ? -9.493  12.032  -4.133  1.00 39.36 ? 242 GLN A CG  1 
ATOM   1040 C  CD  . GLN A 1 129 ? -10.919 11.658  -3.651  1.00 46.79 ? 242 GLN A CD  1 
ATOM   1041 O  OE1 . GLN A 1 129 ? -11.674 12.540  -3.219  1.00 51.42 ? 242 GLN A OE1 1 
ATOM   1042 N  NE2 . GLN A 1 129 ? -11.259 10.365  -3.686  1.00 46.72 ? 242 GLN A NE2 1 
ATOM   1043 N  N   . VAL A 1 130 ? -6.158  12.612  -0.925  1.00 28.33 ? 243 VAL A N   1 
ATOM   1044 C  CA  . VAL A 1 130 ? -5.332  13.382  -0.051  1.00 30.59 ? 243 VAL A CA  1 
ATOM   1045 C  C   . VAL A 1 130 ? -4.300  14.254  -0.811  1.00 28.93 ? 243 VAL A C   1 
ATOM   1046 O  O   . VAL A 1 130 ? -3.696  13.820  -1.763  1.00 26.92 ? 243 VAL A O   1 
ATOM   1047 C  CB  . VAL A 1 130 ? -4.670  12.517  1.130   1.00 31.53 ? 243 VAL A CB  1 
ATOM   1048 C  CG1 . VAL A 1 130 ? -5.323  11.175  1.374   1.00 34.74 ? 243 VAL A CG1 1 
ATOM   1049 C  CG2 . VAL A 1 130 ? -3.237  12.456  1.082   1.00 35.33 ? 243 VAL A CG2 1 
ATOM   1050 N  N   . ALA A 1 131 ? -4.109  15.474  -0.333  1.00 29.08 ? 244 ALA A N   1 
ATOM   1051 C  CA  . ALA A 1 131 ? -3.158  16.403  -0.929  1.00 30.89 ? 244 ALA A CA  1 
ATOM   1052 C  C   . ALA A 1 131 ? -1.784  16.013  -0.452  1.00 31.52 ? 244 ALA A C   1 
ATOM   1053 O  O   . ALA A 1 131 ? -1.510  15.881  0.746   1.00 32.60 ? 244 ALA A O   1 
ATOM   1054 C  CB  . ALA A 1 131 ? -3.499  17.881  -0.522  1.00 32.01 ? 244 ALA A CB  1 
ATOM   1055 N  N   . VAL A 1 132 ? -0.920  15.755  -1.387  1.00 30.63 ? 245 VAL A N   1 
ATOM   1056 C  CA  . VAL A 1 132 ? 0.412   15.323  -1.077  1.00 31.54 ? 245 VAL A CA  1 
ATOM   1057 C  C   . VAL A 1 132 ? 1.213   16.608  -0.595  1.00 34.27 ? 245 VAL A C   1 
ATOM   1058 O  O   . VAL A 1 132 ? 0.991   17.681  -1.100  1.00 32.63 ? 245 VAL A O   1 
ATOM   1059 C  CB  . VAL A 1 132 ? 0.990   14.692  -2.339  1.00 31.77 ? 245 VAL A CB  1 
ATOM   1060 C  CG1 . VAL A 1 132 ? 2.367   14.357  -2.213  1.00 31.76 ? 245 VAL A CG1 1 
ATOM   1061 C  CG2 . VAL A 1 132 ? 0.177   13.433  -2.765  1.00 28.39 ? 245 VAL A CG2 1 
ATOM   1062 N  N   . PRO A 1 133 ? 2.118   16.469  0.370   1.00 37.64 ? 246 PRO A N   1 
ATOM   1063 C  CA  . PRO A 1 133 ? 2.983   17.595  0.794   1.00 39.54 ? 246 PRO A CA  1 
ATOM   1064 C  C   . PRO A 1 133 ? 3.751   18.225  -0.363  1.00 40.13 ? 246 PRO A C   1 
ATOM   1065 O  O   . PRO A 1 133 ? 4.457   17.531  -1.122  1.00 39.15 ? 246 PRO A O   1 
ATOM   1066 C  CB  . PRO A 1 133 ? 3.997   16.927  1.747   1.00 40.07 ? 246 PRO A CB  1 
ATOM   1067 C  CG  . PRO A 1 133 ? 3.358   15.645  2.194   1.00 40.45 ? 246 PRO A CG  1 
ATOM   1068 C  CD  . PRO A 1 133 ? 2.437   15.236  1.110   1.00 38.37 ? 246 PRO A CD  1 
ATOM   1069 N  N   . GLU A 1 134 ? 3.619   19.544  -0.451  1.00 42.39 ? 247 GLU A N   1 
ATOM   1070 C  CA  . GLU A 1 134 ? 4.282   20.386  -1.469  1.00 44.42 ? 247 GLU A CA  1 
ATOM   1071 C  C   . GLU A 1 134 ? 5.817   20.336  -1.485  1.00 43.30 ? 247 GLU A C   1 
ATOM   1072 O  O   . GLU A 1 134 ? 6.458   20.560  -2.538  1.00 42.13 ? 247 GLU A O   1 
ATOM   1073 C  CB  . GLU A 1 134 ? 3.850   21.861  -1.303  1.00 45.98 ? 247 GLU A CB  1 
ATOM   1074 C  CG  . GLU A 1 134 ? 2.340   22.056  -1.189  1.00 51.80 ? 247 GLU A CG  1 
ATOM   1075 C  CD  . GLU A 1 134 ? 1.879   23.427  -1.673  1.00 57.86 ? 247 GLU A CD  1 
ATOM   1076 O  OE1 . GLU A 1 134 ? 2.115   24.445  -0.957  1.00 62.45 ? 247 GLU A OE1 1 
ATOM   1077 O  OE2 . GLU A 1 134 ? 1.279   23.479  -2.766  1.00 62.30 ? 247 GLU A OE2 1 
ATOM   1078 N  N   . ASP A 1 135 ? 6.390   20.000  -0.331  1.00 42.19 ? 248 ASP A N   1 
ATOM   1079 C  CA  . ASP A 1 135 ? 7.831   20.100  -0.117  1.00 41.53 ? 248 ASP A CA  1 
ATOM   1080 C  C   . ASP A 1 135 ? 8.584   18.858  -0.516  1.00 39.53 ? 248 ASP A C   1 
ATOM   1081 O  O   . ASP A 1 135 ? 9.787   18.769  -0.330  1.00 37.86 ? 248 ASP A O   1 
ATOM   1082 C  CB  . ASP A 1 135 ? 8.121   20.498  1.343   1.00 42.51 ? 248 ASP A CB  1 
ATOM   1083 C  CG  . ASP A 1 135 ? 7.887   19.362  2.338   1.00 45.79 ? 248 ASP A CG  1 
ATOM   1084 O  OD1 . ASP A 1 135 ? 7.113   18.428  2.062   1.00 43.01 ? 248 ASP A OD1 1 
ATOM   1085 O  OD2 . ASP A 1 135 ? 8.460   19.339  3.445   1.00 53.11 ? 248 ASP A OD2 1 
ATOM   1086 N  N   . GLY A 1 136 ? 7.884   17.873  -1.084  1.00 37.64 ? 249 GLY A N   1 
ATOM   1087 C  CA  . GLY A 1 136 ? 8.578   16.688  -1.540  1.00 36.17 ? 249 GLY A CA  1 
ATOM   1088 C  C   . GLY A 1 136 ? 8.842   15.643  -0.450  1.00 36.30 ? 249 GLY A C   1 
ATOM   1089 O  O   . GLY A 1 136 ? 9.423   14.598  -0.743  1.00 36.65 ? 249 GLY A O   1 
ATOM   1090 N  N   . SER A 1 137 ? 8.404   15.879  0.778   1.00 36.53 ? 250 SER A N   1 
ATOM   1091 C  CA  . SER A 1 137 ? 8.743   14.930  1.869   1.00 38.12 ? 250 SER A CA  1 
ATOM   1092 C  C   . SER A 1 137 ? 7.860   13.674  1.793   1.00 37.05 ? 250 SER A C   1 
ATOM   1093 O  O   . SER A 1 137 ? 6.710   13.753  1.371   1.00 36.39 ? 250 SER A O   1 
ATOM   1094 C  CB  . SER A 1 137 ? 8.662   15.585  3.239   1.00 38.23 ? 250 SER A CB  1 
ATOM   1095 O  OG  . SER A 1 137 ? 7.407   16.201  3.481   1.00 44.53 ? 250 SER A OG  1 
ATOM   1096 N  N   . TRP A 1 138 ? 8.439   12.539  2.179   1.00 36.56 ? 251 TRP A N   1 
ATOM   1097 C  CA  . TRP A 1 138 ? 7.714   11.275  2.259   1.00 34.96 ? 251 TRP A CA  1 
ATOM   1098 C  C   . TRP A 1 138 ? 6.898   11.220  3.503   1.00 35.49 ? 251 TRP A C   1 
ATOM   1099 O  O   . TRP A 1 138 ? 7.324   11.668  4.590   1.00 36.04 ? 251 TRP A O   1 
ATOM   1100 C  CB  . TRP A 1 138 ? 8.668   10.110  2.214   1.00 36.18 ? 251 TRP A CB  1 
ATOM   1101 C  CG  . TRP A 1 138 ? 9.284   9.834   0.889   1.00 32.59 ? 251 TRP A CG  1 
ATOM   1102 C  CD1 . TRP A 1 138 ? 10.526  10.289  0.449   1.00 35.88 ? 251 TRP A CD1 1 
ATOM   1103 C  CD2 . TRP A 1 138 ? 8.760   9.022   -0.190  1.00 33.50 ? 251 TRP A CD2 1 
ATOM   1104 N  NE1 . TRP A 1 138 ? 10.766  9.833   -0.828  1.00 35.02 ? 251 TRP A NE1 1 
ATOM   1105 C  CE2 . TRP A 1 138 ? 9.711   9.051   -1.246  1.00 31.71 ? 251 TRP A CE2 1 
ATOM   1106 C  CE3 . TRP A 1 138 ? 7.585   8.303   -0.390  1.00 26.82 ? 251 TRP A CE3 1 
ATOM   1107 C  CZ2 . TRP A 1 138 ? 9.504   8.392   -2.461  1.00 31.45 ? 251 TRP A CZ2 1 
ATOM   1108 C  CZ3 . TRP A 1 138 ? 7.386   7.652   -1.602  1.00 25.06 ? 251 TRP A CZ3 1 
ATOM   1109 C  CH2 . TRP A 1 138 ? 8.322   7.698   -2.615  1.00 30.13 ? 251 TRP A CH2 1 
ATOM   1110 N  N   . MET A 1 139 ? 5.667   10.769  3.335   1.00 33.19 ? 252 MET A N   1 
ATOM   1111 C  CA  . MET A 1 139 ? 4.698   10.680  4.403   1.00 33.74 ? 252 MET A CA  1 
ATOM   1112 C  C   . MET A 1 139 ? 4.248   9.195   4.527   1.00 31.41 ? 252 MET A C   1 
ATOM   1113 O  O   . MET A 1 139 ? 4.031   8.504   3.548   1.00 27.32 ? 252 MET A O   1 
ATOM   1114 C  CB  . MET A 1 139 ? 3.462   11.494  4.102   1.00 34.45 ? 252 MET A CB  1 
ATOM   1115 C  CG  . MET A 1 139 ? 3.645   13.003  4.194   1.00 44.31 ? 252 MET A CG  1 
ATOM   1116 S  SD  . MET A 1 139 ? 3.429   13.696  5.828   1.00 59.01 ? 252 MET A SD  1 
ATOM   1117 C  CE  . MET A 1 139 ? 2.404   12.292  6.783   1.00 54.71 ? 252 MET A CE  1 
ATOM   1118 N  N   . GLU A 1 140 ? 4.076   8.772   5.759   1.00 31.16 ? 253 GLU A N   1 
ATOM   1119 C  CA  . GLU A 1 140 ? 3.605   7.426   6.073   1.00 31.53 ? 253 GLU A CA  1 
ATOM   1120 C  C   . GLU A 1 140 ? 2.129   7.529   6.424   1.00 30.85 ? 253 GLU A C   1 
ATOM   1121 O  O   . GLU A 1 140 ? 1.693   8.419   7.150   1.00 31.33 ? 253 GLU A O   1 
ATOM   1122 C  CB  . GLU A 1 140 ? 4.427   6.815   7.265   1.00 32.26 ? 253 GLU A CB  1 
ATOM   1123 C  CG  . GLU A 1 140 ? 4.023   5.362   7.567   1.00 36.76 ? 253 GLU A CG  1 
ATOM   1124 C  CD  . GLU A 1 140 ? 4.615   4.788   8.887   1.00 42.05 ? 253 GLU A CD  1 
ATOM   1125 O  OE1 . GLU A 1 140 ? 4.914   5.534   9.817   1.00 44.12 ? 253 GLU A OE1 1 
ATOM   1126 O  OE2 . GLU A 1 140 ? 4.783   3.589   8.964   1.00 46.01 ? 253 GLU A OE2 1 
ATOM   1127 N  N   . ILE A 1 141 ? 1.345   6.610   5.900   1.00 29.14 ? 254 ILE A N   1 
ATOM   1128 C  CA  . ILE A 1 141 ? 0.004   6.430   6.353   1.00 29.48 ? 254 ILE A CA  1 
ATOM   1129 C  C   . ILE A 1 141 ? -0.050  4.973   6.916   1.00 27.88 ? 254 ILE A C   1 
ATOM   1130 O  O   . ILE A 1 141 ? 0.508   4.070   6.342   1.00 25.50 ? 254 ILE A O   1 
ATOM   1131 C  CB  . ILE A 1 141 ? -1.009  6.710   5.205   1.00 30.92 ? 254 ILE A CB  1 
ATOM   1132 C  CG1 . ILE A 1 141 ? -2.429  6.444   5.668   1.00 35.41 ? 254 ILE A CG1 1 
ATOM   1133 C  CG2 . ILE A 1 141 ? -0.736  5.888   3.958   1.00 33.40 ? 254 ILE A CG2 1 
ATOM   1134 C  CD1 . ILE A 1 141 ? -3.239  7.661   5.745   1.00 41.75 ? 254 ILE A CD1 1 
ATOM   1135 N  N   . SER A 1 142 ? -0.734  4.828   8.033   1.00 28.05 ? 255 SER A N   1 
ATOM   1136 C  CA  . SER A 1 142 ? -0.811  3.586   8.798   1.00 30.06 ? 255 SER A CA  1 
ATOM   1137 C  C   . SER A 1 142 ? -2.249  3.354   9.281   1.00 29.08 ? 255 SER A C   1 
ATOM   1138 O  O   . SER A 1 142 ? -2.928  4.314   9.682   1.00 30.67 ? 255 SER A O   1 
ATOM   1139 C  CB  . SER A 1 142 ? 0.141   3.718   9.977   1.00 29.06 ? 255 SER A CB  1 
ATOM   1140 O  OG  . SER A 1 142 ? 0.350   2.423   10.439  1.00 40.13 ? 255 SER A OG  1 
ATOM   1141 N  N   . HIS A 1 143 ? -2.761  2.135   9.188   1.00 26.04 ? 256 HIS A N   1 
ATOM   1142 C  CA  . HIS A 1 143 ? -4.035  1.798   9.823   1.00 26.23 ? 256 HIS A CA  1 
ATOM   1143 C  C   . HIS A 1 143 ? -3.940  0.385   10.394  1.00 26.01 ? 256 HIS A C   1 
ATOM   1144 O  O   . HIS A 1 143 ? -3.418  -0.490  9.723   1.00 26.50 ? 256 HIS A O   1 
ATOM   1145 C  CB  . HIS A 1 143 ? -5.189  1.861   8.844   1.00 25.65 ? 256 HIS A CB  1 
ATOM   1146 C  CG  . HIS A 1 143 ? -6.515  1.571   9.455   1.00 28.85 ? 256 HIS A CG  1 
ATOM   1147 N  ND1 . HIS A 1 143 ? -7.137  2.433   10.329  1.00 29.68 ? 256 HIS A ND1 1 
ATOM   1148 C  CD2 . HIS A 1 143 ? -7.326  0.482   9.360   1.00 29.14 ? 256 HIS A CD2 1 
ATOM   1149 C  CE1 . HIS A 1 143 ? -8.294  1.918   10.708  1.00 32.50 ? 256 HIS A CE1 1 
ATOM   1150 N  NE2 . HIS A 1 143 ? -8.429  0.727   10.142  1.00 32.66 ? 256 HIS A NE2 1 
ATOM   1151 N  N   . THR A 1 144 ? -4.459  0.201   11.595  1.00 25.40 ? 257 THR A N   1 
ATOM   1152 C  CA  . THR A 1 144 ? -4.557  -1.119  12.217  1.00 26.68 ? 257 THR A CA  1 
ATOM   1153 C  C   . THR A 1 144 ? -6.022  -1.594  12.307  1.00 25.79 ? 257 THR A C   1 
ATOM   1154 O  O   . THR A 1 144 ? -6.862  -0.941  12.872  1.00 26.38 ? 257 THR A O   1 
ATOM   1155 C  CB  . THR A 1 144 ? -3.912  -1.051  13.590  1.00 27.53 ? 257 THR A CB  1 
ATOM   1156 O  OG1 . THR A 1 144 ? -2.523  -0.769  13.461  1.00 25.74 ? 257 THR A OG1 1 
ATOM   1157 C  CG2 . THR A 1 144 ? -3.942  -2.413  14.297  1.00 27.66 ? 257 THR A CG2 1 
ATOM   1158 N  N   . PHE A 1 145 ? -6.332  -2.725  11.734  1.00 24.26 ? 258 PHE A N   1 
ATOM   1159 C  CA  . PHE A 1 145 ? -7.672  -3.290  11.858  1.00 24.02 ? 258 PHE A CA  1 
ATOM   1160 C  C   . PHE A 1 145 ? -7.660  -4.221  13.060  1.00 25.54 ? 258 PHE A C   1 
ATOM   1161 O  O   . PHE A 1 145 ? -6.821  -5.097  13.161  1.00 23.61 ? 258 PHE A O   1 
ATOM   1162 C  CB  . PHE A 1 145 ? -8.015  -4.158  10.681  1.00 22.88 ? 258 PHE A CB  1 
ATOM   1163 C  CG  . PHE A 1 145 ? -8.248  -3.407  9.371   1.00 25.34 ? 258 PHE A CG  1 
ATOM   1164 C  CD1 . PHE A 1 145 ? -9.496  -2.863  9.081   1.00 27.40 ? 258 PHE A CD1 1 
ATOM   1165 C  CD2 . PHE A 1 145 ? -7.218  -3.303  8.425   1.00 23.90 ? 258 PHE A CD2 1 
ATOM   1166 C  CE1 . PHE A 1 145 ? -9.723  -2.219  7.851   1.00 25.25 ? 258 PHE A CE1 1 
ATOM   1167 C  CE2 . PHE A 1 145 ? -7.397  -2.683  7.226   1.00 25.27 ? 258 PHE A CE2 1 
ATOM   1168 C  CZ  . PHE A 1 145 ? -8.650  -2.120  6.912   1.00 23.40 ? 258 PHE A CZ  1 
ATOM   1169 N  N   . ILE A 1 146 ? -8.593  -4.020  13.948  1.00 27.55 ? 259 ILE A N   1 
ATOM   1170 C  CA  . ILE A 1 146 ? -8.808  -4.903  15.112  1.00 30.48 ? 259 ILE A CA  1 
ATOM   1171 C  C   . ILE A 1 146 ? -10.317 -5.038  15.307  1.00 30.74 ? 259 ILE A C   1 
ATOM   1172 O  O   . ILE A 1 146 ? -11.089 -4.283  14.696  1.00 26.97 ? 259 ILE A O   1 
ATOM   1173 C  CB  . ILE A 1 146 ? -8.130  -4.358  16.364  1.00 32.18 ? 259 ILE A CB  1 
ATOM   1174 C  CG1 . ILE A 1 146 ? -8.525  -2.890  16.609  1.00 36.95 ? 259 ILE A CG1 1 
ATOM   1175 C  CG2 . ILE A 1 146 ? -6.592  -4.623  16.327  1.00 35.35 ? 259 ILE A CG2 1 
ATOM   1176 C  CD1 . ILE A 1 146 ? -8.395  -2.511  18.075  1.00 42.62 ? 259 ILE A CD1 1 
ATOM   1177 N  N   . ASP A 1 147 ? -10.733 -6.074  16.049  1.00 31.27 ? 260 ASP A N   1 
ATOM   1178 C  CA  . ASP A 1 147 ? -12.130 -6.281  16.364  1.00 33.01 ? 260 ASP A CA  1 
ATOM   1179 C  C   . ASP A 1 147 ? -13.001 -6.274  15.203  1.00 33.01 ? 260 ASP A C   1 
ATOM   1180 O  O   . ASP A 1 147 ? -14.111 -5.745  15.258  1.00 33.98 ? 260 ASP A O   1 
ATOM   1181 C  CB  . ASP A 1 147 ? -12.593 -5.173  17.305  1.00 34.77 ? 260 ASP A CB  1 
ATOM   1182 C  CG  . ASP A 1 147 ? -11.882 -5.261  18.629  1.00 40.84 ? 260 ASP A CG  1 
ATOM   1183 O  OD1 . ASP A 1 147 ? -11.751 -6.408  19.146  1.00 47.26 ? 260 ASP A OD1 1 
ATOM   1184 O  OD2 . ASP A 1 147 ? -11.349 -4.285  19.187  1.00 48.20 ? 260 ASP A OD2 1 
ATOM   1185 N  N   . TYR A 1 148 ? -12.530 -6.884  14.134  1.00 30.78 ? 261 TYR A N   1 
ATOM   1186 C  CA  . TYR A 1 148 ? -13.277 -6.934  12.906  1.00 29.17 ? 261 TYR A CA  1 
ATOM   1187 C  C   . TYR A 1 148 ? -14.235 -8.112  12.755  1.00 28.96 ? 261 TYR A C   1 
ATOM   1188 O  O   . TYR A 1 148 ? -14.958 -8.214  11.760  1.00 29.66 ? 261 TYR A O   1 
ATOM   1189 C  CB  . TYR A 1 148 ? -12.270 -6.949  11.764  1.00 29.59 ? 261 TYR A CB  1 
ATOM   1190 C  CG  . TYR A 1 148 ? -11.038 -7.819  11.990  1.00 24.67 ? 261 TYR A CG  1 
ATOM   1191 C  CD1 . TYR A 1 148 ? -11.104 -9.177  11.809  1.00 25.49 ? 261 TYR A CD1 1 
ATOM   1192 C  CD2 . TYR A 1 148 ? -9.807  -7.268  12.325  1.00 23.31 ? 261 TYR A CD2 1 
ATOM   1193 C  CE1 . TYR A 1 148 ? -10.012 -9.991  11.971  1.00 23.73 ? 261 TYR A CE1 1 
ATOM   1194 C  CE2 . TYR A 1 148 ? -8.660  -8.099  12.494  1.00 21.55 ? 261 TYR A CE2 1 
ATOM   1195 C  CZ  . TYR A 1 148 ? -8.821  -9.483  12.328  1.00 22.82 ? 261 TYR A CZ  1 
ATOM   1196 O  OH  . TYR A 1 148 ? -7.774  -10.335 12.429  1.00 21.94 ? 261 TYR A OH  1 
ATOM   1197 N  N   . GLY A 1 149 ? -14.266 -9.015  13.730  1.00 29.55 ? 262 GLY A N   1 
ATOM   1198 C  CA  . GLY A 1 149 ? -15.255 -10.072 13.718  1.00 28.39 ? 262 GLY A CA  1 
ATOM   1199 C  C   . GLY A 1 149 ? -14.771 -11.274 12.974  1.00 29.91 ? 262 GLY A C   1 
ATOM   1200 O  O   . GLY A 1 149 ? -13.715 -11.252 12.347  1.00 30.17 ? 262 GLY A O   1 
ATOM   1201 N  N   . PRO A 1 150 ? -15.581 -12.323 12.953  1.00 30.64 ? 263 PRO A N   1 
ATOM   1202 C  CA  . PRO A 1 150 ? -15.213 -13.561 12.274  1.00 28.77 ? 263 PRO A CA  1 
ATOM   1203 C  C   . PRO A 1 150 ? -15.356 -13.467 10.767  1.00 27.73 ? 263 PRO A C   1 
ATOM   1204 O  O   . PRO A 1 150 ? -16.079 -12.609 10.252  1.00 28.55 ? 263 PRO A O   1 
ATOM   1205 C  CB  . PRO A 1 150 ? -16.236 -14.604 12.841  1.00 31.07 ? 263 PRO A CB  1 
ATOM   1206 C  CG  . PRO A 1 150 ? -17.484 -13.766 13.156  1.00 31.38 ? 263 PRO A CG  1 
ATOM   1207 C  CD  . PRO A 1 150 ? -16.936 -12.397 13.567  1.00 32.48 ? 263 PRO A CD  1 
ATOM   1208 N  N   . GLY A 1 151 ? -14.689 -14.366 10.071  1.00 24.18 ? 264 GLY A N   1 
ATOM   1209 C  CA  . GLY A 1 151 ? -14.812 -14.526 8.660   1.00 24.48 ? 264 GLY A CA  1 
ATOM   1210 C  C   . GLY A 1 151 ? -13.796 -13.888 7.706   1.00 22.65 ? 264 GLY A C   1 
ATOM   1211 O  O   . GLY A 1 151 ? -13.909 -14.024 6.498   1.00 24.31 ? 264 GLY A O   1 
ATOM   1212 N  N   . VAL A 1 152 ? -12.871 -13.138 8.221   1.00 24.53 ? 265 VAL A N   1 
ATOM   1213 C  CA  . VAL A 1 152 ? -11.887 -12.468 7.387   1.00 23.24 ? 265 VAL A CA  1 
ATOM   1214 C  C   . VAL A 1 152 ? -10.963 -13.498 6.753   1.00 24.06 ? 265 VAL A C   1 
ATOM   1215 O  O   . VAL A 1 152 ? -10.378 -14.319 7.466   1.00 24.60 ? 265 VAL A O   1 
ATOM   1216 C  CB  . VAL A 1 152 ? -11.066 -11.449 8.189   1.00 23.18 ? 265 VAL A CB  1 
ATOM   1217 C  CG1 . VAL A 1 152 ? -9.892  -10.956 7.304   1.00 24.26 ? 265 VAL A CG1 1 
ATOM   1218 C  CG2 . VAL A 1 152 ? -11.924 -10.297 8.631   1.00 23.88 ? 265 VAL A CG2 1 
ATOM   1219 N  N   . ARG A 1 153 ? -10.851 -13.467 5.423   1.00 23.54 ? 266 ARG A N   1 
ATOM   1220 C  CA  . ARG A 1 153 ? -9.959  -14.350 4.688   1.00 24.44 ? 266 ARG A CA  1 
ATOM   1221 C  C   . ARG A 1 153 ? -8.972  -13.626 3.808   1.00 23.38 ? 266 ARG A C   1 
ATOM   1222 O  O   . ARG A 1 153 ? -7.873  -14.136 3.572   1.00 20.96 ? 266 ARG A O   1 
ATOM   1223 C  CB  . ARG A 1 153 ? -10.734 -15.365 3.855   1.00 25.84 ? 266 ARG A CB  1 
ATOM   1224 C  CG  . ARG A 1 153 ? -11.663 -16.238 4.736   1.00 31.29 ? 266 ARG A CG  1 
ATOM   1225 C  CD  . ARG A 1 153 ? -11.007 -17.104 5.885   1.00 37.48 ? 266 ARG A CD  1 
ATOM   1226 N  NE  . ARG A 1 153 ? -12.075 -17.827 6.655   1.00 38.23 ? 266 ARG A NE  1 
ATOM   1227 C  CZ  . ARG A 1 153 ? -12.394 -17.602 7.933   1.00 37.75 ? 266 ARG A CZ  1 
ATOM   1228 N  NH1 . ARG A 1 153 ? -11.803 -16.645 8.678   1.00 32.20 ? 266 ARG A NH1 1 
ATOM   1229 N  NH2 . ARG A 1 153 ? -13.379 -18.337 8.484   1.00 43.20 ? 266 ARG A NH2 1 
ATOM   1230 N  N   . PHE A 1 154 ? -9.383  -12.477 3.244   1.00 22.37 ? 267 PHE A N   1 
ATOM   1231 C  CA  . PHE A 1 154 ? -8.538  -11.753 2.329   1.00 22.66 ? 267 PHE A CA  1 
ATOM   1232 C  C   . PHE A 1 154 ? -8.370  -10.301 2.752   1.00 22.85 ? 267 PHE A C   1 
ATOM   1233 O  O   . PHE A 1 154 ? -9.273  -9.739  3.404   1.00 23.48 ? 267 PHE A O   1 
ATOM   1234 C  CB  . PHE A 1 154 ? -9.089  -11.743 0.929   1.00 23.49 ? 267 PHE A CB  1 
ATOM   1235 C  CG  . PHE A 1 154 ? -9.278  -13.075 0.331   1.00 26.76 ? 267 PHE A CG  1 
ATOM   1236 C  CD1 . PHE A 1 154 ? -8.226  -13.726 -0.295  1.00 28.09 ? 267 PHE A CD1 1 
ATOM   1237 C  CD2 . PHE A 1 154 ? -10.521 -13.652 0.318   1.00 31.59 ? 267 PHE A CD2 1 
ATOM   1238 C  CE1 . PHE A 1 154 ? -8.421  -14.946 -0.868  1.00 32.49 ? 267 PHE A CE1 1 
ATOM   1239 C  CE2 . PHE A 1 154 ? -10.724 -14.842 -0.281  1.00 33.46 ? 267 PHE A CE2 1 
ATOM   1240 C  CZ  . PHE A 1 154 ? -9.650  -15.522 -0.827  1.00 34.55 ? 267 PHE A CZ  1 
ATOM   1241 N  N   . VAL A 1 155 ? -7.241  -9.707  2.362   1.00 21.31 ? 268 VAL A N   1 
ATOM   1242 C  CA  . VAL A 1 155 ? -7.003  -8.277  2.495   1.00 22.54 ? 268 VAL A CA  1 
ATOM   1243 C  C   . VAL A 1 155 ? -6.791  -7.757  1.078   1.00 23.51 ? 268 VAL A C   1 
ATOM   1244 O  O   . VAL A 1 155 ? -5.946  -8.290  0.326   1.00 22.62 ? 268 VAL A O   1 
ATOM   1245 C  CB  . VAL A 1 155 ? -5.763  -7.929  3.304   1.00 23.04 ? 268 VAL A CB  1 
ATOM   1246 C  CG1 . VAL A 1 155 ? -5.636  -6.400  3.466   1.00 25.25 ? 268 VAL A CG1 1 
ATOM   1247 C  CG2 . VAL A 1 155 ? -5.784  -8.567  4.652   1.00 25.69 ? 268 VAL A CG2 1 
ATOM   1248 N  N   . ARG A 1 156 ? -7.599  -6.770  0.676   1.00 22.08 ? 269 ARG A N   1 
ATOM   1249 C  CA  . ARG A 1 156 ? -7.428  -6.123  -0.629  1.00 22.12 ? 269 ARG A CA  1 
ATOM   1250 C  C   . ARG A 1 156 ? -6.807  -4.739  -0.406  1.00 21.14 ? 269 ARG A C   1 
ATOM   1251 O  O   . ARG A 1 156 ? -7.361  -3.908  0.342   1.00 21.75 ? 269 ARG A O   1 
ATOM   1252 C  CB  . ARG A 1 156 ? -8.770  -5.996  -1.325  1.00 23.37 ? 269 ARG A CB  1 
ATOM   1253 C  CG  . ARG A 1 156 ? -8.638  -5.324  -2.659  1.00 25.01 ? 269 ARG A CG  1 
ATOM   1254 C  CD  . ARG A 1 156 ? -9.900  -5.221  -3.428  1.00 31.05 ? 269 ARG A CD  1 
ATOM   1255 N  NE  . ARG A 1 156 ? -9.720  -4.282  -4.536  1.00 34.15 ? 269 ARG A NE  1 
ATOM   1256 C  CZ  . ARG A 1 156 ? -9.362  -4.649  -5.721  1.00 36.22 ? 269 ARG A CZ  1 
ATOM   1257 N  NH1 . ARG A 1 156 ? -9.171  -5.932  -5.978  1.00 37.85 ? 269 ARG A NH1 1 
ATOM   1258 N  NH2 . ARG A 1 156 ? -9.203  -3.734  -6.660  1.00 33.87 ? 269 ARG A NH2 1 
ATOM   1259 N  N   . PHE A 1 157 ? -5.590  -4.549  -0.899  1.00 20.40 ? 270 PHE A N   1 
ATOM   1260 C  CA  . PHE A 1 157 ? -4.861  -3.285  -0.745  1.00 20.62 ? 270 PHE A CA  1 
ATOM   1261 C  C   . PHE A 1 157 ? -4.961  -2.586  -2.093  1.00 21.58 ? 270 PHE A C   1 
ATOM   1262 O  O   . PHE A 1 157 ? -4.654  -3.165  -3.123  1.00 21.91 ? 270 PHE A O   1 
ATOM   1263 C  CB  . PHE A 1 157 ? -3.439  -3.607  -0.363  1.00 21.31 ? 270 PHE A CB  1 
ATOM   1264 C  CG  . PHE A 1 157 ? -2.547  -2.395  -0.199  1.00 18.45 ? 270 PHE A CG  1 
ATOM   1265 C  CD1 . PHE A 1 157 ? -2.218  -1.935  1.016   1.00 21.78 ? 270 PHE A CD1 1 
ATOM   1266 C  CD2 . PHE A 1 157 ? -2.007  -1.758  -1.332  1.00 24.25 ? 270 PHE A CD2 1 
ATOM   1267 C  CE1 . PHE A 1 157 ? -1.366  -0.873  1.141   1.00 22.21 ? 270 PHE A CE1 1 
ATOM   1268 C  CE2 . PHE A 1 157 ? -1.156  -0.718  -1.218  1.00 24.18 ? 270 PHE A CE2 1 
ATOM   1269 C  CZ  . PHE A 1 157 ? -0.869  -0.237  -0.008  1.00 21.80 ? 270 PHE A CZ  1 
ATOM   1270 N  N   . GLU A 1 158 ? -5.432  -1.355  -2.120  1.00 22.77 ? 271 GLU A N   1 
ATOM   1271 C  CA  . GLU A 1 158 ? -5.481  -0.630  -3.345  1.00 21.84 ? 271 GLU A CA  1 
ATOM   1272 C  C   . GLU A 1 158 ? -5.053  0.825   -3.117  1.00 21.98 ? 271 GLU A C   1 
ATOM   1273 O  O   . GLU A 1 158 ? -5.502  1.467   -2.189  1.00 22.24 ? 271 GLU A O   1 
ATOM   1274 C  CB  . GLU A 1 158 ? -6.885  -0.669  -3.924  1.00 23.54 ? 271 GLU A CB  1 
ATOM   1275 C  CG  . GLU A 1 158 ? -6.979  0.057   -5.234  1.00 27.66 ? 271 GLU A CG  1 
ATOM   1276 C  CD  . GLU A 1 158 ? -8.400  0.260   -5.718  1.00 38.36 ? 271 GLU A CD  1 
ATOM   1277 O  OE1 . GLU A 1 158 ? -8.907  -0.666  -6.364  1.00 44.21 ? 271 GLU A OE1 1 
ATOM   1278 O  OE2 . GLU A 1 158 ? -8.963  1.343   -5.465  1.00 47.51 ? 271 GLU A OE2 1 
ATOM   1279 N  N   . HIS A 1 159 ? -4.200  1.358   -3.973  1.00 20.81 ? 272 HIS A N   1 
ATOM   1280 C  CA  . HIS A 1 159 ? -3.804  2.775   -3.828  1.00 19.80 ? 272 HIS A CA  1 
ATOM   1281 C  C   . HIS A 1 159 ? -3.648  3.368   -5.202  1.00 20.05 ? 272 HIS A C   1 
ATOM   1282 O  O   . HIS A 1 159 ? -3.632  2.664   -6.200  1.00 19.37 ? 272 HIS A O   1 
ATOM   1283 C  CB  . HIS A 1 159 ? -2.585  2.949   -2.940  1.00 19.15 ? 272 HIS A CB  1 
ATOM   1284 C  CG  . HIS A 1 159 ? -1.335  2.300   -3.445  1.00 17.59 ? 272 HIS A CG  1 
ATOM   1285 N  ND1 . HIS A 1 159 ? -0.161  2.397   -2.755  1.00 20.37 ? 272 HIS A ND1 1 
ATOM   1286 C  CD2 . HIS A 1 159 ? -1.077  1.534   -4.536  1.00 21.49 ? 272 HIS A CD2 1 
ATOM   1287 C  CE1 . HIS A 1 159 ? 0.775   1.714   -3.394  1.00 20.29 ? 272 HIS A CE1 1 
ATOM   1288 N  NE2 . HIS A 1 159 ? 0.244   1.163   -4.464  1.00 19.86 ? 272 HIS A NE2 1 
ATOM   1289 N  N   . GLY A 1 160 ? -3.543  4.676   -5.235  1.00 21.47 ? 273 GLY A N   1 
ATOM   1290 C  CA  . GLY A 1 160 ? -3.416  5.399   -6.483  1.00 20.22 ? 273 GLY A CA  1 
ATOM   1291 C  C   . GLY A 1 160 ? -2.916  6.823   -6.327  1.00 19.65 ? 273 GLY A C   1 
ATOM   1292 O  O   . GLY A 1 160 ? -2.851  7.371   -5.231  1.00 19.54 ? 273 GLY A O   1 
ATOM   1293 N  N   . GLY A 1 161 ? -2.607  7.440   -7.454  1.00 19.69 ? 274 GLY A N   1 
ATOM   1294 C  CA  . GLY A 1 161 ? -2.215  8.831   -7.450  1.00 20.41 ? 274 GLY A CA  1 
ATOM   1295 C  C   . GLY A 1 161 ? -2.378  9.491   -8.797  1.00 20.04 ? 274 GLY A C   1 
ATOM   1296 O  O   . GLY A 1 161 ? -2.552  8.817   -9.830  1.00 20.19 ? 274 GLY A O   1 
ATOM   1297 N  N   . GLN A 1 162 ? -2.365  10.813  -8.786  1.00 19.96 ? 275 GLN A N   1 
ATOM   1298 C  CA  . GLN A 1 162 ? -2.326  11.539  -10.046 1.00 19.56 ? 275 GLN A CA  1 
ATOM   1299 C  C   . GLN A 1 162 ? -1.732  12.910  -9.713  1.00 19.31 ? 275 GLN A C   1 
ATOM   1300 O  O   . GLN A 1 162 ? -1.622  13.282  -8.533  1.00 18.89 ? 275 GLN A O   1 
ATOM   1301 C  CB  . GLN A 1 162 ? -3.743  11.689  -10.653 1.00 19.70 ? 275 GLN A CB  1 
ATOM   1302 C  CG  . GLN A 1 162 ? -4.661  12.598  -9.889  1.00 22.23 ? 275 GLN A CG  1 
ATOM   1303 C  CD  . GLN A 1 162 ? -5.909  12.876  -10.680 1.00 26.49 ? 275 GLN A CD  1 
ATOM   1304 O  OE1 . GLN A 1 162 ? -5.818  13.320  -11.778 1.00 27.30 ? 275 GLN A OE1 1 
ATOM   1305 N  NE2 . GLN A 1 162 ? -7.069  12.660  -10.077 1.00 29.61 ? 275 GLN A NE2 1 
ATOM   1306 N  N   . ASP A 1 163 ? -1.339  13.658  -10.739 1.00 20.68 ? 276 ASP A N   1 
ATOM   1307 C  CA  . ASP A 1 163 ? -0.863  15.009  -10.527 1.00 20.01 ? 276 ASP A CA  1 
ATOM   1308 C  C   . ASP A 1 163 ? -2.027  15.998  -10.308 1.00 22.18 ? 276 ASP A C   1 
ATOM   1309 O  O   . ASP A 1 163 ? -3.203  15.657  -10.471 1.00 21.68 ? 276 ASP A O   1 
ATOM   1310 C  CB  . ASP A 1 163 ? 0.115   15.422  -11.640 1.00 20.78 ? 276 ASP A CB  1 
ATOM   1311 C  CG  . ASP A 1 163 ? -0.547  15.831  -12.958 1.00 21.23 ? 276 ASP A CG  1 
ATOM   1312 O  OD1 . ASP A 1 163 ? -1.759  16.186  -13.006 1.00 20.55 ? 276 ASP A OD1 1 
ATOM   1313 O  OD2 . ASP A 1 163 ? 0.131   15.876  -14.021 1.00 20.95 ? 276 ASP A OD2 1 
ATOM   1314 N  N   . SER A 1 164 ? -1.709  17.221  -9.923  1.00 23.42 ? 277 SER A N   1 
ATOM   1315 C  CA  . SER A 1 164 ? -2.724  18.245  -9.784  1.00 24.58 ? 277 SER A CA  1 
ATOM   1316 C  C   . SER A 1 164 ? -2.695  19.348  -10.873 1.00 24.03 ? 277 SER A C   1 
ATOM   1317 O  O   . SER A 1 164 ? -3.469  20.321  -10.814 1.00 22.73 ? 277 SER A O   1 
ATOM   1318 C  CB  . SER A 1 164 ? -2.599  18.781  -8.379  1.00 24.69 ? 277 SER A CB  1 
ATOM   1319 O  OG  . SER A 1 164 ? -1.387  19.467  -8.345  1.00 37.82 ? 277 SER A OG  1 
ATOM   1320 N  N   . VAL A 1 165 ? -1.867  19.135  -11.886 1.00 23.77 ? 278 VAL A N   1 
ATOM   1321 C  CA  . VAL A 1 165 ? -1.532  20.122  -12.908 1.00 23.76 ? 278 VAL A CA  1 
ATOM   1322 C  C   . VAL A 1 165 ? -1.932  19.708  -14.312 1.00 24.10 ? 278 VAL A C   1 
ATOM   1323 O  O   . VAL A 1 165 ? -1.980  20.559  -15.191 1.00 24.85 ? 278 VAL A O   1 
ATOM   1324 C  CB  . VAL A 1 165 ? -0.006  20.516  -12.882 1.00 25.14 ? 278 VAL A CB  1 
ATOM   1325 C  CG1 . VAL A 1 165 ? 0.313   21.371  -11.718 1.00 27.99 ? 278 VAL A CG1 1 
ATOM   1326 C  CG2 . VAL A 1 165 ? 0.910   19.295  -12.943 1.00 25.31 ? 278 VAL A CG2 1 
ATOM   1327 N  N   . TYR A 1 166 ? -2.234  18.414  -14.542 1.00 21.60 ? 279 TYR A N   1 
ATOM   1328 C  CA  . TYR A 1 166 ? -2.543  17.841  -15.835 1.00 22.54 ? 279 TYR A CA  1 
ATOM   1329 C  C   . TYR A 1 166 ? -1.365  18.022  -16.839 1.00 24.41 ? 279 TYR A C   1 
ATOM   1330 O  O   . TYR A 1 166 ? -1.543  18.632  -17.898 1.00 22.42 ? 279 TYR A O   1 
ATOM   1331 C  CB  . TYR A 1 166 ? -3.910  18.408  -16.412 1.00 22.42 ? 279 TYR A CB  1 
ATOM   1332 C  CG  . TYR A 1 166 ? -4.633  17.414  -17.219 1.00 21.98 ? 279 TYR A CG  1 
ATOM   1333 C  CD1 . TYR A 1 166 ? -5.468  16.475  -16.621 1.00 23.62 ? 279 TYR A CD1 1 
ATOM   1334 C  CD2 . TYR A 1 166 ? -4.493  17.372  -18.604 1.00 27.26 ? 279 TYR A CD2 1 
ATOM   1335 C  CE1 . TYR A 1 166 ? -6.089  15.562  -17.369 1.00 22.49 ? 279 TYR A CE1 1 
ATOM   1336 C  CE2 . TYR A 1 166 ? -5.118  16.428  -19.345 1.00 25.51 ? 279 TYR A CE2 1 
ATOM   1337 C  CZ  . TYR A 1 166 ? -5.908  15.543  -18.728 1.00 25.95 ? 279 TYR A CZ  1 
ATOM   1338 O  OH  . TYR A 1 166 ? -6.530  14.600  -19.483 1.00 30.90 ? 279 TYR A OH  1 
ATOM   1339 N  N   . TRP A 1 167 ? -0.182  17.486  -16.509 1.00 22.76 ? 280 TRP A N   1 
ATOM   1340 C  CA  . TRP A 1 167 ? 1.009   17.661  -17.351 1.00 23.40 ? 280 TRP A CA  1 
ATOM   1341 C  C   . TRP A 1 167 ? 1.447   16.331  -17.892 1.00 23.89 ? 280 TRP A C   1 
ATOM   1342 O  O   . TRP A 1 167 ? 1.447   15.355  -17.140 1.00 22.50 ? 280 TRP A O   1 
ATOM   1343 C  CB  . TRP A 1 167 ? 2.125   18.213  -16.504 1.00 21.89 ? 280 TRP A CB  1 
ATOM   1344 C  CG  . TRP A 1 167 ? 2.071   19.715  -16.238 1.00 21.15 ? 280 TRP A CG  1 
ATOM   1345 C  CD1 . TRP A 1 167 ? 1.159   20.613  -16.716 1.00 26.40 ? 280 TRP A CD1 1 
ATOM   1346 C  CD2 . TRP A 1 167 ? 2.952   20.439  -15.412 1.00 21.37 ? 280 TRP A CD2 1 
ATOM   1347 N  NE1 . TRP A 1 167 ? 1.429   21.865  -16.233 1.00 26.90 ? 280 TRP A NE1 1 
ATOM   1348 C  CE2 . TRP A 1 167 ? 2.505   21.773  -15.384 1.00 28.25 ? 280 TRP A CE2 1 
ATOM   1349 C  CE3 . TRP A 1 167 ? 4.082   20.091  -14.642 1.00 22.23 ? 280 TRP A CE3 1 
ATOM   1350 C  CZ2 . TRP A 1 167 ? 3.163   22.763  -14.676 1.00 28.93 ? 280 TRP A CZ2 1 
ATOM   1351 C  CZ3 . TRP A 1 167 ? 4.700   21.062  -13.945 1.00 27.84 ? 280 TRP A CZ3 1 
ATOM   1352 C  CH2 . TRP A 1 167 ? 4.255   22.403  -13.983 1.00 28.03 ? 280 TRP A CH2 1 
ATOM   1353 N  N   . LYS A 1 168 ? 1.812   16.278  -19.176 1.00 23.72 ? 281 LYS A N   1 
ATOM   1354 C  CA  . LYS A 1 168 ? 2.388   15.085  -19.771 1.00 24.57 ? 281 LYS A CA  1 
ATOM   1355 C  C   . LYS A 1 168 ? 3.640   14.713  -19.004 1.00 23.62 ? 281 LYS A C   1 
ATOM   1356 O  O   . LYS A 1 168 ? 4.403   15.593  -18.622 1.00 23.68 ? 281 LYS A O   1 
ATOM   1357 C  CB  . LYS A 1 168 ? 2.814   15.272  -21.229 1.00 25.80 ? 281 LYS A CB  1 
ATOM   1358 C  CG  . LYS A 1 168 ? 1.760   15.528  -22.171 1.00 34.83 ? 281 LYS A CG  1 
ATOM   1359 C  CD  . LYS A 1 168 ? 0.948   14.265  -22.556 1.00 44.52 ? 281 LYS A CD  1 
ATOM   1360 C  CE  . LYS A 1 168 ? -0.219  14.626  -23.554 1.00 49.12 ? 281 LYS A CE  1 
ATOM   1361 N  NZ  . LYS A 1 168 ? -1.147  13.477  -23.894 1.00 52.61 ? 281 LYS A NZ  1 
ATOM   1362 N  N   . GLY A 1 169 ? 3.844   13.422  -18.806 1.00 23.76 ? 282 GLY A N   1 
ATOM   1363 C  CA  . GLY A 1 169 ? 4.942   12.879  -18.028 1.00 23.21 ? 282 GLY A CA  1 
ATOM   1364 C  C   . GLY A 1 169 ? 4.460   12.306  -16.679 1.00 23.58 ? 282 GLY A C   1 
ATOM   1365 O  O   . GLY A 1 169 ? 3.305   11.822  -16.557 1.00 23.72 ? 282 GLY A O   1 
ATOM   1366 N  N   . TRP A 1 170 ? 5.326   12.357  -15.694 1.00 23.09 ? 283 TRP A N   1 
ATOM   1367 C  CA  . TRP A 1 170 ? 5.124   11.673  -14.411 1.00 23.76 ? 283 TRP A CA  1 
ATOM   1368 C  C   . TRP A 1 170 ? 5.292   12.600  -13.247 1.00 23.81 ? 283 TRP A C   1 
ATOM   1369 O  O   . TRP A 1 170 ? 6.190   12.484  -12.399 1.00 24.32 ? 283 TRP A O   1 
ATOM   1370 C  CB  . TRP A 1 170 ? 6.062   10.458  -14.341 1.00 24.18 ? 283 TRP A CB  1 
ATOM   1371 C  CG  . TRP A 1 170 ? 5.699   9.409   -15.352 1.00 24.04 ? 283 TRP A CG  1 
ATOM   1372 C  CD1 . TRP A 1 170 ? 4.706   8.476   -15.245 1.00 25.74 ? 283 TRP A CD1 1 
ATOM   1373 C  CD2 . TRP A 1 170 ? 6.244   9.261   -16.671 1.00 24.61 ? 283 TRP A CD2 1 
ATOM   1374 N  NE1 . TRP A 1 170 ? 4.608   7.772   -16.413 1.00 25.48 ? 283 TRP A NE1 1 
ATOM   1375 C  CE2 . TRP A 1 170 ? 5.561   8.207   -17.290 1.00 26.00 ? 283 TRP A CE2 1 
ATOM   1376 C  CE3 . TRP A 1 170 ? 7.280   9.915   -17.387 1.00 26.88 ? 283 TRP A CE3 1 
ATOM   1377 C  CZ2 . TRP A 1 170 ? 5.877   7.748   -18.590 1.00 27.72 ? 283 TRP A CZ2 1 
ATOM   1378 C  CZ3 . TRP A 1 170 ? 7.574   9.486   -18.655 1.00 29.67 ? 283 TRP A CZ3 1 
ATOM   1379 C  CH2 . TRP A 1 170 ? 6.884   8.395   -19.244 1.00 28.80 ? 283 TRP A CH2 1 
ATOM   1380 N  N   . PHE A 1 171 ? 4.350   13.524  -13.137 1.00 23.09 ? 284 PHE A N   1 
ATOM   1381 C  CA  . PHE A 1 171 ? 4.328   14.508  -12.064 1.00 22.84 ? 284 PHE A CA  1 
ATOM   1382 C  C   . PHE A 1 171 ? 3.405   14.169  -10.873 1.00 22.03 ? 284 PHE A C   1 
ATOM   1383 O  O   . PHE A 1 171 ? 3.258   14.982  -9.959  1.00 23.12 ? 284 PHE A O   1 
ATOM   1384 C  CB  . PHE A 1 171 ? 3.916   15.876  -12.658 1.00 22.13 ? 284 PHE A CB  1 
ATOM   1385 C  CG  . PHE A 1 171 ? 4.952   16.432  -13.618 1.00 22.62 ? 284 PHE A CG  1 
ATOM   1386 C  CD1 . PHE A 1 171 ? 6.008   17.182  -13.146 1.00 25.25 ? 284 PHE A CD1 1 
ATOM   1387 C  CD2 . PHE A 1 171 ? 4.887   16.129  -14.959 1.00 23.23 ? 284 PHE A CD2 1 
ATOM   1388 C  CE1 . PHE A 1 171 ? 6.987   17.696  -14.036 1.00 24.12 ? 284 PHE A CE1 1 
ATOM   1389 C  CE2 . PHE A 1 171 ? 5.844   16.602  -15.833 1.00 26.53 ? 284 PHE A CE2 1 
ATOM   1390 C  CZ  . PHE A 1 171 ? 6.882   17.384  -15.367 1.00 26.33 ? 284 PHE A CZ  1 
ATOM   1391 N  N   . GLY A 1 172 ? 2.734   13.024  -10.939 1.00 22.59 ? 285 GLY A N   1 
ATOM   1392 C  CA  . GLY A 1 172 ? 1.797   12.584  -9.894  1.00 21.41 ? 285 GLY A CA  1 
ATOM   1393 C  C   . GLY A 1 172 ? 2.450   12.089  -8.642  1.00 21.98 ? 285 GLY A C   1 
ATOM   1394 O  O   . GLY A 1 172 ? 3.698   12.150  -8.481  1.00 22.01 ? 285 GLY A O   1 
ATOM   1395 N  N   . ALA A 1 173 ? 1.623   11.536  -7.760  1.00 22.12 ? 286 ALA A N   1 
ATOM   1396 C  CA  . ALA A 1 173 ? 2.099   11.026  -6.480  1.00 21.63 ? 286 ALA A CA  1 
ATOM   1397 C  C   . ALA A 1 173 ? 2.976   9.813   -6.720  1.00 20.73 ? 286 ALA A C   1 
ATOM   1398 O  O   . ALA A 1 173 ? 2.774   9.083   -7.679  1.00 21.36 ? 286 ALA A O   1 
ATOM   1399 C  CB  . ALA A 1 173 ? 0.988   10.677  -5.623  1.00 22.98 ? 286 ALA A CB  1 
ATOM   1400 N  N   . ARG A 1 174 ? 3.952   9.649   -5.826  1.00 21.70 ? 287 ARG A N   1 
ATOM   1401 C  CA  . ARG A 1 174 ? 4.902   8.551   -5.849  1.00 21.26 ? 287 ARG A CA  1 
ATOM   1402 C  C   . ARG A 1 174 ? 4.584   7.687   -4.633  1.00 21.60 ? 287 ARG A C   1 
ATOM   1403 O  O   . ARG A 1 174 ? 4.306   8.247   -3.581  1.00 23.36 ? 287 ARG A O   1 
ATOM   1404 C  CB  . ARG A 1 174 ? 6.286   9.114   -5.641  1.00 22.98 ? 287 ARG A CB  1 
ATOM   1405 C  CG  . ARG A 1 174 ? 6.744   9.952   -6.823  1.00 24.31 ? 287 ARG A CG  1 
ATOM   1406 C  CD  . ARG A 1 174 ? 7.705   11.047  -6.467  1.00 30.67 ? 287 ARG A CD  1 
ATOM   1407 N  NE  . ARG A 1 174 ? 8.304   11.496  -7.738  1.00 35.03 ? 287 ARG A NE  1 
ATOM   1408 C  CZ  . ARG A 1 174 ? 9.490   12.044  -7.840  1.00 38.74 ? 287 ARG A CZ  1 
ATOM   1409 N  NH1 . ARG A 1 174 ? 10.226  12.208  -6.731  1.00 37.43 ? 287 ARG A NH1 1 
ATOM   1410 N  NH2 . ARG A 1 174 ? 9.935   12.418  -9.060  1.00 36.14 ? 287 ARG A NH2 1 
ATOM   1411 N  N   . VAL A 1 175 ? 4.596   6.355   -4.790  1.00 20.80 ? 288 VAL A N   1 
ATOM   1412 C  CA  . VAL A 1 175 ? 4.309   5.465   -3.677  1.00 21.89 ? 288 VAL A CA  1 
ATOM   1413 C  C   . VAL A 1 175 ? 5.354   4.378   -3.615  1.00 19.67 ? 288 VAL A C   1 
ATOM   1414 O  O   . VAL A 1 175 ? 5.919   3.983   -4.629  1.00 21.11 ? 288 VAL A O   1 
ATOM   1415 C  CB  . VAL A 1 175 ? 2.887   4.835   -3.769  1.00 20.76 ? 288 VAL A CB  1 
ATOM   1416 C  CG1 . VAL A 1 175 ? 1.830   5.898   -3.782  1.00 23.10 ? 288 VAL A CG1 1 
ATOM   1417 C  CG2 . VAL A 1 175 ? 2.687   3.978   -5.010  1.00 20.56 ? 288 VAL A CG2 1 
ATOM   1418 N  N   . THR A 1 176 ? 5.675   3.949   -2.406  1.00 21.58 ? 289 THR A N   1 
ATOM   1419 C  CA  . THR A 1 176 ? 6.595   2.860   -2.290  1.00 22.33 ? 289 THR A CA  1 
ATOM   1420 C  C   . THR A 1 176 ? 6.538   2.261   -0.882  1.00 21.82 ? 289 THR A C   1 
ATOM   1421 O  O   . THR A 1 176 ? 5.916   2.801   -0.021  1.00 22.96 ? 289 THR A O   1 
ATOM   1422 C  CB  . THR A 1 176 ? 8.036   3.360   -2.618  1.00 22.53 ? 289 THR A CB  1 
ATOM   1423 O  OG1 . THR A 1 176 ? 8.956   2.250   -2.726  1.00 23.75 ? 289 THR A OG1 1 
ATOM   1424 C  CG2 . THR A 1 176 ? 8.544   4.221   -1.544  1.00 22.23 ? 289 THR A CG2 1 
ATOM   1425 N  N   . ASN A 1 177 ? 7.223   1.144   -0.697  1.00 22.08 ? 290 ASN A N   1 
ATOM   1426 C  CA  . ASN A 1 177 ? 7.401   0.556   0.625   1.00 23.41 ? 290 ASN A CA  1 
ATOM   1427 C  C   . ASN A 1 177 ? 6.076   0.174   1.294   1.00 23.71 ? 290 ASN A C   1 
ATOM   1428 O  O   . ASN A 1 177 ? 5.931   0.317   2.516   1.00 26.57 ? 290 ASN A O   1 
ATOM   1429 C  CB  . ASN A 1 177 ? 8.204   1.452   1.537   1.00 22.29 ? 290 ASN A CB  1 
ATOM   1430 C  CG  . ASN A 1 177 ? 8.887   0.661   2.710   1.00 27.72 ? 290 ASN A CG  1 
ATOM   1431 O  OD1 . ASN A 1 177 ? 9.183   -0.489  2.553   1.00 30.07 ? 290 ASN A OD1 1 
ATOM   1432 N  ND2 . ASN A 1 177 ? 9.023   1.279   3.863   1.00 27.70 ? 290 ASN A ND2 1 
ATOM   1433 N  N   . SER A 1 178 ? 5.119   -0.246  0.483   1.00 23.66 ? 291 SER A N   1 
ATOM   1434 C  CA  . SER A 1 178 ? 3.763   -0.542  0.970   1.00 24.23 ? 291 SER A CA  1 
ATOM   1435 C  C   . SER A 1 178 ? 3.874   -1.819  1.776   1.00 24.23 ? 291 SER A C   1 
ATOM   1436 O  O   . SER A 1 178 ? 4.659   -2.687  1.421   1.00 25.12 ? 291 SER A O   1 
ATOM   1437 C  CB  . SER A 1 178 ? 2.801   -0.770  -0.192  1.00 24.20 ? 291 SER A CB  1 
ATOM   1438 O  OG  . SER A 1 178 ? 2.838   0.326   -1.127  1.00 24.50 ? 291 SER A OG  1 
ATOM   1439 N  N   . SER A 1 179 ? 3.109   -1.941  2.850   1.00 23.91 ? 292 SER A N   1 
ATOM   1440 C  CA  . SER A 1 179 ? 3.110   -3.204  3.626   1.00 23.01 ? 292 SER A CA  1 
ATOM   1441 C  C   . SER A 1 179 ? 1.786   -3.595  4.274   1.00 22.34 ? 292 SER A C   1 
ATOM   1442 O  O   . SER A 1 179 ? 0.965   -2.723  4.585   1.00 22.20 ? 292 SER A O   1 
ATOM   1443 C  CB  . SER A 1 179 ? 4.202   -3.160  4.690   1.00 23.46 ? 292 SER A CB  1 
ATOM   1444 O  OG  . SER A 1 179 ? 3.994   -2.138  5.622   1.00 24.34 ? 292 SER A OG  1 
ATOM   1445 N  N   . VAL A 1 180 ? 1.596   -4.918  4.408   1.00 21.35 ? 293 VAL A N   1 
ATOM   1446 C  CA  . VAL A 1 180 ? 0.530   -5.513  5.133   1.00 21.81 ? 293 VAL A CA  1 
ATOM   1447 C  C   . VAL A 1 180 ? 1.159   -6.631  5.985   1.00 21.69 ? 293 VAL A C   1 
ATOM   1448 O  O   . VAL A 1 180 ? 1.847   -7.503  5.458   1.00 23.46 ? 293 VAL A O   1 
ATOM   1449 C  CB  . VAL A 1 180 ? -0.530  -6.105  4.217   1.00 22.56 ? 293 VAL A CB  1 
ATOM   1450 C  CG1 . VAL A 1 180 ? -1.603  -6.899  5.039   1.00 22.46 ? 293 VAL A CG1 1 
ATOM   1451 C  CG2 . VAL A 1 180 ? -1.219  -5.063  3.357   1.00 21.16 ? 293 VAL A CG2 1 
ATOM   1452 N  N   . TRP A 1 181 ? 0.928   -6.598  7.272   1.00 21.97 ? 294 TRP A N   1 
ATOM   1453 C  CA  . TRP A 1 181 ? 1.303   -7.739  8.099   1.00 23.22 ? 294 TRP A CA  1 
ATOM   1454 C  C   . TRP A 1 181 ? 0.329   -7.958  9.228   1.00 22.84 ? 294 TRP A C   1 
ATOM   1455 O  O   . TRP A 1 181 ? -0.534  -7.137  9.498   1.00 23.30 ? 294 TRP A O   1 
ATOM   1456 C  CB  . TRP A 1 181 ? 2.749   -7.593  8.597   1.00 23.27 ? 294 TRP A CB  1 
ATOM   1457 C  CG  . TRP A 1 181 ? 3.001   -6.486  9.522   1.00 25.77 ? 294 TRP A CG  1 
ATOM   1458 C  CD1 . TRP A 1 181 ? 2.501   -6.307  10.794  1.00 29.05 ? 294 TRP A CD1 1 
ATOM   1459 C  CD2 . TRP A 1 181 ? 3.944   -5.409  9.326   1.00 28.20 ? 294 TRP A CD2 1 
ATOM   1460 N  NE1 . TRP A 1 181 ? 3.025   -5.157  11.355  1.00 28.74 ? 294 TRP A NE1 1 
ATOM   1461 C  CE2 . TRP A 1 181 ? 3.912   -4.596  10.487  1.00 29.25 ? 294 TRP A CE2 1 
ATOM   1462 C  CE3 . TRP A 1 181 ? 4.800   -5.060  8.298   1.00 31.91 ? 294 TRP A CE3 1 
ATOM   1463 C  CZ2 . TRP A 1 181 ? 4.705   -3.440  10.632  1.00 35.18 ? 294 TRP A CZ2 1 
ATOM   1464 C  CZ3 . TRP A 1 181 ? 5.570   -3.887  8.416   1.00 34.27 ? 294 TRP A CZ3 1 
ATOM   1465 C  CH2 . TRP A 1 181 ? 5.536   -3.110  9.580   1.00 33.73 ? 294 TRP A CH2 1 
ATOM   1466 N  N   . VAL A 1 182 ? 0.492   -9.089  9.890   1.00 22.48 ? 295 VAL A N   1 
ATOM   1467 C  CA  . VAL A 1 182 ? -0.325  -9.486  10.999  1.00 21.79 ? 295 VAL A CA  1 
ATOM   1468 C  C   . VAL A 1 182 ? 0.531   -9.477  12.225  1.00 22.91 ? 295 VAL A C   1 
ATOM   1469 O  O   . VAL A 1 182 ? 1.624   -10.041 12.244  1.00 23.00 ? 295 VAL A O   1 
ATOM   1470 C  CB  . VAL A 1 182 ? -0.852  -10.903 10.800  1.00 22.08 ? 295 VAL A CB  1 
ATOM   1471 C  CG1 . VAL A 1 182 ? -1.636  -11.357 11.982  1.00 24.00 ? 295 VAL A CG1 1 
ATOM   1472 C  CG2 . VAL A 1 182 ? -1.718  -10.991 9.507   1.00 24.48 ? 295 VAL A CG2 1 
ATOM   1473 N  N   . GLU A 1 183 ? 0.062   -8.828  13.252  1.00 24.30 ? 296 GLU A N   1 
ATOM   1474 C  CA  . GLU A 1 183 ? 0.798   -8.828  14.495  1.00 27.75 ? 296 GLU A CA  1 
ATOM   1475 C  C   . GLU A 1 183 ? -0.132  -9.168  15.644  1.00 29.19 ? 296 GLU A C   1 
ATOM   1476 O  O   . GLU A 1 183 ? -1.377  -9.110  15.483  1.00 29.88 ? 296 GLU A O   1 
ATOM   1477 C  CB  . GLU A 1 183 ? 1.594   -7.505  14.630  1.00 29.02 ? 296 GLU A CB  1 
ATOM   1478 C  CG  . GLU A 1 183 ? 0.841   -6.287  14.965  1.00 31.72 ? 296 GLU A CG  1 
ATOM   1479 C  CD  . GLU A 1 183 ? 1.788   -5.054  15.123  1.00 37.72 ? 296 GLU A CD  1 
ATOM   1480 O  OE1 . GLU A 1 183 ? 2.648   -4.788  14.256  1.00 31.33 ? 296 GLU A OE1 1 
ATOM   1481 O  OE2 . GLU A 1 183 ? 1.550   -4.307  16.077  1.00 41.43 ? 296 GLU A OE2 1 
ATOM   1482 N  N   . PRO A 1 184 ? 0.399   -9.669  16.743  1.00 31.74 ? 297 PRO A N   1 
ATOM   1483 C  CA  . PRO A 1 184 ? -0.450  -10.042 17.865  1.00 35.08 ? 297 PRO A CA  1 
ATOM   1484 C  C   . PRO A 1 184 ? -0.851  -8.778  18.620  1.00 38.41 ? 297 PRO A C   1 
ATOM   1485 O  O   . PRO A 1 184 ? -0.183  -7.735  18.596  1.00 38.24 ? 297 PRO A O   1 
ATOM   1486 C  CB  . PRO A 1 184 ? 0.445   -10.956 18.710  1.00 35.82 ? 297 PRO A CB  1 
ATOM   1487 C  CG  . PRO A 1 184 ? 1.857   -10.549 18.372  1.00 33.39 ? 297 PRO A CG  1 
ATOM   1488 C  CD  . PRO A 1 184 ? 1.821   -9.885  17.046  1.00 33.17 ? 297 PRO A CD  1 
ATOM   1489 O  OXT . PRO A 1 184 ? -1.944  -8.793  19.179  1.00 42.17 ? 297 PRO A OXT 1 
HETATM 1490 NI NI  . NI  B 2 .   ? 5.639   -18.686 24.013  1.00 31.77 ? 501 NI  A NI  1 
HETATM 1491 O  O   . HOH C 3 .   ? 1.898   13.842  -14.653 1.00 20.70 ? 1   HOH A O   1 
HETATM 1492 O  O   . HOH C 3 .   ? -12.009 -12.883 10.971  1.00 25.36 ? 2   HOH A O   1 
HETATM 1493 O  O   . HOH C 3 .   ? 3.921   0.177   -3.696  1.00 25.94 ? 3   HOH A O   1 
HETATM 1494 O  O   . HOH C 3 .   ? 2.570   -11.034 8.567   1.00 19.60 ? 4   HOH A O   1 
HETATM 1495 O  O   . HOH C 3 .   ? 2.295   -12.726 12.190  1.00 19.82 ? 5   HOH A O   1 
HETATM 1496 O  O   . HOH C 3 .   ? 6.101   12.008  -9.744  1.00 29.01 ? 6   HOH A O   1 
HETATM 1497 O  O   . HOH C 3 .   ? 3.805   15.784  -7.453  1.00 23.48 ? 7   HOH A O   1 
HETATM 1498 O  O   . HOH C 3 .   ? 4.645   18.181  -19.480 1.00 28.34 ? 8   HOH A O   1 
HETATM 1499 O  O   . HOH C 3 .   ? 5.835   15.161  -0.965  1.00 29.71 ? 9   HOH A O   1 
HETATM 1500 O  O   . HOH C 3 .   ? 9.847   11.974  -3.909  1.00 46.79 ? 10  HOH A O   1 
HETATM 1501 O  O   . HOH C 3 .   ? 2.243   -3.202  7.562   1.00 30.50 ? 11  HOH A O   1 
HETATM 1502 O  O   . HOH C 3 .   ? -10.087 6.313   -0.458  1.00 31.25 ? 12  HOH A O   1 
HETATM 1503 O  O   . HOH C 3 .   ? -4.588  15.321  -13.088 1.00 25.70 ? 13  HOH A O   1 
HETATM 1504 O  O   . HOH C 3 .   ? -15.189 -16.034 5.184   1.00 33.47 ? 14  HOH A O   1 
HETATM 1505 O  O   . HOH C 3 .   ? -0.972  -19.263 23.632  0.50 21.32 ? 15  HOH A O   1 
HETATM 1506 O  O   . HOH C 3 .   ? -16.750 -9.981  10.469  1.00 30.80 ? 16  HOH A O   1 
HETATM 1507 O  O   . HOH C 3 .   ? 7.898   13.460  -16.296 1.00 33.19 ? 17  HOH A O   1 
HETATM 1508 O  O   . HOH C 3 .   ? -9.699  -2.241  -1.364  1.00 32.65 ? 18  HOH A O   1 
HETATM 1509 O  O   . HOH C 3 .   ? -1.565  -14.040 -0.695  1.00 28.58 ? 19  HOH A O   1 
HETATM 1510 O  O   . HOH C 3 .   ? 9.915   -4.101  -4.751  1.00 32.83 ? 20  HOH A O   1 
HETATM 1511 O  O   . HOH C 3 .   ? -8.921  -7.577  17.515  1.00 34.73 ? 21  HOH A O   1 
HETATM 1512 O  O   . HOH C 3 .   ? -0.235  -15.373 23.628  1.00 28.41 ? 22  HOH A O   1 
HETATM 1513 O  O   . HOH C 3 .   ? 5.825   -0.254  5.213   1.00 30.30 ? 23  HOH A O   1 
HETATM 1514 O  O   . HOH C 3 .   ? -9.135  -18.412 2.010   1.00 47.52 ? 24  HOH A O   1 
HETATM 1515 O  O   . HOH C 3 .   ? -9.431  15.286  -19.532 1.00 33.84 ? 25  HOH A O   1 
HETATM 1516 O  O   . HOH C 3 .   ? -4.649  -16.120 20.351  1.00 36.88 ? 26  HOH A O   1 
HETATM 1517 O  O   . HOH C 3 .   ? -7.378  -22.243 8.146   1.00 37.39 ? 27  HOH A O   1 
HETATM 1518 O  O   . HOH C 3 .   ? 2.238   19.035  -20.373 1.00 32.02 ? 28  HOH A O   1 
HETATM 1519 O  O   . HOH C 3 .   ? -8.322  10.588  -13.784 1.00 33.40 ? 29  HOH A O   1 
HETATM 1520 O  O   . HOH C 3 .   ? 9.071   -8.291  6.058   1.00 38.09 ? 30  HOH A O   1 
HETATM 1521 O  O   . HOH C 3 .   ? 8.796   11.847  -11.625 1.00 42.52 ? 31  HOH A O   1 
HETATM 1522 O  O   . HOH C 3 .   ? -1.639  1.722   12.495  1.00 38.48 ? 32  HOH A O   1 
HETATM 1523 O  O   . HOH C 3 .   ? -3.562  -9.711  -6.136  1.00 33.84 ? 33  HOH A O   1 
HETATM 1524 O  O   . HOH C 3 .   ? 4.591   20.691  -5.052  1.00 44.08 ? 34  HOH A O   1 
HETATM 1525 O  O   . HOH C 3 .   ? -5.209  2.466   13.235  1.00 37.54 ? 35  HOH A O   1 
HETATM 1526 O  O   . HOH C 3 .   ? -7.377  6.417   -14.969 1.00 32.86 ? 36  HOH A O   1 
HETATM 1527 O  O   . HOH C 3 .   ? 1.429   -17.401 9.482   1.00 42.58 ? 37  HOH A O   1 
HETATM 1528 O  O   . HOH C 3 .   ? 4.067   17.420  -4.203  1.00 38.36 ? 38  HOH A O   1 
HETATM 1529 O  O   . HOH C 3 .   ? -12.270 4.792   6.520   1.00 36.50 ? 39  HOH A O   1 
HETATM 1530 O  O   . HOH C 3 .   ? 13.662  -0.938  -3.381  1.00 45.46 ? 40  HOH A O   1 
HETATM 1531 O  O   . HOH C 3 .   ? 13.451  -17.453 18.680  1.00 41.80 ? 41  HOH A O   1 
HETATM 1532 O  O   . HOH C 3 .   ? -8.264  3.267   -3.806  1.00 45.11 ? 42  HOH A O   1 
HETATM 1533 O  O   . HOH C 3 .   ? 1.218   22.636  -8.559  1.00 38.37 ? 43  HOH A O   1 
HETATM 1534 O  O   . HOH C 3 .   ? 9.729   14.029  -3.012  1.00 55.23 ? 44  HOH A O   1 
HETATM 1535 O  O   . HOH C 3 .   ? -2.336  18.687  -4.137  1.00 41.88 ? 45  HOH A O   1 
HETATM 1536 O  O   . HOH C 3 .   ? 5.000   -8.521  16.978  1.00 48.83 ? 46  HOH A O   1 
HETATM 1537 O  O   . HOH C 3 .   ? -11.247 -0.433  11.013  1.00 47.79 ? 47  HOH A O   1 
HETATM 1538 O  O   . HOH C 3 .   ? -11.104 7.280   -11.426 1.00 52.21 ? 48  HOH A O   1 
HETATM 1539 O  O   . HOH C 3 .   ? 5.543   -5.717  -14.899 1.00 45.95 ? 49  HOH A O   1 
HETATM 1540 O  O   . HOH C 3 .   ? 1.306   18.232  -3.576  1.00 41.84 ? 50  HOH A O   1 
HETATM 1541 O  O   . HOH C 3 .   ? 8.527   1.665   -15.408 1.00 41.56 ? 51  HOH A O   1 
HETATM 1542 O  O   . HOH C 3 .   ? 9.567   -11.393 12.287  1.00 42.54 ? 52  HOH A O   1 
HETATM 1543 O  O   . HOH C 3 .   ? -3.913  -21.627 7.162   1.00 35.81 ? 53  HOH A O   1 
HETATM 1544 O  O   . HOH C 3 .   ? -1.241  7.393   9.647   1.00 39.34 ? 54  HOH A O   1 
HETATM 1545 O  O   . HOH C 3 .   ? -4.017  -5.600  -14.123 1.00 40.48 ? 55  HOH A O   1 
HETATM 1546 O  O   . HOH C 3 .   ? -11.457 5.537   -5.568  1.00 44.68 ? 56  HOH A O   1 
HETATM 1547 O  O   . HOH C 3 .   ? 7.420   -8.362  0.263   1.00 38.04 ? 57  HOH A O   1 
HETATM 1548 O  O   . HOH C 3 .   ? -13.273 -20.656 12.635  1.00 41.63 ? 58  HOH A O   1 
HETATM 1549 O  O   . HOH C 3 .   ? 4.904   10.396  8.160   1.00 42.11 ? 59  HOH A O   1 
HETATM 1550 O  O   . HOH C 3 .   ? -17.446 -6.970  10.294  1.00 40.39 ? 60  HOH A O   1 
HETATM 1551 O  O   . HOH C 3 .   ? -16.444 -11.248 17.327  1.00 40.69 ? 61  HOH A O   1 
HETATM 1552 O  O   . HOH C 3 .   ? 11.216  12.941  3.659   1.00 51.43 ? 62  HOH A O   1 
HETATM 1553 O  O   . HOH C 3 .   ? 6.942   1.407   6.864   1.00 44.18 ? 63  HOH A O   1 
HETATM 1554 O  O   . HOH C 3 .   ? 6.716   24.237  -11.888 1.00 40.70 ? 64  HOH A O   1 
HETATM 1555 O  O   . HOH C 3 .   ? -11.732 13.051  -0.263  1.00 46.70 ? 65  HOH A O   1 
HETATM 1556 O  O   . HOH C 3 .   ? 5.445   -13.860 2.959   1.00 57.05 ? 66  HOH A O   1 
HETATM 1557 O  O   . HOH C 3 .   ? -0.818  -1.300  15.353  1.00 45.32 ? 67  HOH A O   1 
HETATM 1558 O  O   . HOH C 3 .   ? -7.417  -0.544  -9.636  1.00 49.23 ? 68  HOH A O   1 
HETATM 1559 O  O   . HOH C 3 .   ? 19.641  0.196   5.183   1.00 58.66 ? 69  HOH A O   1 
HETATM 1560 O  O   . HOH C 3 .   ? 14.892  6.655   -12.358 1.00 49.44 ? 70  HOH A O   1 
HETATM 1561 O  O   . HOH C 3 .   ? -1.785  15.981  -20.980 1.00 60.86 ? 71  HOH A O   1 
HETATM 1562 O  O   . HOH C 3 .   ? -5.768  5.158   10.771  1.00 50.35 ? 72  HOH A O   1 
HETATM 1563 O  O   . HOH C 3 .   ? -17.076 -6.998  14.763  1.00 47.32 ? 73  HOH A O   1 
HETATM 1564 O  O   . HOH C 3 .   ? -2.595  21.720  -17.798 1.00 43.12 ? 74  HOH A O   1 
HETATM 1565 O  O   . HOH C 3 .   ? -5.830  16.275  2.067   1.00 44.31 ? 75  HOH A O   1 
HETATM 1566 O  O   . HOH C 3 .   ? 11.469  7.978   4.404   1.00 58.84 ? 76  HOH A O   1 
HETATM 1567 O  O   . HOH C 3 .   ? -20.664 -11.018 -1.212  1.00 48.67 ? 77  HOH A O   1 
HETATM 1568 O  O   . HOH C 3 .   ? -9.771  -24.767 8.795   1.00 61.10 ? 78  HOH A O   1 
HETATM 1569 O  O   . HOH C 3 .   ? -12.098 -20.701 16.332  1.00 53.39 ? 79  HOH A O   1 
HETATM 1570 O  O   . HOH C 3 .   ? 0.774   -11.069 -5.557  1.00 60.98 ? 80  HOH A O   1 
HETATM 1571 O  O   . HOH C 3 .   ? -16.292 -7.222  -2.704  1.00 48.04 ? 81  HOH A O   1 
HETATM 1572 O  O   . HOH C 3 .   ? -5.897  8.522   -19.178 1.00 49.68 ? 82  HOH A O   1 
HETATM 1573 O  O   . HOH C 3 .   ? -14.332 -3.117  11.428  1.00 57.00 ? 83  HOH A O   1 
HETATM 1574 O  O   . HOH C 3 .   ? 8.043   -10.149 2.877   1.00 43.79 ? 84  HOH A O   1 
HETATM 1575 O  O   . HOH C 3 .   ? -8.080  5.851   -5.689  1.00 59.21 ? 85  HOH A O   1 
HETATM 1576 O  O   . HOH C 3 .   ? -13.446 -5.489  -2.816  1.00 53.63 ? 86  HOH A O   1 
HETATM 1577 O  O   . HOH C 3 .   ? 13.806  20.446  -5.676  1.00 56.02 ? 87  HOH A O   1 
HETATM 1578 O  O   . HOH C 3 .   ? -7.545  3.247   -16.747 1.00 65.34 ? 88  HOH A O   1 
HETATM 1579 O  O   . HOH C 3 .   ? 6.261   2.027   13.594  1.00 52.54 ? 89  HOH A O   1 
HETATM 1580 O  O   . HOH C 3 .   ? 4.199   4.088   -17.985 1.00 42.48 ? 90  HOH A O   1 
HETATM 1581 O  O   . HOH C 3 .   ? 6.699   -1.178  12.935  1.00 54.15 ? 91  HOH A O   1 
HETATM 1582 O  O   . HOH C 3 .   ? -5.187  -7.810  -12.981 1.00 51.77 ? 92  HOH A O   1 
HETATM 1583 O  O   . HOH C 3 .   ? 8.359   -9.669  -3.601  1.00 52.79 ? 93  HOH A O   1 
HETATM 1584 O  O   . HOH C 3 .   ? -4.747  0.669   -17.581 1.00 48.27 ? 94  HOH A O   1 
HETATM 1585 O  O   . HOH C 3 .   ? -10.371 -1.394  -3.972  1.00 60.11 ? 95  HOH A O   1 
HETATM 1586 O  O   . HOH C 3 .   ? 2.604   2.081   -18.590 1.00 64.56 ? 96  HOH A O   1 
HETATM 1587 O  O   . HOH C 3 .   ? -9.890  -1.269  13.622  1.00 54.31 ? 97  HOH A O   1 
HETATM 1588 O  O   . HOH C 3 .   ? 10.616  -7.022  -4.225  1.00 51.91 ? 98  HOH A O   1 
HETATM 1589 O  O   . HOH C 3 .   ? -8.030  10.926  4.871   1.00 48.04 ? 99  HOH A O   1 
HETATM 1590 O  O   . HOH C 3 .   ? 7.281   -9.285  15.170  1.00 39.72 ? 100 HOH A O   1 
HETATM 1591 O  O   . HOH C 3 .   ? 2.056   20.843  2.061   1.00 62.83 ? 101 HOH A O   1 
HETATM 1592 O  O   . HOH C 3 .   ? -12.385 -25.741 13.035  1.00 47.38 ? 102 HOH A O   1 
HETATM 1593 O  O   . HOH C 3 .   ? 1.791   -10.051 -11.987 1.00 54.30 ? 103 HOH A O   1 
HETATM 1594 O  O   . HOH C 3 .   ? 7.679   -2.518  2.414   1.00 45.68 ? 104 HOH A O   1 
HETATM 1595 O  O   . HOH C 3 .   ? 1.080   -6.638  -13.069 1.00 49.14 ? 105 HOH A O   1 
HETATM 1596 O  O   . HOH C 3 .   ? -0.626  14.279  3.071   1.00 46.30 ? 106 HOH A O   1 
HETATM 1597 O  O   . HOH C 3 .   ? 9.733   11.883  -14.341 1.00 54.08 ? 107 HOH A O   1 
HETATM 1598 O  O   . HOH C 3 .   ? 7.338   22.978  -3.719  1.00 51.00 ? 108 HOH A O   1 
HETATM 1599 O  O   . HOH C 3 .   ? -11.662 -3.388  12.050  1.00 51.64 ? 109 HOH A O   1 
HETATM 1600 O  O   . HOH C 3 .   ? 2.208   7.345   -22.798 1.00 59.27 ? 110 HOH A O   1 
HETATM 1601 O  O   . HOH C 3 .   ? -2.865  22.698  -9.592  1.00 44.93 ? 111 HOH A O   1 
HETATM 1602 O  O   . HOH C 3 .   ? 0.942   -21.758 24.617  1.00 49.29 ? 112 HOH A O   1 
# 
